data_2GAM
#
_entry.id   2GAM
#
_cell.length_a   73.498
_cell.length_b   80.585
_cell.length_c   102.325
_cell.angle_alpha   73.61
_cell.angle_beta   76.26
_cell.angle_gamma   64.56
#
_symmetry.space_group_name_H-M   'P 1'
#
loop_
_entity.id
_entity.type
_entity.pdbx_description
1 polymer beta-1,6-N-acetylglucosaminyltransferase
2 branched beta-D-galactopyranose-(1-3)-2-acetamido-2-deoxy-beta-D-galactopyranose
3 water water
#
_entity_poly.entity_id   1
_entity_poly.type   'polypeptide(L)'
_entity_poly.pdbx_seq_one_letter_code
;PEFFSVRHLELAGDDPYSNVNCTKILQGDPEEIQKVKLEILTVQFKKRPRWTPHDYINMTRDCASFIRTRKYIVEPLTKE
EVGFPIAYSIVVHHKIEMLDRLLRAIYMPQNFYCIHVDRKAEESFLAAVQGIASCFDNVFVASQLESVVYASWTRVKADL
NCMKDLYRMNANWKYLINLCGMDFPIKTNLEIVRKLKCSTGENNLETEKMPPNKEERWKKRYAVVDGKLTNTGIVKAPPP
LKTPLFSGSAYFVVTREYVGYVLENENIQKLMEWAQDTYSPDEFLWATIQRIPEVPGSFPSSNKYDLSDMNAIARFVKWQ
YFEGDVSNGAPYPPCSGVHVRSVCVFGAGDLSWMLRQHHLFANKFDMDVDPFAIQCLDEHLRRKALENLEH
;
_entity_poly.pdbx_strand_id   A,B,C,D
#
# COMPACT_ATOMS: atom_id res chain seq x y z
N ASN A 19 -1.04 14.82 29.94
CA ASN A 19 0.43 14.83 29.68
C ASN A 19 0.80 15.52 28.36
N VAL A 20 -0.20 16.14 27.74
CA VAL A 20 -0.03 16.86 26.47
C VAL A 20 -1.26 17.77 26.28
N ASN A 21 -1.03 19.01 25.85
CA ASN A 21 -2.11 19.98 25.65
C ASN A 21 -2.86 19.80 24.33
N CYS A 22 -4.06 19.22 24.40
CA CYS A 22 -4.87 18.99 23.21
C CYS A 22 -5.18 20.28 22.45
N THR A 23 -5.61 21.29 23.19
CA THR A 23 -5.94 22.57 22.59
C THR A 23 -4.88 22.97 21.58
N LYS A 24 -3.62 22.90 21.99
CA LYS A 24 -2.53 23.26 21.10
C LYS A 24 -2.55 22.44 19.82
N ILE A 25 -2.75 21.13 19.98
CA ILE A 25 -2.76 20.23 18.83
C ILE A 25 -3.87 20.55 17.84
N LEU A 26 -5.02 20.97 18.36
CA LEU A 26 -6.13 21.33 17.50
C LEU A 26 -5.89 22.70 16.83
N GLN A 27 -4.96 23.47 17.39
CA GLN A 27 -4.65 24.77 16.82
C GLN A 27 -3.45 24.66 15.89
N GLY A 28 -2.92 23.45 15.81
CA GLY A 28 -1.79 23.18 14.92
C GLY A 28 -0.42 23.64 15.37
N ASP A 29 -0.20 23.70 16.69
CA ASP A 29 1.09 24.12 17.22
C ASP A 29 2.17 23.10 16.85
N PRO A 30 3.18 23.50 16.08
CA PRO A 30 4.27 22.61 15.66
C PRO A 30 5.01 21.96 16.83
N GLU A 31 5.36 22.76 17.82
CA GLU A 31 6.07 22.27 18.99
C GLU A 31 5.28 21.16 19.67
N GLU A 32 3.98 21.40 19.86
CA GLU A 32 3.12 20.42 20.52
C GLU A 32 2.95 19.14 19.72
N ILE A 33 2.77 19.26 18.40
CA ILE A 33 2.62 18.09 17.55
C ILE A 33 3.89 17.26 17.73
N GLN A 34 5.01 17.96 17.76
CA GLN A 34 6.32 17.35 17.92
C GLN A 34 6.43 16.60 19.24
N LYS A 35 5.72 17.08 20.25
CA LYS A 35 5.74 16.48 21.57
C LYS A 35 5.08 15.10 21.64
N VAL A 36 3.97 14.92 20.94
CA VAL A 36 3.28 13.63 20.95
C VAL A 36 4.22 12.57 20.38
N LYS A 37 5.09 13.01 19.47
CA LYS A 37 6.06 12.13 18.83
C LYS A 37 7.02 11.58 19.87
N LEU A 38 7.48 12.46 20.76
CA LEU A 38 8.40 12.06 21.82
C LEU A 38 7.63 11.26 22.87
N GLU A 39 6.37 11.60 23.05
CA GLU A 39 5.50 10.94 24.01
C GLU A 39 5.26 9.48 23.68
N ILE A 40 5.17 9.16 22.39
CA ILE A 40 4.91 7.79 21.93
C ILE A 40 6.08 6.82 22.12
N LEU A 41 7.16 7.10 21.41
CA LEU A 41 8.36 6.27 21.46
C LEU A 41 8.79 6.05 22.90
N THR A 42 8.68 7.12 23.70
CA THR A 42 9.04 7.06 25.11
C THR A 42 7.88 6.53 25.95
N VAL A 43 7.87 5.22 26.18
CA VAL A 43 6.83 4.59 26.98
C VAL A 43 7.26 4.43 28.43
N ARG A 48 0.98 -0.38 29.42
CA ARG A 48 -0.10 0.60 29.54
C ARG A 48 -1.45 -0.11 29.49
N PRO A 49 -2.52 0.56 29.96
CA PRO A 49 -3.87 -0.02 29.96
C PRO A 49 -4.36 -0.38 28.55
N ARG A 50 -4.49 -1.68 28.29
CA ARG A 50 -4.96 -2.17 26.99
C ARG A 50 -6.04 -3.23 27.20
N TRP A 51 -7.30 -2.85 27.04
CA TRP A 51 -8.40 -3.80 27.21
C TRP A 51 -8.40 -4.85 26.10
N THR A 52 -9.11 -5.96 26.33
CA THR A 52 -9.18 -7.03 25.34
C THR A 52 -10.63 -7.46 25.21
N PRO A 53 -10.94 -8.33 24.24
CA PRO A 53 -12.31 -8.79 24.06
C PRO A 53 -12.91 -9.35 25.35
N HIS A 54 -12.13 -10.15 26.07
CA HIS A 54 -12.61 -10.75 27.30
C HIS A 54 -12.94 -9.69 28.34
N ASP A 55 -12.03 -8.74 28.53
CA ASP A 55 -12.24 -7.65 29.47
C ASP A 55 -13.63 -7.08 29.26
N TYR A 56 -14.01 -6.93 27.99
CA TYR A 56 -15.31 -6.40 27.62
C TYR A 56 -16.44 -7.36 27.91
N ILE A 57 -16.18 -8.66 27.74
CA ILE A 57 -17.21 -9.67 28.01
C ILE A 57 -17.56 -9.62 29.48
N ASN A 58 -16.57 -9.28 30.32
CA ASN A 58 -16.75 -9.16 31.76
C ASN A 58 -17.43 -7.82 32.08
N MET A 59 -16.79 -6.74 31.66
CA MET A 59 -17.31 -5.38 31.89
C MET A 59 -18.77 -5.19 31.51
N THR A 60 -19.21 -5.83 30.44
CA THR A 60 -20.58 -5.71 29.98
C THR A 60 -21.56 -6.46 30.86
N ARG A 61 -21.02 -7.31 31.75
CA ARG A 61 -21.83 -8.10 32.66
C ARG A 61 -22.83 -7.22 33.37
N ASP A 62 -22.36 -6.05 33.81
CA ASP A 62 -23.20 -5.10 34.49
C ASP A 62 -23.26 -3.85 33.64
N CYS A 63 -24.38 -3.69 32.94
CA CYS A 63 -24.59 -2.55 32.06
C CYS A 63 -24.49 -1.21 32.77
N ALA A 64 -25.24 -1.04 33.84
CA ALA A 64 -25.20 0.20 34.58
C ALA A 64 -23.77 0.69 34.73
N SER A 65 -22.90 -0.19 35.21
CA SER A 65 -21.50 0.16 35.41
C SER A 65 -20.77 0.45 34.10
N PHE A 66 -20.87 -0.45 33.13
CA PHE A 66 -20.20 -0.23 31.85
C PHE A 66 -20.55 1.15 31.32
N ILE A 67 -21.85 1.41 31.14
CA ILE A 67 -22.30 2.70 30.64
C ILE A 67 -21.76 3.86 31.47
N ARG A 68 -22.00 3.84 32.77
CA ARG A 68 -21.54 4.92 33.66
C ARG A 68 -20.02 5.09 33.58
N THR A 69 -19.29 4.00 33.75
CA THR A 69 -17.83 4.05 33.69
C THR A 69 -17.35 4.64 32.38
N ARG A 70 -17.63 3.97 31.27
CA ARG A 70 -17.21 4.41 29.95
C ARG A 70 -17.83 5.76 29.56
N LYS A 71 -18.73 6.25 30.40
CA LYS A 71 -19.38 7.55 30.20
C LYS A 71 -20.18 7.71 28.91
N TYR A 72 -21.20 6.89 28.71
CA TYR A 72 -22.03 6.99 27.51
C TYR A 72 -23.16 7.97 27.76
N ILE A 73 -23.30 8.94 26.89
CA ILE A 73 -24.37 9.91 27.02
C ILE A 73 -25.68 9.15 26.84
N VAL A 74 -26.34 8.84 27.93
CA VAL A 74 -27.59 8.09 27.89
C VAL A 74 -28.81 8.99 28.05
N GLU A 75 -28.60 10.28 27.85
CA GLU A 75 -29.68 11.25 27.97
C GLU A 75 -29.63 12.18 26.75
N PRO A 76 -30.71 12.22 25.95
CA PRO A 76 -30.76 13.07 24.76
C PRO A 76 -30.27 14.49 25.09
N LEU A 77 -29.42 15.05 24.22
CA LEU A 77 -28.90 16.38 24.48
C LEU A 77 -29.85 17.55 24.24
N THR A 78 -30.54 17.58 23.11
CA THR A 78 -31.46 18.68 22.84
C THR A 78 -32.78 18.16 22.31
N LYS A 79 -33.72 19.08 22.07
CA LYS A 79 -35.02 18.71 21.55
C LYS A 79 -34.91 18.61 20.04
N GLU A 80 -33.88 19.29 19.51
CA GLU A 80 -33.63 19.30 18.07
C GLU A 80 -33.10 17.95 17.59
N GLU A 81 -32.29 17.30 18.43
CA GLU A 81 -31.73 16.00 18.09
C GLU A 81 -32.74 14.89 18.27
N VAL A 82 -33.48 14.92 19.38
CA VAL A 82 -34.49 13.90 19.64
C VAL A 82 -35.48 13.81 18.48
N GLY A 83 -35.76 14.95 17.86
CA GLY A 83 -36.70 14.96 16.76
C GLY A 83 -36.05 14.60 15.44
N PHE A 84 -34.77 14.29 15.46
CA PHE A 84 -34.07 13.93 14.23
C PHE A 84 -33.18 12.70 14.44
N PRO A 85 -33.79 11.51 14.41
CA PRO A 85 -33.07 10.25 14.60
C PRO A 85 -32.17 9.88 13.44
N ILE A 86 -30.97 9.44 13.79
CA ILE A 86 -29.96 9.02 12.84
C ILE A 86 -29.77 7.51 12.98
N ALA A 87 -29.36 6.86 11.90
CA ALA A 87 -29.12 5.42 11.90
C ALA A 87 -27.70 5.15 11.43
N TYR A 88 -27.00 4.24 12.11
CA TYR A 88 -25.63 3.87 11.71
C TYR A 88 -25.50 2.38 11.45
N SER A 89 -24.69 2.08 10.44
CA SER A 89 -24.38 0.71 10.05
C SER A 89 -22.86 0.67 10.14
N ILE A 90 -22.38 -0.01 11.17
CA ILE A 90 -20.95 -0.11 11.43
C ILE A 90 -20.44 -1.48 11.09
N VAL A 91 -19.40 -1.52 10.26
CA VAL A 91 -18.81 -2.77 9.84
C VAL A 91 -17.46 -2.94 10.53
N VAL A 92 -17.32 -4.00 11.32
CA VAL A 92 -16.07 -4.26 12.02
C VAL A 92 -15.65 -5.72 12.00
N HIS A 93 -14.38 -5.97 12.30
CA HIS A 93 -13.87 -7.33 12.33
C HIS A 93 -12.89 -7.52 13.49
N HIS A 94 -12.29 -6.43 13.96
CA HIS A 94 -11.33 -6.52 15.07
C HIS A 94 -11.14 -5.20 15.83
N LYS A 95 -10.28 -5.24 16.85
CA LYS A 95 -9.95 -4.09 17.69
C LYS A 95 -11.11 -3.53 18.52
N ILE A 96 -11.61 -4.35 19.43
CA ILE A 96 -12.74 -3.98 20.29
C ILE A 96 -12.68 -2.67 21.07
N GLU A 97 -11.47 -2.19 21.36
CA GLU A 97 -11.36 -0.95 22.11
C GLU A 97 -11.63 0.23 21.18
N MET A 98 -11.33 0.05 19.90
CA MET A 98 -11.58 1.09 18.91
C MET A 98 -13.09 1.19 18.71
N LEU A 99 -13.74 0.04 18.57
CA LEU A 99 -15.17 -0.01 18.35
C LEU A 99 -15.93 0.69 19.46
N ASP A 100 -15.52 0.46 20.70
CA ASP A 100 -16.18 1.06 21.85
C ASP A 100 -15.97 2.57 21.91
N ARG A 101 -14.79 3.03 21.52
CA ARG A 101 -14.54 4.46 21.54
C ARG A 101 -15.37 5.15 20.46
N LEU A 102 -15.36 4.60 19.25
CA LEU A 102 -16.13 5.15 18.15
C LEU A 102 -17.61 5.13 18.46
N LEU A 103 -18.05 4.05 19.11
CA LEU A 103 -19.47 3.90 19.47
C LEU A 103 -19.91 4.89 20.54
N ARG A 104 -19.01 5.27 21.44
CA ARG A 104 -19.35 6.22 22.48
C ARG A 104 -19.36 7.61 21.89
N ALA A 105 -18.46 7.85 20.94
CA ALA A 105 -18.35 9.14 20.28
C ALA A 105 -19.60 9.49 19.48
N ILE A 106 -20.33 8.48 19.01
CA ILE A 106 -21.53 8.71 18.23
C ILE A 106 -22.82 8.22 18.87
N TYR A 107 -22.73 7.67 20.08
CA TYR A 107 -23.92 7.17 20.75
C TYR A 107 -24.88 8.23 21.26
N MET A 108 -26.15 8.02 20.99
CA MET A 108 -27.24 8.89 21.42
C MET A 108 -28.44 7.99 21.57
N PRO A 109 -29.12 8.03 22.73
CA PRO A 109 -30.28 7.17 22.93
C PRO A 109 -31.35 7.16 21.82
N GLN A 110 -31.57 8.30 21.17
CA GLN A 110 -32.58 8.38 20.12
C GLN A 110 -32.18 7.75 18.80
N ASN A 111 -30.88 7.57 18.60
CA ASN A 111 -30.39 6.98 17.36
C ASN A 111 -30.47 5.46 17.35
N PHE A 112 -30.00 4.87 16.27
CA PHE A 112 -30.00 3.42 16.10
C PHE A 112 -28.65 2.99 15.52
N TYR A 113 -28.08 1.93 16.10
CA TYR A 113 -26.78 1.41 15.73
C TYR A 113 -26.81 -0.07 15.41
N CYS A 114 -26.47 -0.42 14.17
CA CYS A 114 -26.43 -1.80 13.75
C CYS A 114 -24.98 -2.14 13.46
N ILE A 115 -24.45 -3.11 14.19
CA ILE A 115 -23.07 -3.51 14.02
C ILE A 115 -22.96 -4.82 13.24
N HIS A 116 -22.05 -4.84 12.28
CA HIS A 116 -21.86 -6.05 11.50
C HIS A 116 -20.47 -6.59 11.82
N VAL A 117 -20.44 -7.78 12.41
CA VAL A 117 -19.18 -8.41 12.77
C VAL A 117 -18.86 -9.46 11.71
N ASP A 118 -17.63 -9.42 11.21
CA ASP A 118 -17.21 -10.40 10.20
C ASP A 118 -17.21 -11.80 10.81
N ARG A 119 -17.64 -12.78 10.03
CA ARG A 119 -17.68 -14.15 10.51
C ARG A 119 -16.29 -14.75 10.69
N LYS A 120 -15.30 -14.16 10.02
CA LYS A 120 -13.92 -14.63 10.12
C LYS A 120 -13.31 -14.03 11.39
N ALA A 121 -14.13 -13.36 12.18
CA ALA A 121 -13.68 -12.73 13.41
C ALA A 121 -13.57 -13.74 14.55
N GLU A 122 -12.69 -13.44 15.51
CA GLU A 122 -12.46 -14.30 16.67
C GLU A 122 -13.72 -14.33 17.50
N GLU A 123 -14.05 -15.51 18.04
CA GLU A 123 -15.26 -15.63 18.85
C GLU A 123 -15.26 -14.66 20.03
N SER A 124 -14.09 -14.41 20.59
CA SER A 124 -14.00 -13.49 21.72
C SER A 124 -14.45 -12.08 21.30
N PHE A 125 -14.11 -11.70 20.07
CA PHE A 125 -14.47 -10.38 19.54
C PHE A 125 -15.98 -10.25 19.33
N LEU A 126 -16.56 -11.23 18.64
CA LEU A 126 -17.99 -11.22 18.40
C LEU A 126 -18.71 -11.15 19.74
N ALA A 127 -18.28 -11.97 20.70
CA ALA A 127 -18.88 -11.99 22.03
C ALA A 127 -18.79 -10.59 22.65
N ALA A 128 -17.64 -9.96 22.53
CA ALA A 128 -17.46 -8.63 23.07
C ALA A 128 -18.54 -7.68 22.53
N VAL A 129 -18.76 -7.72 21.22
CA VAL A 129 -19.75 -6.86 20.55
C VAL A 129 -21.18 -7.22 20.97
N GLN A 130 -21.43 -8.51 21.10
CA GLN A 130 -22.75 -8.97 21.52
C GLN A 130 -22.87 -8.40 22.92
N GLY A 131 -21.72 -8.40 23.62
CA GLY A 131 -21.66 -7.91 24.98
C GLY A 131 -22.09 -6.47 25.08
N ILE A 132 -21.38 -5.60 24.37
CA ILE A 132 -21.73 -4.19 24.39
C ILE A 132 -23.17 -4.00 23.92
N ALA A 133 -23.50 -4.51 22.73
CA ALA A 133 -24.84 -4.39 22.18
C ALA A 133 -25.98 -4.68 23.15
N SER A 134 -25.74 -5.58 24.10
CA SER A 134 -26.77 -5.92 25.09
C SER A 134 -27.05 -4.79 26.08
N CYS A 135 -26.07 -3.92 26.28
CA CYS A 135 -26.22 -2.81 27.21
C CYS A 135 -27.12 -1.70 26.68
N PHE A 136 -27.43 -1.75 25.40
CA PHE A 136 -28.26 -0.72 24.77
C PHE A 136 -29.38 -1.31 23.94
N ASP A 137 -30.59 -0.84 24.17
CA ASP A 137 -31.74 -1.32 23.43
C ASP A 137 -31.71 -0.82 21.99
N ASN A 138 -30.91 0.21 21.72
CA ASN A 138 -30.84 0.76 20.39
C ASN A 138 -29.60 0.32 19.63
N VAL A 139 -28.82 -0.57 20.24
CA VAL A 139 -27.60 -1.10 19.62
C VAL A 139 -27.75 -2.61 19.51
N PHE A 140 -27.49 -3.16 18.33
CA PHE A 140 -27.64 -4.60 18.08
C PHE A 140 -26.74 -5.11 16.96
N VAL A 141 -26.43 -6.41 16.99
CA VAL A 141 -25.59 -7.00 15.96
C VAL A 141 -26.53 -7.39 14.79
N ALA A 142 -26.07 -7.22 13.55
CA ALA A 142 -26.88 -7.53 12.38
C ALA A 142 -27.32 -9.00 12.34
N SER A 143 -28.60 -9.23 12.02
CA SER A 143 -29.16 -10.58 11.97
C SER A 143 -28.52 -11.51 10.95
N GLN A 144 -27.75 -10.97 10.02
CA GLN A 144 -27.09 -11.81 9.02
C GLN A 144 -25.64 -11.32 8.86
N LEU A 145 -24.68 -12.19 9.19
CA LEU A 145 -23.29 -11.79 9.08
C LEU A 145 -22.63 -12.45 7.88
N GLU A 146 -21.82 -11.66 7.18
CA GLU A 146 -21.11 -12.15 6.01
C GLU A 146 -19.65 -12.37 6.34
N SER A 147 -19.00 -13.18 5.52
CA SER A 147 -17.57 -13.41 5.68
C SER A 147 -17.05 -12.45 4.60
N VAL A 148 -16.65 -11.26 5.03
CA VAL A 148 -16.20 -10.26 4.10
C VAL A 148 -14.82 -10.50 3.51
N VAL A 149 -14.72 -10.32 2.19
CA VAL A 149 -13.48 -10.47 1.46
C VAL A 149 -13.22 -9.09 0.90
N TYR A 150 -11.97 -8.65 0.98
CA TYR A 150 -11.61 -7.31 0.50
C TYR A 150 -11.98 -7.05 -0.95
N ALA A 151 -12.67 -5.93 -1.15
CA ALA A 151 -13.07 -5.48 -2.48
C ALA A 151 -14.11 -6.39 -3.10
N SER A 152 -14.80 -7.16 -2.28
CA SER A 152 -15.80 -8.05 -2.84
C SER A 152 -17.22 -7.63 -2.57
N TRP A 153 -18.12 -8.22 -3.35
CA TRP A 153 -19.54 -7.94 -3.22
C TRP A 153 -20.02 -8.12 -1.78
N THR A 154 -19.33 -8.98 -1.02
CA THR A 154 -19.76 -9.24 0.36
C THR A 154 -19.68 -8.01 1.25
N ARG A 155 -18.84 -7.07 0.87
CA ARG A 155 -18.70 -5.84 1.63
C ARG A 155 -19.97 -5.00 1.47
N VAL A 156 -20.59 -5.10 0.29
CA VAL A 156 -21.82 -4.39 0.01
C VAL A 156 -22.97 -5.12 0.69
N LYS A 157 -22.88 -6.45 0.72
CA LYS A 157 -23.92 -7.27 1.32
C LYS A 157 -24.02 -7.01 2.82
N ALA A 158 -22.89 -6.77 3.48
CA ALA A 158 -22.88 -6.50 4.92
C ALA A 158 -23.75 -5.27 5.22
N ASP A 159 -23.48 -4.17 4.51
CA ASP A 159 -24.27 -2.96 4.68
C ASP A 159 -25.73 -3.23 4.37
N LEU A 160 -25.99 -4.01 3.32
CA LEU A 160 -27.35 -4.35 2.93
C LEU A 160 -28.03 -5.12 4.06
N ASN A 161 -27.27 -5.97 4.73
CA ASN A 161 -27.82 -6.74 5.82
C ASN A 161 -28.26 -5.79 6.94
N CYS A 162 -27.43 -4.79 7.25
CA CYS A 162 -27.79 -3.81 8.27
C CYS A 162 -29.00 -2.97 7.87
N MET A 163 -29.04 -2.52 6.62
CA MET A 163 -30.16 -1.70 6.12
C MET A 163 -31.51 -2.35 6.37
N LYS A 164 -31.58 -3.65 6.11
CA LYS A 164 -32.82 -4.38 6.30
C LYS A 164 -33.21 -4.40 7.78
N ASP A 165 -32.24 -4.66 8.65
CA ASP A 165 -32.50 -4.70 10.09
C ASP A 165 -32.93 -3.34 10.60
N LEU A 166 -32.20 -2.30 10.19
CA LEU A 166 -32.53 -0.94 10.60
C LEU A 166 -33.85 -0.50 9.99
N TYR A 167 -34.06 -0.83 8.72
CA TYR A 167 -35.28 -0.46 8.04
C TYR A 167 -36.52 -1.05 8.70
N ARG A 168 -36.53 -2.36 8.89
CA ARG A 168 -37.66 -3.04 9.51
C ARG A 168 -37.80 -2.75 11.01
N MET A 169 -36.68 -2.47 11.66
CA MET A 169 -36.68 -2.21 13.10
C MET A 169 -37.33 -0.88 13.49
N ASN A 170 -37.18 0.14 12.64
CA ASN A 170 -37.79 1.43 12.94
C ASN A 170 -37.99 2.27 11.68
N ALA A 171 -39.01 3.13 11.70
CA ALA A 171 -39.32 3.96 10.55
C ALA A 171 -39.23 5.45 10.84
N ASN A 172 -38.52 5.83 11.88
CA ASN A 172 -38.43 7.23 12.21
C ASN A 172 -37.03 7.82 12.14
N TRP A 173 -36.05 7.02 11.73
CA TRP A 173 -34.72 7.56 11.58
C TRP A 173 -34.73 8.24 10.20
N LYS A 174 -34.04 9.36 10.08
CA LYS A 174 -34.01 10.11 8.82
C LYS A 174 -32.97 9.60 7.84
N TYR A 175 -31.73 9.53 8.28
CA TYR A 175 -30.64 9.07 7.44
C TYR A 175 -29.89 7.90 8.07
N LEU A 176 -29.18 7.17 7.22
CA LEU A 176 -28.36 6.05 7.61
C LEU A 176 -26.96 6.41 7.16
N ILE A 177 -26.01 6.28 8.07
CA ILE A 177 -24.62 6.57 7.76
C ILE A 177 -23.87 5.25 7.99
N ASN A 178 -23.09 4.80 7.01
CA ASN A 178 -22.36 3.56 7.20
C ASN A 178 -20.92 3.84 7.62
N LEU A 179 -20.47 3.12 8.63
CA LEU A 179 -19.11 3.32 9.13
C LEU A 179 -18.31 2.02 9.15
N CYS A 180 -16.98 2.17 9.18
CA CYS A 180 -16.10 1.02 9.28
C CYS A 180 -15.36 1.18 10.63
N GLY A 181 -14.67 0.14 11.07
CA GLY A 181 -13.96 0.20 12.33
C GLY A 181 -12.98 1.34 12.57
N MET A 182 -12.23 1.76 11.56
CA MET A 182 -11.26 2.83 11.74
C MET A 182 -11.74 4.25 11.45
N ASP A 183 -13.05 4.46 11.40
CA ASP A 183 -13.61 5.78 11.16
C ASP A 183 -13.82 6.49 12.49
N PHE A 184 -13.78 7.82 12.46
CA PHE A 184 -14.04 8.59 13.66
C PHE A 184 -14.77 9.86 13.23
N PRO A 185 -15.70 10.35 14.05
CA PRO A 185 -16.43 11.57 13.68
C PRO A 185 -15.60 12.84 13.90
N ILE A 186 -15.91 13.90 13.13
CA ILE A 186 -15.21 15.16 13.27
C ILE A 186 -16.26 16.27 13.43
N LYS A 187 -17.47 15.86 13.78
CA LYS A 187 -18.59 16.77 14.00
C LYS A 187 -19.38 16.15 15.16
N THR A 188 -20.04 16.97 15.95
CA THR A 188 -20.84 16.44 17.06
C THR A 188 -22.15 15.95 16.44
N ASN A 189 -22.93 15.23 17.22
CA ASN A 189 -24.19 14.72 16.72
C ASN A 189 -25.13 15.84 16.27
N LEU A 190 -25.15 16.95 17.01
CA LEU A 190 -26.00 18.07 16.62
C LEU A 190 -25.48 18.66 15.32
N GLU A 191 -24.16 18.80 15.21
CA GLU A 191 -23.59 19.35 13.98
C GLU A 191 -24.00 18.45 12.80
N ILE A 192 -24.00 17.14 13.03
CA ILE A 192 -24.37 16.17 12.00
C ILE A 192 -25.83 16.32 11.65
N VAL A 193 -26.69 16.37 12.67
CA VAL A 193 -28.13 16.51 12.45
C VAL A 193 -28.41 17.76 11.64
N ARG A 194 -27.67 18.82 11.94
CA ARG A 194 -27.88 20.07 11.24
C ARG A 194 -27.53 19.99 9.77
N LYS A 195 -26.39 19.37 9.44
CA LYS A 195 -26.00 19.23 8.04
C LYS A 195 -27.00 18.36 7.29
N LEU A 196 -27.58 17.38 7.99
CA LEU A 196 -28.56 16.52 7.35
C LEU A 196 -29.83 17.30 7.06
N LYS A 197 -30.22 18.18 7.98
CA LYS A 197 -31.41 18.99 7.77
C LYS A 197 -31.16 19.91 6.58
N CYS A 198 -29.90 20.27 6.39
CA CYS A 198 -29.53 21.14 5.28
C CYS A 198 -29.52 20.40 3.96
N SER A 199 -29.32 19.08 4.03
CA SER A 199 -29.31 18.24 2.83
C SER A 199 -30.71 18.30 2.27
N THR A 200 -31.62 18.82 3.07
CA THR A 200 -33.00 18.99 2.70
C THR A 200 -33.60 17.81 1.93
N GLY A 201 -33.42 16.61 2.46
CA GLY A 201 -33.98 15.44 1.81
C GLY A 201 -33.18 14.75 0.74
N GLU A 202 -32.05 15.35 0.35
CA GLU A 202 -31.19 14.76 -0.67
C GLU A 202 -30.23 13.78 0.00
N ASN A 203 -29.64 12.91 -0.79
CA ASN A 203 -28.63 11.96 -0.30
C ASN A 203 -27.33 12.70 -0.56
N ASN A 204 -26.29 12.36 0.19
CA ASN A 204 -25.00 12.98 -0.02
C ASN A 204 -23.95 11.88 -0.05
N LEU A 205 -23.25 11.79 -1.17
CA LEU A 205 -22.19 10.80 -1.34
C LEU A 205 -21.45 11.09 -2.63
N GLU A 206 -20.23 10.58 -2.71
CA GLU A 206 -19.41 10.76 -3.89
C GLU A 206 -20.12 10.09 -5.06
N THR A 207 -20.05 10.74 -6.22
CA THR A 207 -20.66 10.21 -7.44
C THR A 207 -20.20 11.04 -8.61
N GLU A 208 -19.21 10.50 -9.31
CA GLU A 208 -18.61 11.18 -10.44
C GLU A 208 -18.56 10.33 -11.69
N LYS A 209 -18.23 11.00 -12.78
CA LYS A 209 -18.10 10.37 -14.08
C LYS A 209 -17.12 9.20 -13.90
N MET A 210 -17.51 8.03 -14.38
CA MET A 210 -16.67 6.83 -14.27
C MET A 210 -15.35 6.99 -15.01
N PRO A 211 -14.23 6.99 -14.26
CA PRO A 211 -12.91 7.14 -14.88
C PRO A 211 -12.55 5.88 -15.65
N PRO A 212 -11.74 6.03 -16.70
CA PRO A 212 -11.33 4.91 -17.54
C PRO A 212 -10.57 3.77 -16.83
N ASN A 213 -9.63 4.13 -15.97
CA ASN A 213 -8.82 3.14 -15.27
C ASN A 213 -9.60 2.29 -14.26
N LYS A 214 -10.88 2.61 -14.05
CA LYS A 214 -11.67 1.82 -13.12
C LYS A 214 -12.82 1.10 -13.80
N GLU A 215 -12.80 1.08 -15.13
CA GLU A 215 -13.85 0.38 -15.86
C GLU A 215 -13.60 -1.12 -15.81
N GLU A 216 -12.31 -1.48 -15.82
CA GLU A 216 -11.89 -2.86 -15.76
C GLU A 216 -12.48 -3.58 -14.54
N ARG A 217 -12.93 -2.83 -13.55
CA ARG A 217 -13.51 -3.42 -12.34
C ARG A 217 -14.83 -4.13 -12.57
N TRP A 218 -15.58 -3.68 -13.57
CA TRP A 218 -16.88 -4.30 -13.85
C TRP A 218 -17.01 -4.86 -15.26
N LYS A 219 -15.97 -4.71 -16.08
CA LYS A 219 -16.00 -5.24 -17.44
C LYS A 219 -15.79 -6.74 -17.38
N LYS A 220 -14.84 -7.18 -16.54
CA LYS A 220 -14.52 -8.60 -16.39
C LYS A 220 -15.18 -9.19 -15.15
N ARG A 221 -15.16 -10.51 -15.06
CA ARG A 221 -15.72 -11.19 -13.91
C ARG A 221 -14.60 -11.39 -12.91
N TYR A 222 -14.95 -11.43 -11.63
CA TYR A 222 -13.93 -11.61 -10.61
C TYR A 222 -14.27 -12.78 -9.72
N ALA A 223 -13.23 -13.51 -9.33
CA ALA A 223 -13.42 -14.66 -8.46
C ALA A 223 -12.37 -14.58 -7.37
N VAL A 224 -12.71 -15.11 -6.21
CA VAL A 224 -11.81 -15.15 -5.07
C VAL A 224 -10.86 -16.35 -5.21
N VAL A 225 -9.58 -16.04 -5.37
CA VAL A 225 -8.52 -17.05 -5.52
C VAL A 225 -7.49 -16.88 -4.41
N ASP A 226 -7.42 -17.86 -3.53
CA ASP A 226 -6.49 -17.83 -2.41
C ASP A 226 -6.80 -16.62 -1.55
N GLY A 227 -8.09 -16.42 -1.28
CA GLY A 227 -8.52 -15.32 -0.46
C GLY A 227 -8.45 -13.93 -1.06
N LYS A 228 -8.01 -13.81 -2.31
CA LYS A 228 -7.96 -12.49 -2.93
C LYS A 228 -8.70 -12.44 -4.26
N LEU A 229 -9.56 -11.45 -4.40
CA LEU A 229 -10.36 -11.25 -5.61
C LEU A 229 -9.47 -11.00 -6.81
N THR A 230 -9.61 -11.85 -7.83
CA THR A 230 -8.82 -11.74 -9.04
C THR A 230 -9.66 -11.74 -10.30
N ASN A 231 -9.11 -11.09 -11.33
CA ASN A 231 -9.73 -10.92 -12.64
C ASN A 231 -9.71 -12.20 -13.50
N THR A 232 -10.86 -12.85 -13.63
CA THR A 232 -10.94 -14.09 -14.41
C THR A 232 -10.65 -13.92 -15.90
N GLY A 233 -11.00 -12.77 -16.47
CA GLY A 233 -10.80 -12.55 -17.88
C GLY A 233 -12.12 -12.68 -18.62
N ILE A 234 -13.07 -13.35 -17.97
CA ILE A 234 -14.40 -13.55 -18.54
C ILE A 234 -15.17 -12.23 -18.63
N VAL A 235 -15.37 -11.75 -19.84
CA VAL A 235 -16.09 -10.49 -20.06
C VAL A 235 -17.56 -10.64 -19.67
N LYS A 236 -18.14 -9.59 -19.08
CA LYS A 236 -19.53 -9.66 -18.66
C LYS A 236 -20.51 -8.73 -19.36
N ALA A 237 -21.77 -9.13 -19.29
CA ALA A 237 -22.88 -8.42 -19.88
C ALA A 237 -22.88 -6.96 -19.46
N PRO A 238 -23.43 -6.08 -20.31
CA PRO A 238 -23.45 -4.67 -19.94
C PRO A 238 -24.39 -4.52 -18.74
N PRO A 239 -24.24 -3.42 -17.98
CA PRO A 239 -25.07 -3.16 -16.79
C PRO A 239 -26.56 -3.13 -17.14
N PRO A 240 -27.42 -3.58 -16.21
CA PRO A 240 -28.86 -3.59 -16.42
C PRO A 240 -29.39 -2.17 -16.15
N LEU A 241 -28.77 -1.18 -16.79
CA LEU A 241 -29.14 0.22 -16.59
C LEU A 241 -29.24 1.06 -17.85
N LYS A 242 -30.20 1.97 -17.87
CA LYS A 242 -30.34 2.87 -19.00
C LYS A 242 -29.34 3.98 -18.67
N THR A 243 -29.27 4.30 -17.37
CA THR A 243 -28.36 5.32 -16.85
C THR A 243 -26.94 4.74 -16.70
N PRO A 244 -25.91 5.57 -16.91
CA PRO A 244 -24.49 5.20 -16.82
C PRO A 244 -24.04 4.67 -15.45
N LEU A 245 -22.79 4.23 -15.37
CA LEU A 245 -22.20 3.74 -14.13
C LEU A 245 -21.33 4.85 -13.55
N PHE A 246 -21.51 5.14 -12.28
CA PHE A 246 -20.74 6.19 -11.62
C PHE A 246 -19.75 5.66 -10.58
N SER A 247 -18.64 6.39 -10.47
CA SER A 247 -17.54 6.11 -9.56
C SER A 247 -17.72 6.86 -8.24
N GLY A 248 -17.46 6.19 -7.12
CA GLY A 248 -17.59 6.82 -5.82
C GLY A 248 -16.79 6.11 -4.73
N SER A 249 -17.39 5.95 -3.55
CA SER A 249 -16.72 5.29 -2.43
C SER A 249 -17.72 4.39 -1.71
N ALA A 250 -17.26 3.62 -0.73
CA ALA A 250 -18.17 2.74 0.00
C ALA A 250 -18.96 3.51 1.05
N TYR A 251 -18.57 4.77 1.27
CA TYR A 251 -19.25 5.56 2.29
C TYR A 251 -20.29 6.50 1.76
N PHE A 252 -21.40 6.60 2.48
CA PHE A 252 -22.50 7.42 2.06
C PHE A 252 -23.35 7.98 3.19
N VAL A 253 -24.30 8.81 2.81
CA VAL A 253 -25.26 9.37 3.74
C VAL A 253 -26.53 9.28 2.91
N VAL A 254 -27.50 8.52 3.38
CA VAL A 254 -28.72 8.36 2.60
C VAL A 254 -29.99 8.38 3.44
N THR A 255 -31.09 8.74 2.80
CA THR A 255 -32.35 8.84 3.51
C THR A 255 -33.01 7.48 3.69
N ARG A 256 -33.81 7.38 4.73
CA ARG A 256 -34.52 6.14 5.01
C ARG A 256 -35.30 5.67 3.79
N GLU A 257 -35.57 6.58 2.85
CA GLU A 257 -36.32 6.24 1.64
C GLU A 257 -35.40 5.65 0.58
N TYR A 258 -34.15 6.11 0.55
CA TYR A 258 -33.17 5.60 -0.40
C TYR A 258 -33.02 4.14 -0.06
N VAL A 259 -32.85 3.89 1.24
CA VAL A 259 -32.69 2.53 1.75
C VAL A 259 -33.90 1.69 1.40
N GLY A 260 -35.09 2.23 1.61
CA GLY A 260 -36.29 1.49 1.30
C GLY A 260 -36.37 1.10 -0.17
N TYR A 261 -36.10 2.05 -1.04
CA TYR A 261 -36.16 1.81 -2.47
C TYR A 261 -35.18 0.73 -2.93
N VAL A 262 -33.93 0.77 -2.44
CA VAL A 262 -32.94 -0.23 -2.84
C VAL A 262 -33.27 -1.62 -2.29
N LEU A 263 -34.04 -1.69 -1.22
CA LEU A 263 -34.38 -3.00 -0.69
C LEU A 263 -35.57 -3.61 -1.43
N GLU A 264 -36.49 -2.77 -1.90
CA GLU A 264 -37.70 -3.23 -2.59
C GLU A 264 -37.78 -3.12 -4.11
N ASN A 265 -36.99 -2.22 -4.68
CA ASN A 265 -37.02 -2.02 -6.12
C ASN A 265 -36.48 -3.16 -6.95
N GLU A 266 -37.27 -3.58 -7.93
CA GLU A 266 -36.93 -4.67 -8.86
C GLU A 266 -35.64 -4.46 -9.65
N ASN A 267 -35.63 -3.41 -10.45
CA ASN A 267 -34.49 -3.07 -11.28
C ASN A 267 -33.17 -3.14 -10.51
N ILE A 268 -33.14 -2.48 -9.36
CA ILE A 268 -31.94 -2.45 -8.53
C ILE A 268 -31.49 -3.87 -8.24
N GLN A 269 -32.44 -4.77 -8.00
CA GLN A 269 -32.07 -6.15 -7.72
C GLN A 269 -31.24 -6.65 -8.88
N LYS A 270 -31.79 -6.51 -10.09
CA LYS A 270 -31.11 -6.95 -11.29
C LYS A 270 -29.74 -6.30 -11.41
N LEU A 271 -29.61 -5.08 -10.88
CA LEU A 271 -28.35 -4.35 -10.94
C LEU A 271 -27.35 -4.88 -9.92
N MET A 272 -27.84 -5.17 -8.72
CA MET A 272 -26.97 -5.66 -7.67
C MET A 272 -26.43 -7.05 -7.97
N GLU A 273 -27.30 -7.98 -8.31
CA GLU A 273 -26.85 -9.33 -8.61
C GLU A 273 -25.89 -9.32 -9.79
N TRP A 274 -26.08 -8.38 -10.70
CA TRP A 274 -25.19 -8.25 -11.84
C TRP A 274 -23.80 -7.78 -11.39
N ALA A 275 -23.73 -7.15 -10.23
CA ALA A 275 -22.47 -6.63 -9.73
C ALA A 275 -21.77 -7.56 -8.75
N GLN A 276 -22.40 -8.67 -8.40
CA GLN A 276 -21.83 -9.59 -7.45
C GLN A 276 -20.46 -10.16 -7.83
N ASP A 277 -20.14 -10.17 -9.12
CA ASP A 277 -18.85 -10.69 -9.53
C ASP A 277 -17.92 -9.59 -10.03
N THR A 278 -18.08 -8.41 -9.46
CA THR A 278 -17.23 -7.28 -9.84
C THR A 278 -16.23 -6.93 -8.73
N TYR A 279 -15.23 -6.14 -9.07
CA TYR A 279 -14.21 -5.72 -8.12
C TYR A 279 -14.57 -4.37 -7.47
N SER A 280 -14.70 -4.38 -6.14
CA SER A 280 -15.05 -3.17 -5.40
C SER A 280 -16.41 -2.65 -5.81
N PRO A 281 -17.38 -3.56 -5.96
CA PRO A 281 -18.72 -3.13 -6.35
C PRO A 281 -19.21 -1.96 -5.50
N ASP A 282 -18.64 -1.83 -4.31
CA ASP A 282 -19.04 -0.76 -3.41
C ASP A 282 -18.57 0.63 -3.85
N GLU A 283 -17.68 0.72 -4.83
CA GLU A 283 -17.22 2.02 -5.28
C GLU A 283 -17.80 2.49 -6.61
N PHE A 284 -18.98 1.96 -6.96
CA PHE A 284 -19.69 2.39 -8.16
C PHE A 284 -21.17 2.13 -7.98
N LEU A 285 -21.46 1.13 -7.16
CA LEU A 285 -22.84 0.75 -6.90
C LEU A 285 -23.66 1.91 -6.34
N TRP A 286 -23.37 2.34 -5.12
CA TRP A 286 -24.10 3.44 -4.49
C TRP A 286 -24.05 4.75 -5.28
N ALA A 287 -22.88 5.04 -5.85
CA ALA A 287 -22.68 6.24 -6.64
C ALA A 287 -23.61 6.24 -7.83
N THR A 288 -23.88 5.04 -8.34
CA THR A 288 -24.75 4.87 -9.50
C THR A 288 -26.23 4.90 -9.15
N ILE A 289 -26.62 4.20 -8.09
CA ILE A 289 -28.02 4.22 -7.70
C ILE A 289 -28.49 5.64 -7.35
N GLN A 290 -27.55 6.46 -6.88
CA GLN A 290 -27.85 7.84 -6.50
C GLN A 290 -28.13 8.69 -7.74
N ARG A 291 -27.81 8.16 -8.92
CA ARG A 291 -28.04 8.90 -10.15
C ARG A 291 -29.17 8.32 -11.00
N ILE A 292 -29.95 7.43 -10.40
CA ILE A 292 -31.08 6.79 -11.10
C ILE A 292 -32.42 7.48 -10.86
N PRO A 293 -33.09 7.85 -11.95
CA PRO A 293 -34.39 8.52 -11.87
C PRO A 293 -35.35 7.64 -11.07
N GLU A 294 -36.09 8.27 -10.16
CA GLU A 294 -37.06 7.58 -9.30
C GLU A 294 -36.47 7.15 -7.97
N VAL A 295 -35.15 7.23 -7.85
CA VAL A 295 -34.52 6.87 -6.61
C VAL A 295 -34.64 8.06 -5.66
N PRO A 296 -35.26 7.85 -4.50
CA PRO A 296 -35.46 8.88 -3.48
C PRO A 296 -34.21 9.69 -3.10
N GLY A 297 -34.19 10.96 -3.48
CA GLY A 297 -33.07 11.82 -3.12
C GLY A 297 -31.87 11.77 -4.04
N SER A 298 -32.09 11.31 -5.27
CA SER A 298 -31.04 11.21 -6.25
C SER A 298 -30.74 12.52 -6.95
N PHE A 299 -29.80 12.49 -7.89
CA PHE A 299 -29.39 13.66 -8.65
C PHE A 299 -29.46 13.38 -10.15
N PRO A 300 -29.78 14.40 -10.95
CA PRO A 300 -29.83 14.18 -12.37
C PRO A 300 -28.56 13.47 -12.82
N SER A 301 -28.71 12.61 -13.82
CA SER A 301 -27.59 11.86 -14.36
C SER A 301 -26.55 12.83 -14.94
N SER A 302 -26.99 14.04 -15.27
CA SER A 302 -26.09 15.04 -15.84
C SER A 302 -24.87 15.22 -14.92
N ASN A 303 -23.69 15.36 -15.53
CA ASN A 303 -22.46 15.51 -14.77
C ASN A 303 -22.32 16.83 -14.02
N LYS A 304 -23.27 17.74 -14.24
CA LYS A 304 -23.26 19.01 -13.55
C LYS A 304 -23.54 18.75 -12.06
N TYR A 305 -24.12 17.59 -11.76
CA TYR A 305 -24.43 17.23 -10.38
C TYR A 305 -23.44 16.23 -9.77
N ASP A 306 -22.26 16.08 -10.38
CA ASP A 306 -21.24 15.18 -9.86
C ASP A 306 -20.63 15.70 -8.55
N LEU A 307 -20.53 14.83 -7.56
CA LEU A 307 -19.94 15.18 -6.28
C LEU A 307 -18.62 14.48 -6.09
N SER A 308 -17.55 15.24 -5.90
CA SER A 308 -16.24 14.63 -5.68
C SER A 308 -16.20 14.24 -4.20
N ASP A 309 -15.14 13.54 -3.79
CA ASP A 309 -15.02 13.15 -2.40
C ASP A 309 -14.94 14.37 -1.46
N MET A 310 -14.36 15.47 -1.95
CA MET A 310 -14.27 16.70 -1.16
C MET A 310 -15.60 17.48 -1.16
N ASN A 311 -16.35 17.41 -2.25
CA ASN A 311 -17.63 18.11 -2.32
C ASN A 311 -18.72 17.37 -1.55
N ALA A 312 -18.65 16.05 -1.53
CA ALA A 312 -19.65 15.31 -0.75
C ALA A 312 -19.21 15.51 0.70
N ILE A 313 -20.00 15.06 1.66
CA ILE A 313 -19.67 15.25 3.05
C ILE A 313 -19.55 13.95 3.82
N ALA A 314 -19.67 12.83 3.11
CA ALA A 314 -19.62 11.53 3.74
C ALA A 314 -18.30 11.24 4.45
N ARG A 315 -17.20 11.32 3.73
CA ARG A 315 -15.97 10.99 4.39
C ARG A 315 -14.74 11.75 3.96
N PHE A 316 -14.04 12.34 4.92
CA PHE A 316 -12.80 13.05 4.60
C PHE A 316 -11.71 11.96 4.57
N VAL A 317 -10.94 11.92 3.49
CA VAL A 317 -9.89 10.92 3.33
C VAL A 317 -8.80 11.47 2.43
N LYS A 318 -7.54 11.37 2.87
CA LYS A 318 -6.41 11.86 2.08
C LYS A 318 -5.73 10.71 1.38
N TRP A 319 -5.39 10.88 0.13
CA TRP A 319 -4.71 9.85 -0.61
C TRP A 319 -3.30 10.34 -0.83
N GLN A 320 -2.35 9.45 -0.59
CA GLN A 320 -0.94 9.76 -0.72
C GLN A 320 -0.58 10.47 -2.02
N TYR A 321 -1.17 10.06 -3.15
CA TYR A 321 -0.83 10.72 -4.41
C TYR A 321 -1.52 12.05 -4.67
N PHE A 322 -2.26 12.58 -3.70
CA PHE A 322 -2.91 13.87 -3.89
C PHE A 322 -2.38 14.93 -2.93
N GLU A 323 -1.89 14.49 -1.77
CA GLU A 323 -1.35 15.37 -0.73
C GLU A 323 -0.21 16.25 -1.22
N GLY A 324 0.02 17.35 -0.50
CA GLY A 324 1.09 18.25 -0.88
C GLY A 324 0.84 19.70 -0.48
N ASP A 325 1.38 20.60 -1.28
CA ASP A 325 1.24 22.02 -1.06
C ASP A 325 -0.16 22.52 -1.45
N VAL A 326 -1.04 22.68 -0.47
CA VAL A 326 -2.40 23.16 -0.68
C VAL A 326 -2.45 24.50 -1.41
N SER A 327 -1.45 25.34 -1.19
CA SER A 327 -1.40 26.63 -1.85
C SER A 327 -0.70 26.44 -3.19
N ASN A 328 -1.00 25.32 -3.85
CA ASN A 328 -0.41 25.03 -5.14
C ASN A 328 -1.14 23.92 -5.88
N GLY A 329 -2.43 23.76 -5.60
CA GLY A 329 -3.20 22.75 -6.29
C GLY A 329 -3.59 21.49 -5.55
N ALA A 330 -2.91 21.20 -4.44
CA ALA A 330 -3.18 19.99 -3.66
C ALA A 330 -4.47 20.08 -2.86
N PRO A 331 -5.31 19.04 -2.92
CA PRO A 331 -6.58 19.03 -2.20
C PRO A 331 -6.40 19.24 -0.69
N TYR A 332 -5.28 18.73 -0.17
CA TYR A 332 -4.97 18.82 1.24
C TYR A 332 -3.46 18.73 1.44
N PRO A 333 -3.00 18.94 2.68
CA PRO A 333 -1.56 18.87 2.95
C PRO A 333 -1.10 17.46 3.30
N PRO A 334 0.22 17.22 3.25
CA PRO A 334 0.87 15.94 3.55
C PRO A 334 0.41 15.29 4.86
N CYS A 335 0.29 13.97 4.83
CA CYS A 335 -0.13 13.17 5.98
C CYS A 335 0.87 13.15 7.14
N SER A 336 0.36 13.28 8.37
CA SER A 336 1.22 13.28 9.55
C SER A 336 1.38 11.89 10.20
N GLY A 337 0.48 10.96 9.85
CA GLY A 337 0.57 9.62 10.38
C GLY A 337 1.36 8.77 9.40
N VAL A 338 0.76 7.68 8.93
CA VAL A 338 1.41 6.76 7.97
C VAL A 338 0.45 6.45 6.81
N HIS A 339 0.90 5.67 5.84
CA HIS A 339 0.06 5.32 4.69
C HIS A 339 -0.22 3.85 4.49
N VAL A 340 -1.46 3.44 4.70
CA VAL A 340 -1.82 2.06 4.48
C VAL A 340 -2.61 2.01 3.18
N ARG A 341 -1.98 1.43 2.16
CA ARG A 341 -2.61 1.31 0.84
C ARG A 341 -2.94 2.66 0.22
N SER A 342 -2.00 3.59 0.35
CA SER A 342 -2.13 4.92 -0.21
C SER A 342 -3.07 5.82 0.59
N VAL A 343 -3.81 5.20 1.51
CA VAL A 343 -4.73 5.94 2.36
C VAL A 343 -3.99 6.40 3.61
N CYS A 344 -4.15 7.66 3.98
CA CYS A 344 -3.49 8.21 5.14
C CYS A 344 -4.12 7.85 6.48
N VAL A 345 -3.31 7.33 7.40
CA VAL A 345 -3.77 7.01 8.75
C VAL A 345 -3.31 8.23 9.54
N PHE A 346 -4.28 8.99 10.02
CA PHE A 346 -4.05 10.25 10.72
C PHE A 346 -3.18 10.31 11.97
N GLY A 347 -2.37 11.36 12.03
CA GLY A 347 -1.51 11.60 13.17
C GLY A 347 -2.00 12.90 13.76
N ALA A 348 -1.65 13.19 15.01
CA ALA A 348 -2.07 14.42 15.65
C ALA A 348 -1.93 15.60 14.70
N GLY A 349 -0.83 15.62 13.96
CA GLY A 349 -0.56 16.69 13.02
C GLY A 349 -1.60 16.96 11.94
N ASP A 350 -2.39 15.95 11.59
CA ASP A 350 -3.41 16.12 10.57
C ASP A 350 -4.66 16.78 11.15
N LEU A 351 -4.94 16.52 12.42
CA LEU A 351 -6.13 17.05 13.10
C LEU A 351 -6.59 18.47 12.83
N SER A 352 -5.69 19.43 13.00
CA SER A 352 -6.04 20.83 12.80
C SER A 352 -6.73 21.17 11.48
N TRP A 353 -6.10 20.83 10.37
CA TRP A 353 -6.65 21.13 9.05
C TRP A 353 -7.96 20.36 8.81
N MET A 354 -7.97 19.13 9.25
CA MET A 354 -9.12 18.24 9.10
C MET A 354 -10.41 18.75 9.76
N LEU A 355 -10.29 19.32 10.95
CA LEU A 355 -11.46 19.81 11.66
C LEU A 355 -12.18 20.95 10.98
N ARG A 356 -11.50 21.61 10.04
CA ARG A 356 -12.06 22.73 9.31
C ARG A 356 -12.83 22.28 8.06
N GLN A 357 -12.78 20.98 7.76
CA GLN A 357 -13.47 20.43 6.61
C GLN A 357 -14.96 20.21 6.91
N HIS A 358 -15.79 20.26 5.89
CA HIS A 358 -17.23 20.11 6.11
C HIS A 358 -17.74 18.69 6.34
N HIS A 359 -16.85 17.71 6.25
CA HIS A 359 -17.23 16.30 6.42
C HIS A 359 -17.75 15.88 7.79
N LEU A 360 -18.53 14.80 7.80
CA LEU A 360 -19.10 14.25 9.03
C LEU A 360 -18.10 13.37 9.75
N PHE A 361 -17.40 12.51 9.01
CA PHE A 361 -16.43 11.61 9.59
C PHE A 361 -15.14 11.60 8.78
N ALA A 362 -14.09 11.09 9.40
CA ALA A 362 -12.82 11.02 8.73
C ALA A 362 -12.37 9.56 8.71
N ASN A 363 -11.31 9.29 7.96
CA ASN A 363 -10.79 7.96 7.84
C ASN A 363 -9.42 8.08 7.20
N LYS A 364 -8.44 7.33 7.72
CA LYS A 364 -8.65 6.43 8.85
C LYS A 364 -7.77 6.73 10.08
N PHE A 365 -8.18 6.18 11.21
CA PHE A 365 -7.47 6.37 12.48
C PHE A 365 -6.97 5.02 12.99
N ASP A 366 -5.81 5.02 13.63
CA ASP A 366 -5.27 3.79 14.19
C ASP A 366 -4.67 4.03 15.57
N MET A 367 -5.27 3.39 16.58
CA MET A 367 -4.79 3.51 17.95
C MET A 367 -3.29 3.19 17.99
N ASP A 368 -2.86 2.19 17.21
CA ASP A 368 -1.46 1.79 17.15
C ASP A 368 -0.57 2.74 16.37
N VAL A 369 -1.16 3.72 15.68
CA VAL A 369 -0.38 4.67 14.92
C VAL A 369 -0.28 6.00 15.64
N ASP A 370 -1.36 6.37 16.33
CA ASP A 370 -1.38 7.62 17.08
C ASP A 370 -2.67 7.76 17.88
N PRO A 371 -2.64 7.36 19.16
CA PRO A 371 -3.84 7.45 20.01
C PRO A 371 -4.17 8.92 20.30
N PHE A 372 -3.15 9.76 20.23
CA PHE A 372 -3.32 11.18 20.50
C PHE A 372 -4.27 11.86 19.52
N ALA A 373 -4.25 11.41 18.26
CA ALA A 373 -5.13 11.99 17.25
C ALA A 373 -6.58 11.65 17.60
N ILE A 374 -6.80 10.43 18.07
CA ILE A 374 -8.13 9.98 18.43
C ILE A 374 -8.49 10.56 19.78
N GLN A 375 -7.48 10.71 20.61
CA GLN A 375 -7.63 11.22 21.97
C GLN A 375 -8.16 12.65 22.03
N CYS A 376 -7.46 13.56 21.35
CA CYS A 376 -7.85 14.96 21.32
C CYS A 376 -9.19 15.10 20.63
N LEU A 377 -9.26 14.55 19.42
CA LEU A 377 -10.48 14.62 18.64
C LEU A 377 -11.67 14.13 19.46
N ASP A 378 -11.42 13.15 20.30
CA ASP A 378 -12.45 12.56 21.14
C ASP A 378 -12.98 13.53 22.19
N GLU A 379 -12.10 14.12 23.00
CA GLU A 379 -12.56 15.03 24.03
C GLU A 379 -13.11 16.34 23.45
N HIS A 380 -12.45 16.87 22.44
CA HIS A 380 -12.89 18.09 21.80
C HIS A 380 -14.36 17.97 21.37
N LEU A 381 -14.71 16.87 20.71
CA LEU A 381 -16.08 16.69 20.27
C LEU A 381 -17.04 16.56 21.46
N ARG A 382 -16.62 15.85 22.50
CA ARG A 382 -17.47 15.69 23.67
C ARG A 382 -17.60 17.05 24.37
N ARG A 383 -16.46 17.66 24.67
CA ARG A 383 -16.43 18.96 25.33
C ARG A 383 -17.34 19.95 24.59
N LYS A 384 -17.38 19.82 23.27
CA LYS A 384 -18.19 20.71 22.45
C LYS A 384 -19.66 20.36 22.46
N ALA A 385 -19.97 19.07 22.54
CA ALA A 385 -21.36 18.65 22.55
C ALA A 385 -22.00 19.17 23.82
N LEU A 386 -21.31 18.97 24.95
CA LEU A 386 -21.79 19.42 26.25
C LEU A 386 -21.99 20.93 26.17
N GLU A 387 -21.32 21.55 25.20
CA GLU A 387 -21.44 22.98 24.99
C GLU A 387 -20.77 23.70 26.13
N ASN B 19 -57.63 35.23 -12.23
CA ASN B 19 -58.44 33.97 -12.19
C ASN B 19 -57.54 32.73 -12.10
N VAL B 20 -56.26 32.91 -12.45
CA VAL B 20 -55.29 31.83 -12.43
C VAL B 20 -55.15 31.20 -11.04
N ASN B 21 -55.11 29.88 -10.98
CA ASN B 21 -54.96 29.17 -9.70
C ASN B 21 -53.48 28.84 -9.51
N CYS B 22 -52.78 29.71 -8.78
CA CYS B 22 -51.36 29.55 -8.51
C CYS B 22 -50.94 28.18 -7.98
N THR B 23 -51.54 27.76 -6.87
CA THR B 23 -51.19 26.48 -6.26
C THR B 23 -51.09 25.37 -7.30
N LYS B 24 -51.95 25.41 -8.32
CA LYS B 24 -51.90 24.39 -9.35
C LYS B 24 -50.66 24.55 -10.21
N ILE B 25 -50.33 25.78 -10.59
CA ILE B 25 -49.12 25.98 -11.41
C ILE B 25 -47.91 25.46 -10.63
N LEU B 26 -47.91 25.70 -9.32
CA LEU B 26 -46.81 25.28 -8.46
C LEU B 26 -46.72 23.77 -8.33
N GLN B 27 -47.65 23.07 -8.94
CA GLN B 27 -47.63 21.62 -8.85
C GLN B 27 -47.42 20.93 -10.19
N GLY B 28 -47.17 21.72 -11.22
CA GLY B 28 -46.92 21.16 -12.53
C GLY B 28 -48.19 20.91 -13.33
N ASP B 29 -49.35 20.97 -12.66
CA ASP B 29 -50.64 20.74 -13.29
C ASP B 29 -50.69 21.29 -14.72
N PRO B 30 -50.70 20.38 -15.71
CA PRO B 30 -50.75 20.73 -17.14
C PRO B 30 -51.94 21.62 -17.49
N GLU B 31 -53.06 21.42 -16.78
CA GLU B 31 -54.24 22.23 -17.03
C GLU B 31 -53.88 23.71 -16.98
N GLU B 32 -53.61 24.21 -15.77
CA GLU B 32 -53.26 25.61 -15.57
C GLU B 32 -52.13 26.06 -16.49
N ILE B 33 -51.07 25.26 -16.54
CA ILE B 33 -49.91 25.57 -17.37
C ILE B 33 -50.32 26.02 -18.76
N GLN B 34 -51.36 25.37 -19.28
CA GLN B 34 -51.86 25.68 -20.61
C GLN B 34 -52.70 26.96 -20.61
N LYS B 35 -53.67 27.04 -19.69
CA LYS B 35 -54.54 28.21 -19.59
C LYS B 35 -53.71 29.49 -19.50
N VAL B 36 -52.53 29.39 -18.91
CA VAL B 36 -51.63 30.52 -18.80
C VAL B 36 -50.93 30.68 -20.15
N LYS B 37 -49.91 29.85 -20.36
CA LYS B 37 -49.13 29.85 -21.60
C LYS B 37 -50.06 29.88 -22.82
N ARG B 48 -51.84 45.84 -22.37
CA ARG B 48 -52.42 45.82 -21.04
C ARG B 48 -51.90 46.96 -20.14
N PRO B 49 -52.74 47.42 -19.19
CA PRO B 49 -52.42 48.50 -18.24
C PRO B 49 -51.23 48.17 -17.36
N ARG B 50 -50.10 48.81 -17.63
CA ARG B 50 -48.88 48.58 -16.87
C ARG B 50 -48.32 49.88 -16.27
N TRP B 51 -47.92 49.83 -15.00
CA TRP B 51 -47.37 50.99 -14.33
C TRP B 51 -46.12 51.49 -15.03
N THR B 52 -45.77 52.74 -14.75
CA THR B 52 -44.59 53.36 -15.34
C THR B 52 -43.82 54.09 -14.26
N PRO B 53 -42.58 54.51 -14.57
CA PRO B 53 -41.78 55.22 -13.58
C PRO B 53 -42.59 56.35 -12.95
N HIS B 54 -43.24 57.17 -13.79
CA HIS B 54 -44.06 58.27 -13.30
C HIS B 54 -45.08 57.78 -12.28
N ASP B 55 -45.69 56.64 -12.55
CA ASP B 55 -46.68 56.08 -11.62
C ASP B 55 -45.99 55.76 -10.30
N TYR B 56 -44.70 55.43 -10.35
CA TYR B 56 -43.97 55.11 -9.14
C TYR B 56 -43.52 56.36 -8.40
N ILE B 57 -43.00 57.32 -9.15
CA ILE B 57 -42.58 58.57 -8.54
C ILE B 57 -43.77 59.12 -7.77
N ASN B 58 -44.98 58.82 -8.25
CA ASN B 58 -46.21 59.30 -7.62
C ASN B 58 -46.69 58.46 -6.44
N MET B 59 -46.45 57.16 -6.51
CA MET B 59 -46.87 56.26 -5.44
C MET B 59 -45.97 56.39 -4.24
N THR B 60 -44.73 56.81 -4.49
CA THR B 60 -43.74 56.94 -3.43
C THR B 60 -43.66 58.27 -2.70
N ARG B 61 -44.32 59.31 -3.22
CA ARG B 61 -44.29 60.61 -2.54
C ARG B 61 -44.57 60.41 -1.06
N ASP B 62 -45.49 59.49 -0.76
CA ASP B 62 -45.82 59.19 0.63
C ASP B 62 -45.36 57.78 0.98
N CYS B 63 -44.23 57.67 1.65
CA CYS B 63 -43.68 56.38 2.02
C CYS B 63 -44.63 55.47 2.79
N ALA B 64 -45.16 55.95 3.90
CA ALA B 64 -46.09 55.16 4.71
C ALA B 64 -47.21 54.50 3.92
N SER B 65 -47.73 55.17 2.90
CA SER B 65 -48.80 54.61 2.08
C SER B 65 -48.25 53.58 1.10
N PHE B 66 -47.16 53.93 0.42
CA PHE B 66 -46.55 53.01 -0.54
C PHE B 66 -46.29 51.68 0.16
N ILE B 67 -45.60 51.74 1.29
CA ILE B 67 -45.25 50.55 2.07
C ILE B 67 -46.46 49.73 2.51
N ARG B 68 -47.50 50.41 3.01
CA ARG B 68 -48.68 49.71 3.50
C ARG B 68 -49.48 49.07 2.38
N THR B 69 -49.64 49.81 1.30
CA THR B 69 -50.40 49.34 0.15
C THR B 69 -49.65 48.25 -0.59
N ARG B 70 -48.36 48.47 -0.81
CA ARG B 70 -47.52 47.50 -1.51
C ARG B 70 -47.12 46.35 -0.61
N LYS B 71 -47.68 46.34 0.60
CA LYS B 71 -47.44 45.29 1.59
C LYS B 71 -46.01 44.86 1.84
N TYR B 72 -45.09 45.82 1.94
CA TYR B 72 -43.70 45.53 2.22
C TYR B 72 -43.60 45.08 3.67
N ILE B 73 -42.58 44.29 3.99
CA ILE B 73 -42.39 43.81 5.35
C ILE B 73 -41.35 44.66 6.07
N VAL B 74 -41.77 45.35 7.12
CA VAL B 74 -40.88 46.21 7.88
C VAL B 74 -40.70 45.80 9.34
N GLU B 75 -41.11 44.58 9.66
CA GLU B 75 -40.97 44.05 11.01
C GLU B 75 -40.41 42.65 10.96
N PRO B 76 -39.13 42.48 11.36
CA PRO B 76 -38.46 41.18 11.35
C PRO B 76 -39.44 40.06 11.65
N LEU B 77 -39.33 38.94 10.93
CA LEU B 77 -40.24 37.81 11.13
C LEU B 77 -39.79 36.86 12.22
N THR B 78 -38.49 36.82 12.48
CA THR B 78 -37.95 35.95 13.52
C THR B 78 -36.70 36.59 14.10
N LYS B 79 -36.28 36.13 15.27
CA LYS B 79 -35.07 36.67 15.86
C LYS B 79 -33.89 36.04 15.13
N GLU B 80 -34.12 34.83 14.60
CA GLU B 80 -33.09 34.10 13.87
C GLU B 80 -32.65 34.92 12.69
N GLU B 81 -33.61 35.51 11.98
CA GLU B 81 -33.30 36.34 10.83
C GLU B 81 -32.64 37.65 11.27
N VAL B 82 -33.12 38.23 12.37
CA VAL B 82 -32.54 39.48 12.87
C VAL B 82 -31.09 39.27 13.29
N GLY B 83 -30.79 38.04 13.71
CA GLY B 83 -29.44 37.72 14.13
C GLY B 83 -28.52 37.44 12.95
N PHE B 84 -29.10 37.27 11.77
CA PHE B 84 -28.31 36.98 10.58
C PHE B 84 -28.59 37.96 9.43
N PRO B 85 -27.99 39.16 9.49
CA PRO B 85 -28.20 40.17 8.44
C PRO B 85 -27.53 39.85 7.11
N ILE B 86 -28.26 40.09 6.02
CA ILE B 86 -27.76 39.86 4.65
C ILE B 86 -27.65 41.22 3.92
N ALA B 87 -26.73 41.30 2.98
CA ALA B 87 -26.56 42.51 2.19
C ALA B 87 -26.79 42.14 0.71
N TYR B 88 -27.36 43.07 -0.04
CA TYR B 88 -27.63 42.84 -1.45
C TYR B 88 -27.16 43.94 -2.35
N SER B 89 -26.61 43.57 -3.49
CA SER B 89 -26.13 44.51 -4.47
C SER B 89 -26.99 44.25 -5.71
N ILE B 90 -28.04 45.05 -5.92
CA ILE B 90 -28.92 44.88 -7.08
C ILE B 90 -28.62 45.84 -8.23
N VAL B 91 -28.10 45.29 -9.32
CA VAL B 91 -27.76 46.06 -10.51
C VAL B 91 -28.95 46.13 -11.50
N VAL B 92 -29.46 47.33 -11.74
CA VAL B 92 -30.63 47.51 -12.61
C VAL B 92 -30.46 48.62 -13.64
N HIS B 93 -31.40 48.67 -14.60
CA HIS B 93 -31.37 49.71 -15.63
C HIS B 93 -32.75 50.04 -16.20
N HIS B 94 -33.78 49.31 -15.79
CA HIS B 94 -35.14 49.57 -16.26
C HIS B 94 -36.14 48.56 -15.69
N LYS B 95 -37.37 48.58 -16.21
CA LYS B 95 -38.42 47.67 -15.76
C LYS B 95 -38.71 47.92 -14.29
N ILE B 96 -38.97 49.18 -13.98
CA ILE B 96 -39.24 49.64 -12.61
C ILE B 96 -40.18 48.74 -11.83
N GLU B 97 -41.17 48.14 -12.49
CA GLU B 97 -42.11 47.33 -11.76
C GLU B 97 -41.57 45.98 -11.33
N MET B 98 -40.52 45.52 -12.01
CA MET B 98 -39.90 44.25 -11.66
C MET B 98 -39.03 44.52 -10.43
N LEU B 99 -38.28 45.60 -10.49
CA LEU B 99 -37.43 45.98 -9.37
C LEU B 99 -38.31 46.10 -8.14
N ASP B 100 -39.49 46.69 -8.29
CA ASP B 100 -40.38 46.83 -7.14
C ASP B 100 -40.70 45.46 -6.54
N ARG B 101 -41.24 44.55 -7.35
CA ARG B 101 -41.59 43.22 -6.88
C ARG B 101 -40.40 42.44 -6.31
N LEU B 102 -39.25 42.57 -6.98
CA LEU B 102 -38.04 41.90 -6.53
C LEU B 102 -37.70 42.34 -5.12
N LEU B 103 -37.50 43.65 -4.95
CA LEU B 103 -37.18 44.22 -3.65
C LEU B 103 -38.15 43.74 -2.58
N ARG B 104 -39.44 43.95 -2.80
CA ARG B 104 -40.43 43.53 -1.83
C ARG B 104 -40.29 42.04 -1.48
N ALA B 105 -39.99 41.23 -2.49
CA ALA B 105 -39.84 39.78 -2.31
C ALA B 105 -38.72 39.44 -1.32
N ILE B 106 -37.66 40.25 -1.33
CA ILE B 106 -36.52 40.03 -0.47
C ILE B 106 -36.31 41.07 0.64
N TYR B 107 -37.30 41.94 0.87
CA TYR B 107 -37.12 42.99 1.88
C TYR B 107 -37.34 42.64 3.34
N MET B 108 -36.38 43.06 4.17
CA MET B 108 -36.40 42.88 5.62
C MET B 108 -35.58 44.03 6.21
N PRO B 109 -36.00 44.55 7.37
CA PRO B 109 -35.38 45.66 8.13
C PRO B 109 -33.90 45.48 8.53
N GLN B 110 -33.56 44.27 8.96
CA GLN B 110 -32.21 43.93 9.37
C GLN B 110 -31.22 43.85 8.21
N ASN B 111 -31.72 43.67 7.00
CA ASN B 111 -30.85 43.56 5.85
C ASN B 111 -30.35 44.89 5.30
N PHE B 112 -29.56 44.84 4.23
CA PHE B 112 -29.01 46.04 3.61
C PHE B 112 -29.08 45.86 2.11
N TYR B 113 -29.69 46.83 1.41
CA TYR B 113 -29.88 46.76 -0.03
C TYR B 113 -29.30 47.94 -0.79
N CYS B 114 -28.21 47.70 -1.51
CA CYS B 114 -27.60 48.76 -2.29
C CYS B 114 -27.99 48.59 -3.76
N ILE B 115 -28.81 49.53 -4.27
CA ILE B 115 -29.25 49.47 -5.65
C ILE B 115 -28.30 50.23 -6.57
N HIS B 116 -27.95 49.62 -7.69
CA HIS B 116 -27.08 50.28 -8.64
C HIS B 116 -27.87 50.51 -9.93
N VAL B 117 -28.06 51.78 -10.25
CA VAL B 117 -28.82 52.16 -11.43
C VAL B 117 -27.84 52.56 -12.53
N ASP B 118 -27.98 51.95 -13.69
CA ASP B 118 -27.09 52.26 -14.80
C ASP B 118 -27.16 53.74 -15.17
N ARG B 119 -26.00 54.34 -15.25
CA ARG B 119 -25.86 55.73 -15.58
C ARG B 119 -26.62 56.10 -16.86
N LYS B 120 -27.16 55.11 -17.57
CA LYS B 120 -27.88 55.41 -18.81
C LYS B 120 -29.38 55.15 -18.80
N ALA B 121 -29.92 54.72 -17.67
CA ALA B 121 -31.36 54.47 -17.57
C ALA B 121 -32.15 55.76 -17.82
N GLU B 122 -33.46 55.62 -17.98
CA GLU B 122 -34.33 56.77 -18.20
C GLU B 122 -34.35 57.60 -16.92
N GLU B 123 -34.06 58.89 -17.03
CA GLU B 123 -34.03 59.76 -15.84
C GLU B 123 -35.25 59.54 -14.95
N SER B 124 -36.37 59.18 -15.55
CA SER B 124 -37.57 58.96 -14.75
C SER B 124 -37.44 57.60 -14.05
N PHE B 125 -36.71 56.69 -14.68
CA PHE B 125 -36.51 55.39 -14.08
C PHE B 125 -35.68 55.60 -12.82
N LEU B 126 -34.56 56.31 -12.98
CA LEU B 126 -33.69 56.63 -11.86
C LEU B 126 -34.48 57.27 -10.73
N ALA B 127 -35.20 58.35 -11.04
CA ALA B 127 -35.99 59.02 -10.03
C ALA B 127 -36.98 58.08 -9.38
N ALA B 128 -37.47 57.11 -10.15
CA ALA B 128 -38.43 56.16 -9.59
C ALA B 128 -37.75 55.21 -8.59
N VAL B 129 -36.50 54.84 -8.89
CA VAL B 129 -35.76 53.94 -8.00
C VAL B 129 -35.48 54.71 -6.72
N GLN B 130 -34.99 55.93 -6.85
CA GLN B 130 -34.72 56.74 -5.68
C GLN B 130 -35.95 56.83 -4.80
N GLY B 131 -37.12 57.00 -5.41
CA GLY B 131 -38.35 57.10 -4.64
C GLY B 131 -38.64 55.87 -3.81
N ILE B 132 -38.25 54.71 -4.34
CA ILE B 132 -38.48 53.46 -3.64
C ILE B 132 -37.39 53.25 -2.60
N ALA B 133 -36.18 53.63 -2.98
CA ALA B 133 -35.02 53.47 -2.11
C ALA B 133 -35.06 54.39 -0.91
N SER B 134 -35.53 55.62 -1.14
CA SER B 134 -35.61 56.63 -0.09
C SER B 134 -36.74 56.44 0.92
N CYS B 135 -37.44 55.32 0.85
CA CYS B 135 -38.53 55.06 1.79
C CYS B 135 -38.06 54.14 2.89
N PHE B 136 -36.83 53.67 2.76
CA PHE B 136 -36.24 52.76 3.75
C PHE B 136 -34.83 53.24 3.97
N ASP B 137 -34.39 53.20 5.22
CA ASP B 137 -33.05 53.64 5.57
C ASP B 137 -31.99 52.57 5.26
N ASN B 138 -32.45 51.34 5.03
CA ASN B 138 -31.52 50.27 4.67
C ASN B 138 -31.48 50.04 3.16
N VAL B 139 -32.13 50.92 2.41
CA VAL B 139 -32.15 50.84 0.95
C VAL B 139 -31.63 52.16 0.40
N PHE B 140 -30.64 52.10 -0.48
CA PHE B 140 -30.07 53.31 -1.01
C PHE B 140 -29.44 53.08 -2.40
N VAL B 141 -29.09 54.16 -3.10
CA VAL B 141 -28.49 54.09 -4.42
C VAL B 141 -26.98 54.30 -4.38
N ALA B 142 -26.23 53.30 -4.83
CA ALA B 142 -24.77 53.37 -4.82
C ALA B 142 -24.22 54.79 -5.02
N SER B 143 -23.19 55.13 -4.23
CA SER B 143 -22.55 56.45 -4.27
C SER B 143 -21.76 56.70 -5.54
N GLN B 144 -21.63 55.66 -6.35
CA GLN B 144 -20.91 55.75 -7.59
C GLN B 144 -21.68 54.88 -8.57
N LEU B 145 -21.95 55.41 -9.75
CA LEU B 145 -22.69 54.68 -10.77
C LEU B 145 -21.85 54.62 -12.01
N GLU B 146 -21.85 53.46 -12.66
CA GLU B 146 -21.07 53.26 -13.87
C GLU B 146 -22.00 53.22 -15.05
N SER B 147 -21.43 53.49 -16.22
CA SER B 147 -22.19 53.39 -17.45
C SER B 147 -21.81 51.96 -17.89
N VAL B 148 -22.73 51.02 -17.67
CA VAL B 148 -22.48 49.62 -17.98
C VAL B 148 -22.58 49.14 -19.43
N VAL B 149 -21.46 48.64 -19.95
CA VAL B 149 -21.37 48.07 -21.29
C VAL B 149 -21.28 46.54 -21.17
N TYR B 150 -22.07 45.83 -21.96
CA TYR B 150 -22.10 44.36 -21.93
C TYR B 150 -20.70 43.73 -21.91
N ALA B 151 -20.55 42.71 -21.06
CA ALA B 151 -19.30 41.95 -20.95
C ALA B 151 -18.04 42.73 -20.60
N SER B 152 -18.17 43.93 -20.04
CA SER B 152 -16.99 44.72 -19.72
C SER B 152 -16.74 44.87 -18.23
N TRP B 153 -15.54 45.35 -17.91
CA TRP B 153 -15.15 45.55 -16.53
C TRP B 153 -16.21 46.33 -15.75
N THR B 154 -16.82 47.33 -16.38
CA THR B 154 -17.85 48.13 -15.73
C THR B 154 -18.89 47.29 -15.01
N ARG B 155 -19.24 46.14 -15.59
CA ARG B 155 -20.23 45.27 -14.96
C ARG B 155 -19.80 44.86 -13.54
N VAL B 156 -18.51 44.58 -13.42
CA VAL B 156 -17.89 44.18 -12.16
C VAL B 156 -17.83 45.39 -11.25
N LYS B 157 -17.38 46.51 -11.82
CA LYS B 157 -17.27 47.73 -11.06
C LYS B 157 -18.61 48.14 -10.51
N ALA B 158 -19.68 47.82 -11.21
CA ALA B 158 -21.00 48.16 -10.71
C ALA B 158 -21.12 47.49 -9.35
N ASP B 159 -20.87 46.18 -9.34
CA ASP B 159 -20.95 45.42 -8.10
C ASP B 159 -19.91 45.87 -7.07
N LEU B 160 -18.74 46.28 -7.54
CA LEU B 160 -17.70 46.77 -6.64
C LEU B 160 -18.14 48.03 -5.92
N ASN B 161 -18.76 48.95 -6.67
CA ASN B 161 -19.25 50.20 -6.10
C ASN B 161 -20.16 49.87 -4.93
N CYS B 162 -21.04 48.91 -5.12
CA CYS B 162 -21.95 48.46 -4.09
C CYS B 162 -21.27 47.80 -2.87
N MET B 163 -20.18 47.10 -3.11
CA MET B 163 -19.43 46.43 -2.03
C MET B 163 -18.76 47.46 -1.13
N LYS B 164 -18.23 48.50 -1.76
CA LYS B 164 -17.56 49.58 -1.06
C LYS B 164 -18.54 50.24 -0.09
N ASP B 165 -19.75 50.54 -0.56
CA ASP B 165 -20.73 51.19 0.28
C ASP B 165 -21.19 50.28 1.41
N LEU B 166 -21.63 49.08 1.04
CA LEU B 166 -22.12 48.12 2.03
C LEU B 166 -21.08 47.70 3.06
N TYR B 167 -19.83 47.55 2.64
CA TYR B 167 -18.80 47.13 3.56
C TYR B 167 -18.55 48.20 4.62
N ARG B 168 -18.34 49.43 4.20
CA ARG B 168 -18.07 50.52 5.14
C ARG B 168 -19.27 51.00 5.95
N MET B 169 -20.48 50.90 5.40
CA MET B 169 -21.64 51.38 6.11
C MET B 169 -22.18 50.50 7.22
N ASN B 170 -21.59 49.34 7.41
CA ASN B 170 -22.04 48.44 8.46
C ASN B 170 -21.14 47.22 8.50
N ALA B 171 -20.82 46.75 9.72
CA ALA B 171 -19.93 45.62 9.90
C ALA B 171 -20.62 44.37 10.44
N ASN B 172 -21.95 44.37 10.46
CA ASN B 172 -22.68 43.24 10.97
C ASN B 172 -23.33 42.29 9.97
N TRP B 173 -23.31 42.61 8.68
CA TRP B 173 -23.95 41.67 7.77
C TRP B 173 -23.02 40.49 7.48
N LYS B 174 -23.61 39.31 7.49
CA LYS B 174 -22.92 38.06 7.24
C LYS B 174 -22.46 37.88 5.79
N TYR B 175 -23.42 37.74 4.88
CA TYR B 175 -23.14 37.56 3.46
C TYR B 175 -23.63 38.66 2.52
N LEU B 176 -23.04 38.69 1.32
CA LEU B 176 -23.42 39.61 0.26
C LEU B 176 -23.95 38.84 -0.95
N ILE B 177 -25.21 39.06 -1.31
CA ILE B 177 -25.80 38.40 -2.48
C ILE B 177 -26.02 39.47 -3.56
N ASN B 178 -25.35 39.35 -4.71
CA ASN B 178 -25.54 40.34 -5.77
C ASN B 178 -26.60 39.84 -6.75
N LEU B 179 -27.59 40.69 -7.01
CA LEU B 179 -28.69 40.39 -7.94
C LEU B 179 -28.71 41.34 -9.12
N CYS B 180 -29.72 41.16 -9.97
CA CYS B 180 -29.92 42.01 -11.14
C CYS B 180 -31.45 42.17 -11.31
N GLY B 181 -31.85 43.16 -12.09
CA GLY B 181 -33.27 43.41 -12.28
C GLY B 181 -34.21 42.24 -12.60
N MET B 182 -33.73 41.25 -13.35
CA MET B 182 -34.58 40.13 -13.70
C MET B 182 -34.44 38.84 -12.89
N ASP B 183 -33.92 38.96 -11.67
CA ASP B 183 -33.78 37.80 -10.81
C ASP B 183 -35.00 37.77 -9.91
N PHE B 184 -35.27 36.63 -9.32
CA PHE B 184 -36.36 36.54 -8.36
C PHE B 184 -35.99 35.38 -7.44
N PRO B 185 -36.25 35.53 -6.13
CA PRO B 185 -35.92 34.46 -5.20
C PRO B 185 -36.90 33.29 -5.27
N ILE B 186 -36.42 32.09 -4.94
CA ILE B 186 -37.28 30.91 -4.92
C ILE B 186 -37.23 30.31 -3.53
N LYS B 187 -36.71 31.09 -2.59
CA LYS B 187 -36.61 30.71 -1.17
C LYS B 187 -37.04 31.94 -0.37
N THR B 188 -37.57 31.72 0.83
CA THR B 188 -37.98 32.82 1.72
C THR B 188 -36.69 33.38 2.30
N ASN B 189 -36.77 34.44 3.10
CA ASN B 189 -35.56 35.00 3.69
C ASN B 189 -35.05 34.10 4.81
N LEU B 190 -35.96 33.34 5.43
CA LEU B 190 -35.57 32.44 6.50
C LEU B 190 -34.70 31.31 5.91
N GLU B 191 -35.24 30.65 4.89
CA GLU B 191 -34.54 29.53 4.24
C GLU B 191 -33.15 29.95 3.76
N ILE B 192 -33.02 31.20 3.33
CA ILE B 192 -31.75 31.72 2.85
C ILE B 192 -30.73 31.84 3.98
N VAL B 193 -31.20 32.27 5.16
CA VAL B 193 -30.32 32.42 6.31
C VAL B 193 -29.84 31.05 6.75
N ARG B 194 -30.77 30.11 6.81
CA ARG B 194 -30.43 28.76 7.21
C ARG B 194 -29.39 28.13 6.29
N LYS B 195 -29.58 28.28 4.99
CA LYS B 195 -28.61 27.74 4.05
C LYS B 195 -27.30 28.49 4.21
N LEU B 196 -27.38 29.78 4.49
CA LEU B 196 -26.16 30.55 4.66
C LEU B 196 -25.42 30.06 5.89
N LYS B 197 -26.18 29.51 6.84
CA LYS B 197 -25.58 28.97 8.03
C LYS B 197 -24.89 27.66 7.66
N CYS B 198 -25.63 26.80 6.98
CA CYS B 198 -25.09 25.51 6.56
C CYS B 198 -23.77 25.71 5.84
N SER B 199 -23.57 26.89 5.27
CA SER B 199 -22.34 27.20 4.55
C SER B 199 -21.17 27.33 5.51
N THR B 200 -21.49 27.46 6.79
CA THR B 200 -20.50 27.57 7.84
C THR B 200 -19.31 28.48 7.52
N GLY B 201 -19.60 29.75 7.25
CA GLY B 201 -18.54 30.71 6.97
C GLY B 201 -17.78 30.57 5.67
N GLU B 202 -18.30 29.78 4.75
CA GLU B 202 -17.65 29.60 3.46
C GLU B 202 -18.46 30.24 2.35
N ASN B 203 -17.79 30.70 1.31
CA ASN B 203 -18.50 31.32 0.20
C ASN B 203 -19.19 30.23 -0.60
N ASN B 204 -19.91 30.64 -1.64
CA ASN B 204 -20.60 29.70 -2.49
C ASN B 204 -20.91 30.31 -3.84
N LEU B 205 -20.05 30.01 -4.80
CA LEU B 205 -20.21 30.49 -6.18
C LEU B 205 -19.75 29.39 -7.12
N GLU B 206 -20.16 29.50 -8.37
CA GLU B 206 -19.78 28.53 -9.37
C GLU B 206 -18.31 28.85 -9.57
N THR B 207 -17.47 27.82 -9.65
CA THR B 207 -16.03 28.01 -9.87
C THR B 207 -15.44 26.68 -10.38
N GLU B 208 -15.13 26.64 -11.68
CA GLU B 208 -14.63 25.44 -12.30
C GLU B 208 -13.39 25.68 -13.12
N LYS B 209 -12.82 24.57 -13.60
CA LYS B 209 -11.63 24.64 -14.44
C LYS B 209 -11.97 25.42 -15.70
N MET B 210 -11.09 26.33 -16.06
CA MET B 210 -11.27 27.17 -17.24
C MET B 210 -11.54 26.39 -18.53
N PRO B 211 -12.76 26.49 -19.09
CA PRO B 211 -13.01 25.76 -20.34
C PRO B 211 -12.09 26.38 -21.40
N PRO B 212 -11.53 25.56 -22.29
CA PRO B 212 -10.64 26.15 -23.29
C PRO B 212 -11.35 27.20 -24.14
N ASN B 213 -12.65 26.99 -24.35
CA ASN B 213 -13.47 27.89 -25.17
C ASN B 213 -13.71 29.29 -24.60
N LYS B 214 -13.33 29.52 -23.35
CA LYS B 214 -13.51 30.82 -22.72
C LYS B 214 -12.18 31.48 -22.41
N GLU B 215 -11.08 30.90 -22.90
CA GLU B 215 -9.75 31.46 -22.66
C GLU B 215 -9.49 32.71 -23.48
N GLU B 216 -10.11 32.78 -24.67
CA GLU B 216 -9.95 33.91 -25.57
C GLU B 216 -10.44 35.18 -24.89
N ARG B 217 -11.33 35.00 -23.92
CA ARG B 217 -11.88 36.10 -23.15
C ARG B 217 -10.81 36.90 -22.41
N TRP B 218 -9.82 36.20 -21.85
CA TRP B 218 -8.78 36.89 -21.10
C TRP B 218 -7.37 36.78 -21.66
N LYS B 219 -7.21 36.20 -22.83
CA LYS B 219 -5.87 36.07 -23.43
C LYS B 219 -5.62 37.22 -24.41
N LYS B 220 -6.64 38.03 -24.60
CA LYS B 220 -6.56 39.18 -25.49
C LYS B 220 -7.06 40.41 -24.75
N ARG B 221 -6.54 41.57 -25.15
CA ARG B 221 -6.97 42.84 -24.57
C ARG B 221 -8.22 43.24 -25.37
N TYR B 222 -9.25 43.70 -24.67
CA TYR B 222 -10.47 44.14 -25.33
C TYR B 222 -10.67 45.63 -25.12
N ALA B 223 -11.54 46.22 -25.93
CA ALA B 223 -11.81 47.65 -25.83
C ALA B 223 -13.20 47.96 -26.38
N VAL B 224 -13.77 49.07 -25.93
CA VAL B 224 -15.10 49.46 -26.40
C VAL B 224 -14.88 50.30 -27.66
N VAL B 225 -15.28 49.77 -28.80
CA VAL B 225 -15.12 50.46 -30.08
C VAL B 225 -16.34 51.30 -30.40
N ASP B 226 -17.47 50.62 -30.63
CA ASP B 226 -18.70 51.31 -30.96
C ASP B 226 -19.75 50.91 -29.94
N GLY B 227 -19.48 51.20 -28.66
CA GLY B 227 -20.42 50.83 -27.62
C GLY B 227 -20.43 49.32 -27.46
N LYS B 228 -19.48 48.66 -28.12
CA LYS B 228 -19.34 47.20 -28.06
C LYS B 228 -17.91 46.85 -27.68
N LEU B 229 -17.75 45.89 -26.79
CA LEU B 229 -16.41 45.46 -26.37
C LEU B 229 -15.85 44.56 -27.47
N THR B 230 -14.74 44.98 -28.08
CA THR B 230 -14.15 44.19 -29.16
C THR B 230 -12.69 43.80 -28.90
N ASN B 231 -12.30 42.68 -29.50
CA ASN B 231 -10.96 42.11 -29.39
C ASN B 231 -9.95 42.99 -30.13
N THR B 232 -9.01 43.59 -29.41
CA THR B 232 -8.01 44.45 -30.04
C THR B 232 -6.93 43.63 -30.74
N GLY B 233 -6.84 42.35 -30.39
CA GLY B 233 -5.82 41.50 -30.99
C GLY B 233 -4.50 41.50 -30.26
N ILE B 234 -4.39 42.28 -29.18
CA ILE B 234 -3.16 42.33 -28.38
C ILE B 234 -3.17 41.18 -27.38
N VAL B 235 -2.10 40.39 -27.36
CA VAL B 235 -2.03 39.27 -26.43
C VAL B 235 -1.67 39.80 -25.04
N LYS B 236 -2.48 39.45 -24.04
CA LYS B 236 -2.24 39.90 -22.67
C LYS B 236 -1.13 39.14 -21.94
N ALA B 237 -0.56 39.79 -20.94
CA ALA B 237 0.48 39.18 -20.14
C ALA B 237 -0.24 38.16 -19.26
N PRO B 238 0.52 37.22 -18.66
CA PRO B 238 -0.17 36.24 -17.82
C PRO B 238 -0.78 36.91 -16.59
N PRO B 239 -1.80 36.30 -15.99
CA PRO B 239 -2.41 36.91 -14.81
C PRO B 239 -1.40 36.99 -13.67
N PRO B 240 -1.39 38.10 -12.93
CA PRO B 240 -0.45 38.23 -11.82
C PRO B 240 -1.04 37.37 -10.69
N LEU B 241 -1.02 36.06 -10.90
CA LEU B 241 -1.57 35.13 -9.91
C LEU B 241 -0.77 33.82 -9.92
N LYS B 242 -0.66 33.17 -8.77
CA LYS B 242 0.05 31.89 -8.72
C LYS B 242 -1.01 30.83 -8.96
N THR B 243 -2.23 31.17 -8.55
CA THR B 243 -3.41 30.32 -8.69
C THR B 243 -3.89 30.40 -10.15
N PRO B 244 -4.52 29.33 -10.65
CA PRO B 244 -4.98 29.39 -12.04
C PRO B 244 -6.30 30.18 -12.10
N LEU B 245 -6.70 30.58 -13.30
CA LEU B 245 -7.97 31.30 -13.44
C LEU B 245 -9.10 30.27 -13.52
N PHE B 246 -10.19 30.56 -12.82
CA PHE B 246 -11.33 29.66 -12.83
C PHE B 246 -12.51 30.33 -13.53
N SER B 247 -13.47 29.51 -13.94
CA SER B 247 -14.62 30.01 -14.66
C SER B 247 -15.86 29.89 -13.78
N GLY B 248 -16.74 30.88 -13.84
CA GLY B 248 -17.94 30.82 -13.03
C GLY B 248 -19.05 31.69 -13.57
N SER B 249 -19.85 32.19 -12.64
CA SER B 249 -20.97 33.06 -12.94
C SER B 249 -20.65 34.47 -12.44
N ALA B 250 -21.53 35.42 -12.72
CA ALA B 250 -21.33 36.80 -12.27
C ALA B 250 -22.02 36.94 -10.91
N TYR B 251 -22.88 35.99 -10.58
CA TYR B 251 -23.58 36.01 -9.31
C TYR B 251 -22.85 35.19 -8.25
N PHE B 252 -23.02 35.58 -6.99
CA PHE B 252 -22.33 34.89 -5.92
C PHE B 252 -22.98 35.05 -4.57
N VAL B 253 -22.42 34.31 -3.63
CA VAL B 253 -22.85 34.36 -2.24
C VAL B 253 -21.53 34.35 -1.47
N VAL B 254 -21.04 35.53 -1.14
CA VAL B 254 -19.80 35.63 -0.40
C VAL B 254 -19.96 36.26 0.99
N THR B 255 -19.04 35.93 1.89
CA THR B 255 -19.07 36.46 3.26
C THR B 255 -18.54 37.89 3.30
N ARG B 256 -18.87 38.60 4.37
CA ARG B 256 -18.39 39.97 4.50
C ARG B 256 -16.86 39.98 4.51
N GLU B 257 -16.27 38.96 5.11
CA GLU B 257 -14.82 38.85 5.16
C GLU B 257 -14.19 38.80 3.76
N TYR B 258 -14.91 38.20 2.81
CA TYR B 258 -14.44 38.10 1.43
C TYR B 258 -14.39 39.50 0.81
N VAL B 259 -15.50 40.21 0.95
CA VAL B 259 -15.66 41.56 0.41
C VAL B 259 -14.56 42.48 0.89
N GLY B 260 -14.33 42.51 2.21
CA GLY B 260 -13.29 43.36 2.76
C GLY B 260 -11.97 43.00 2.12
N TYR B 261 -11.73 41.70 1.95
CA TYR B 261 -10.49 41.24 1.37
C TYR B 261 -10.25 41.70 -0.07
N VAL B 262 -11.23 41.53 -0.96
CA VAL B 262 -11.02 42.00 -2.34
C VAL B 262 -10.96 43.53 -2.35
N LEU B 263 -11.56 44.15 -1.33
CA LEU B 263 -11.54 45.62 -1.25
C LEU B 263 -10.18 46.12 -0.79
N GLU B 264 -9.59 45.44 0.20
CA GLU B 264 -8.31 45.86 0.76
C GLU B 264 -7.05 45.21 0.21
N ASN B 265 -7.06 43.89 0.08
CA ASN B 265 -5.89 43.16 -0.36
C ASN B 265 -5.12 43.71 -1.56
N GLU B 266 -3.83 43.93 -1.31
CA GLU B 266 -2.87 44.47 -2.28
C GLU B 266 -2.75 43.65 -3.56
N ASN B 267 -2.91 42.34 -3.48
CA ASN B 267 -2.79 41.49 -4.66
C ASN B 267 -4.07 41.38 -5.46
N ILE B 268 -5.21 41.21 -4.77
CA ILE B 268 -6.48 41.12 -5.48
C ILE B 268 -6.58 42.33 -6.42
N GLN B 269 -5.89 43.42 -6.05
CA GLN B 269 -5.87 44.63 -6.83
C GLN B 269 -5.10 44.47 -8.13
N LYS B 270 -3.94 43.81 -8.07
CA LYS B 270 -3.10 43.58 -9.25
C LYS B 270 -3.87 42.76 -10.29
N LEU B 271 -4.59 41.75 -9.80
CA LEU B 271 -5.38 40.86 -10.64
C LEU B 271 -6.50 41.65 -11.28
N MET B 272 -7.26 42.34 -10.44
CA MET B 272 -8.38 43.14 -10.92
C MET B 272 -8.03 44.14 -12.02
N GLU B 273 -6.91 44.84 -11.91
CA GLU B 273 -6.61 45.78 -12.96
C GLU B 273 -6.22 45.04 -14.26
N TRP B 274 -5.67 43.84 -14.10
CA TRP B 274 -5.27 43.02 -15.22
C TRP B 274 -6.51 42.52 -15.98
N ALA B 275 -7.59 42.31 -15.23
CA ALA B 275 -8.84 41.83 -15.79
C ALA B 275 -9.66 42.94 -16.45
N GLN B 276 -9.35 44.18 -16.08
CA GLN B 276 -10.08 45.32 -16.60
C GLN B 276 -10.37 45.31 -18.11
N ASP B 277 -9.40 44.91 -18.93
CA ASP B 277 -9.59 44.86 -20.37
C ASP B 277 -9.87 43.45 -20.92
N THR B 278 -10.50 42.60 -20.14
CA THR B 278 -10.81 41.26 -20.59
C THR B 278 -12.31 41.17 -20.89
N TYR B 279 -12.69 40.17 -21.67
CA TYR B 279 -14.08 39.97 -22.01
C TYR B 279 -14.81 39.24 -20.88
N SER B 280 -15.90 39.82 -20.42
CA SER B 280 -16.71 39.26 -19.35
C SER B 280 -15.97 38.92 -18.09
N PRO B 281 -15.07 39.81 -17.65
CA PRO B 281 -14.31 39.53 -16.43
C PRO B 281 -15.20 39.04 -15.28
N ASP B 282 -16.45 39.49 -15.24
CA ASP B 282 -17.36 39.08 -14.18
C ASP B 282 -17.54 37.58 -14.07
N GLU B 283 -17.32 36.85 -15.16
CA GLU B 283 -17.49 35.40 -15.12
C GLU B 283 -16.20 34.59 -14.88
N PHE B 284 -15.13 35.27 -14.46
CA PHE B 284 -13.92 34.53 -14.13
C PHE B 284 -13.20 35.13 -12.92
N LEU B 285 -13.46 36.40 -12.61
CA LEU B 285 -12.80 37.06 -11.48
C LEU B 285 -13.25 36.52 -10.12
N TRP B 286 -14.55 36.55 -9.85
CA TRP B 286 -15.06 36.07 -8.57
C TRP B 286 -14.66 34.62 -8.30
N ALA B 287 -14.86 33.76 -9.30
CA ALA B 287 -14.54 32.33 -9.23
C ALA B 287 -13.05 32.08 -9.02
N THR B 288 -12.21 32.94 -9.56
CA THR B 288 -10.76 32.80 -9.41
C THR B 288 -10.32 33.25 -8.01
N ILE B 289 -10.96 34.31 -7.50
CA ILE B 289 -10.65 34.82 -6.17
C ILE B 289 -10.97 33.73 -5.13
N GLN B 290 -12.13 33.12 -5.28
CA GLN B 290 -12.60 32.06 -4.40
C GLN B 290 -11.62 30.89 -4.20
N ARG B 291 -10.59 30.81 -5.06
CA ARG B 291 -9.63 29.72 -4.99
C ARG B 291 -8.22 30.18 -4.72
N ILE B 292 -8.09 31.40 -4.20
CA ILE B 292 -6.78 31.95 -3.88
C ILE B 292 -6.57 31.65 -2.39
N PRO B 293 -5.48 30.94 -2.05
CA PRO B 293 -5.15 30.56 -0.68
C PRO B 293 -5.57 31.49 0.46
N GLU B 294 -5.08 32.72 0.45
CA GLU B 294 -5.37 33.65 1.54
C GLU B 294 -6.79 34.22 1.69
N VAL B 295 -7.64 34.02 0.70
CA VAL B 295 -9.00 34.56 0.70
C VAL B 295 -10.00 33.90 1.66
N PRO B 296 -10.68 34.73 2.50
CA PRO B 296 -11.67 34.23 3.45
C PRO B 296 -12.81 33.46 2.80
N GLY B 297 -13.10 32.27 3.31
CA GLY B 297 -14.18 31.44 2.78
C GLY B 297 -13.89 30.76 1.46
N SER B 298 -12.65 30.84 1.02
CA SER B 298 -12.23 30.24 -0.23
C SER B 298 -12.09 28.72 -0.20
N PHE B 299 -11.73 28.16 -1.36
CA PHE B 299 -11.53 26.73 -1.55
C PHE B 299 -10.12 26.54 -2.11
N PRO B 300 -9.50 25.37 -1.87
CA PRO B 300 -8.16 25.04 -2.36
C PRO B 300 -8.30 25.02 -3.89
N SER B 301 -7.27 25.36 -4.63
CA SER B 301 -7.41 25.37 -6.10
C SER B 301 -7.46 23.99 -6.76
N SER B 302 -7.46 22.94 -5.96
CA SER B 302 -7.53 21.60 -6.52
C SER B 302 -8.95 21.43 -7.11
N ASN B 303 -9.02 20.95 -8.35
CA ASN B 303 -10.31 20.77 -9.01
C ASN B 303 -11.26 19.83 -8.29
N LYS B 304 -10.80 19.32 -7.16
CA LYS B 304 -11.61 18.43 -6.36
C LYS B 304 -12.69 19.29 -5.68
N TYR B 305 -12.41 20.60 -5.55
CA TYR B 305 -13.38 21.50 -4.92
C TYR B 305 -14.25 22.34 -5.88
N ASP B 306 -14.04 22.17 -7.19
CA ASP B 306 -14.80 22.87 -8.23
C ASP B 306 -16.28 22.80 -7.92
N LEU B 307 -17.00 23.85 -8.29
CA LEU B 307 -18.45 23.94 -8.08
C LEU B 307 -19.10 24.38 -9.37
N SER B 308 -20.01 23.56 -9.88
CA SER B 308 -20.71 23.90 -11.12
C SER B 308 -21.93 24.72 -10.73
N ASP B 309 -22.56 25.35 -11.71
CA ASP B 309 -23.74 26.15 -11.43
C ASP B 309 -24.84 25.34 -10.74
N MET B 310 -24.90 24.04 -10.99
CA MET B 310 -25.94 23.23 -10.36
C MET B 310 -25.58 22.84 -8.92
N ASN B 311 -24.28 22.70 -8.65
CA ASN B 311 -23.84 22.37 -7.30
C ASN B 311 -23.87 23.60 -6.40
N ALA B 312 -23.41 24.73 -6.92
CA ALA B 312 -23.40 25.97 -6.16
C ALA B 312 -24.85 26.35 -5.83
N ILE B 313 -25.05 27.26 -4.89
CA ILE B 313 -26.41 27.65 -4.56
C ILE B 313 -26.76 29.05 -5.05
N ALA B 314 -25.78 29.73 -5.64
CA ALA B 314 -25.99 31.10 -6.14
C ALA B 314 -27.24 31.29 -7.00
N ARG B 315 -27.22 30.79 -8.24
CA ARG B 315 -28.37 31.00 -9.10
C ARG B 315 -28.75 29.85 -9.98
N PHE B 316 -30.04 29.52 -10.01
CA PHE B 316 -30.52 28.47 -10.89
C PHE B 316 -30.80 29.10 -12.25
N VAL B 317 -30.12 28.60 -13.27
CA VAL B 317 -30.29 29.12 -14.61
C VAL B 317 -30.36 27.96 -15.61
N LYS B 318 -31.28 28.03 -16.56
CA LYS B 318 -31.42 27.00 -17.60
C LYS B 318 -30.81 27.47 -18.92
N TRP B 319 -29.77 26.81 -19.39
CA TRP B 319 -29.19 27.18 -20.68
C TRP B 319 -29.84 26.33 -21.79
N GLN B 320 -30.21 26.99 -22.87
CA GLN B 320 -30.88 26.35 -24.00
C GLN B 320 -30.29 25.01 -24.39
N TYR B 321 -28.98 24.99 -24.61
CA TYR B 321 -28.29 23.79 -25.03
C TYR B 321 -28.06 22.64 -24.04
N PHE B 322 -28.71 22.68 -22.88
CA PHE B 322 -28.57 21.60 -21.89
C PHE B 322 -29.94 21.06 -21.53
N GLU B 323 -30.98 21.81 -21.86
CA GLU B 323 -32.33 21.36 -21.56
C GLU B 323 -32.64 20.07 -22.30
N GLY B 324 -33.46 19.22 -21.68
CA GLY B 324 -33.80 17.96 -22.30
C GLY B 324 -34.54 17.05 -21.35
N ASP B 325 -34.30 15.75 -21.50
CA ASP B 325 -34.92 14.72 -20.67
C ASP B 325 -34.06 14.51 -19.41
N VAL B 326 -34.53 14.96 -18.25
CA VAL B 326 -33.75 14.79 -17.01
C VAL B 326 -33.53 13.33 -16.70
N SER B 327 -34.25 12.47 -17.42
CA SER B 327 -34.14 11.03 -17.25
C SER B 327 -33.18 10.51 -18.30
N ASN B 328 -32.26 11.36 -18.75
CA ASN B 328 -31.30 10.91 -19.75
C ASN B 328 -30.10 11.82 -20.00
N GLY B 329 -29.54 12.39 -18.94
CA GLY B 329 -28.37 13.23 -19.08
C GLY B 329 -28.59 14.72 -19.07
N ALA B 330 -29.83 15.16 -18.86
CA ALA B 330 -30.08 16.59 -18.86
C ALA B 330 -30.16 17.10 -17.44
N PRO B 331 -29.51 18.25 -17.19
CA PRO B 331 -29.50 18.86 -15.87
C PRO B 331 -30.92 19.26 -15.48
N TYR B 332 -31.65 19.78 -16.46
CA TYR B 332 -33.03 20.23 -16.23
C TYR B 332 -33.94 20.07 -17.46
N PRO B 333 -35.26 20.13 -17.25
CA PRO B 333 -36.31 20.01 -18.28
C PRO B 333 -36.26 21.16 -19.29
N PRO B 334 -37.06 21.07 -20.37
CA PRO B 334 -37.04 22.17 -21.34
C PRO B 334 -37.79 23.41 -20.87
N CYS B 335 -37.39 24.55 -21.39
CA CYS B 335 -37.97 25.85 -21.04
C CYS B 335 -39.41 26.05 -21.50
N SER B 336 -40.27 26.48 -20.58
CA SER B 336 -41.68 26.72 -20.88
C SER B 336 -41.91 28.15 -21.40
N GLY B 337 -40.92 29.01 -21.24
CA GLY B 337 -41.03 30.39 -21.69
C GLY B 337 -40.21 30.56 -22.94
N VAL B 338 -39.45 31.65 -23.03
CA VAL B 338 -38.62 31.88 -24.21
C VAL B 338 -37.14 31.93 -23.85
N HIS B 339 -36.28 32.13 -24.85
CA HIS B 339 -34.83 32.20 -24.64
C HIS B 339 -34.21 33.47 -25.19
N VAL B 340 -33.34 34.10 -24.41
CA VAL B 340 -32.67 35.29 -24.85
C VAL B 340 -31.21 35.01 -24.58
N ARG B 341 -30.42 34.99 -25.64
CA ARG B 341 -29.00 34.69 -25.52
C ARG B 341 -28.86 33.33 -24.82
N SER B 342 -29.53 32.32 -25.38
CA SER B 342 -29.50 30.95 -24.86
C SER B 342 -29.98 30.78 -23.43
N VAL B 343 -30.37 31.86 -22.77
CA VAL B 343 -30.84 31.74 -21.40
C VAL B 343 -32.36 31.67 -21.31
N CYS B 344 -32.87 30.63 -20.68
CA CYS B 344 -34.30 30.49 -20.55
C CYS B 344 -34.95 31.57 -19.68
N VAL B 345 -35.91 32.29 -20.25
CA VAL B 345 -36.63 33.29 -19.46
C VAL B 345 -37.87 32.53 -18.99
N PHE B 346 -37.81 32.03 -17.76
CA PHE B 346 -38.87 31.21 -17.18
C PHE B 346 -40.32 31.55 -17.46
N GLY B 347 -41.13 30.49 -17.50
CA GLY B 347 -42.55 30.59 -17.73
C GLY B 347 -43.26 29.78 -16.65
N ALA B 348 -44.55 30.01 -16.48
CA ALA B 348 -45.34 29.30 -15.48
C ALA B 348 -45.10 27.79 -15.48
N GLY B 349 -44.69 27.25 -16.62
CA GLY B 349 -44.44 25.82 -16.68
C GLY B 349 -43.18 25.36 -15.97
N ASP B 350 -42.21 26.25 -15.81
CA ASP B 350 -40.96 25.86 -15.16
C ASP B 350 -41.02 25.79 -13.65
N LEU B 351 -41.83 26.66 -13.05
CA LEU B 351 -41.96 26.73 -11.60
C LEU B 351 -41.90 25.46 -10.78
N SER B 352 -42.73 24.48 -11.11
CA SER B 352 -42.79 23.23 -10.36
C SER B 352 -41.45 22.55 -10.08
N TRP B 353 -40.65 22.37 -11.12
CA TRP B 353 -39.35 21.72 -11.02
C TRP B 353 -38.38 22.63 -10.29
N MET B 354 -38.30 23.86 -10.78
CA MET B 354 -37.42 24.89 -10.25
C MET B 354 -37.51 24.96 -8.73
N LEU B 355 -38.72 25.07 -8.20
CA LEU B 355 -38.88 25.18 -6.76
C LEU B 355 -38.26 24.03 -5.96
N ARG B 356 -37.98 22.91 -6.61
CA ARG B 356 -37.39 21.77 -5.91
C ARG B 356 -35.86 21.79 -5.91
N GLN B 357 -35.28 22.85 -6.47
CA GLN B 357 -33.82 22.97 -6.52
C GLN B 357 -33.35 23.67 -5.26
N HIS B 358 -32.05 23.59 -5.00
CA HIS B 358 -31.51 24.16 -3.76
C HIS B 358 -31.02 25.60 -3.85
N HIS B 359 -31.12 26.19 -5.04
CA HIS B 359 -30.66 27.56 -5.24
C HIS B 359 -31.40 28.67 -4.48
N LEU B 360 -30.72 29.78 -4.27
CA LEU B 360 -31.35 30.89 -3.55
C LEU B 360 -32.24 31.74 -4.46
N PHE B 361 -31.76 32.01 -5.67
CA PHE B 361 -32.48 32.81 -6.65
C PHE B 361 -32.42 32.17 -8.03
N ALA B 362 -33.45 32.44 -8.84
CA ALA B 362 -33.50 31.91 -10.21
C ALA B 362 -33.42 33.07 -11.20
N ASN B 363 -32.90 32.79 -12.39
CA ASN B 363 -32.74 33.79 -13.43
C ASN B 363 -32.92 33.14 -14.80
N LYS B 364 -33.66 33.77 -15.71
CA LYS B 364 -34.32 35.06 -15.49
C LYS B 364 -35.84 35.00 -15.68
N PHE B 365 -36.52 36.05 -15.25
CA PHE B 365 -37.97 36.18 -15.37
C PHE B 365 -38.23 37.48 -16.11
N ASP B 366 -39.42 37.63 -16.67
CA ASP B 366 -39.76 38.86 -17.37
C ASP B 366 -41.26 39.09 -17.39
N MET B 367 -41.68 40.20 -16.78
CA MET B 367 -43.08 40.59 -16.74
C MET B 367 -43.65 40.63 -18.15
N ASP B 368 -42.77 40.91 -19.11
CA ASP B 368 -43.15 40.96 -20.52
C ASP B 368 -43.14 39.63 -21.24
N VAL B 369 -42.94 38.54 -20.50
CA VAL B 369 -42.92 37.23 -21.14
C VAL B 369 -43.84 36.29 -20.36
N ASP B 370 -43.95 36.51 -19.07
CA ASP B 370 -44.82 35.69 -18.26
C ASP B 370 -44.90 36.23 -16.85
N PRO B 371 -45.84 37.15 -16.61
CA PRO B 371 -45.97 37.72 -15.26
C PRO B 371 -46.47 36.69 -14.25
N PHE B 372 -46.93 35.54 -14.74
CA PHE B 372 -47.46 34.51 -13.85
C PHE B 372 -46.40 33.66 -13.17
N ALA B 373 -45.22 33.58 -13.80
CA ALA B 373 -44.12 32.82 -13.22
C ALA B 373 -43.75 33.57 -11.94
N ILE B 374 -43.73 34.89 -12.05
CA ILE B 374 -43.38 35.77 -10.96
C ILE B 374 -44.48 35.90 -9.90
N GLN B 375 -45.74 35.99 -10.34
CA GLN B 375 -46.86 36.12 -9.41
C GLN B 375 -46.96 34.92 -8.49
N CYS B 376 -47.07 33.74 -9.09
CA CYS B 376 -47.20 32.51 -8.34
C CYS B 376 -46.01 32.35 -7.39
N LEU B 377 -44.82 32.59 -7.92
CA LEU B 377 -43.63 32.47 -7.10
C LEU B 377 -43.73 33.46 -5.94
N ASP B 378 -44.06 34.70 -6.30
CA ASP B 378 -44.20 35.79 -5.35
C ASP B 378 -45.08 35.42 -4.15
N GLU B 379 -46.34 35.11 -4.42
CA GLU B 379 -47.29 34.76 -3.36
C GLU B 379 -46.82 33.58 -2.54
N HIS B 380 -46.32 32.54 -3.22
CA HIS B 380 -45.85 31.35 -2.54
C HIS B 380 -44.81 31.68 -1.46
N LEU B 381 -43.80 32.45 -1.82
CA LEU B 381 -42.76 32.82 -0.87
C LEU B 381 -43.33 33.61 0.31
N ARG B 382 -44.25 34.54 0.01
CA ARG B 382 -44.86 35.35 1.06
C ARG B 382 -45.70 34.49 2.00
N ARG B 383 -46.55 33.62 1.45
CA ARG B 383 -47.38 32.74 2.27
C ARG B 383 -46.52 31.79 3.10
N LYS B 384 -45.60 31.12 2.43
CA LYS B 384 -44.68 30.16 3.05
C LYS B 384 -43.87 30.83 4.16
N ALA B 385 -43.62 32.12 4.00
CA ALA B 385 -42.87 32.89 4.97
C ALA B 385 -43.74 33.35 6.13
N LEU B 386 -45.04 33.34 5.94
CA LEU B 386 -45.93 33.76 7.01
C LEU B 386 -46.53 32.61 7.80
N GLU B 387 -46.58 31.42 7.20
CA GLU B 387 -47.11 30.27 7.91
C GLU B 387 -46.32 30.16 9.23
N ARG C 7 35.69 -26.65 -31.71
CA ARG C 7 34.84 -27.45 -32.63
C ARG C 7 33.58 -26.73 -33.07
N HIS C 8 32.66 -27.50 -33.66
CA HIS C 8 31.39 -26.97 -34.14
C HIS C 8 30.23 -27.49 -33.30
N LEU C 9 30.10 -26.95 -32.09
CA LEU C 9 29.01 -27.35 -31.19
C LEU C 9 28.28 -26.13 -30.66
N GLU C 10 28.83 -24.95 -30.89
CA GLU C 10 28.19 -23.72 -30.45
C GLU C 10 26.87 -23.62 -31.22
N LEU C 11 25.92 -22.87 -30.68
CA LEU C 11 24.63 -22.72 -31.33
C LEU C 11 24.42 -21.32 -31.87
N ASN C 19 19.17 -11.87 -36.93
CA ASN C 19 20.08 -10.73 -37.09
C ASN C 19 20.28 -9.99 -35.77
N VAL C 20 19.70 -10.53 -34.70
CA VAL C 20 19.80 -9.92 -33.37
C VAL C 20 21.12 -10.27 -32.67
N ASN C 21 21.71 -9.27 -32.04
CA ASN C 21 22.99 -9.43 -31.33
C ASN C 21 22.70 -9.96 -29.92
N CYS C 22 23.00 -11.23 -29.68
CA CYS C 22 22.75 -11.85 -28.39
C CYS C 22 23.53 -11.22 -27.25
N THR C 23 24.81 -10.94 -27.47
CA THR C 23 25.63 -10.34 -26.44
C THR C 23 24.99 -9.06 -25.92
N LYS C 24 24.64 -8.16 -26.83
CA LYS C 24 24.04 -6.91 -26.42
C LYS C 24 22.80 -7.18 -25.57
N ILE C 25 22.13 -8.30 -25.83
CA ILE C 25 20.94 -8.66 -25.07
C ILE C 25 21.30 -9.03 -23.63
N LEU C 26 22.30 -9.89 -23.47
CA LEU C 26 22.74 -10.31 -22.16
C LEU C 26 23.27 -9.14 -21.35
N GLN C 27 23.66 -8.07 -22.03
CA GLN C 27 24.20 -6.90 -21.34
C GLN C 27 23.13 -5.91 -20.90
N GLY C 28 22.02 -5.87 -21.61
CA GLY C 28 20.95 -4.96 -21.24
C GLY C 28 20.88 -3.70 -22.07
N ASP C 29 21.14 -3.82 -23.37
CA ASP C 29 21.10 -2.68 -24.28
C ASP C 29 19.66 -2.36 -24.65
N PRO C 30 19.17 -1.18 -24.25
CA PRO C 30 17.79 -0.77 -24.54
C PRO C 30 17.47 -0.79 -26.04
N GLU C 31 18.49 -0.65 -26.88
CA GLU C 31 18.29 -0.66 -28.33
C GLU C 31 17.78 -2.04 -28.73
N GLU C 32 18.62 -3.04 -28.51
CA GLU C 32 18.30 -4.43 -28.83
C GLU C 32 16.93 -4.85 -28.30
N ILE C 33 16.70 -4.59 -27.02
CA ILE C 33 15.45 -4.94 -26.38
C ILE C 33 14.24 -4.38 -27.12
N GLN C 34 14.36 -3.14 -27.60
CA GLN C 34 13.27 -2.53 -28.36
C GLN C 34 13.30 -3.15 -29.75
N LYS C 35 14.50 -3.50 -30.19
CA LYS C 35 14.69 -4.11 -31.50
C LYS C 35 13.88 -5.40 -31.61
N VAL C 36 13.97 -6.24 -30.59
CA VAL C 36 13.24 -7.51 -30.57
C VAL C 36 11.77 -7.33 -30.18
N LYS C 37 11.52 -6.53 -29.14
CA LYS C 37 10.16 -6.26 -28.67
C LYS C 37 9.22 -5.91 -29.81
N LEU C 38 9.79 -5.41 -30.90
CA LEU C 38 9.00 -5.01 -32.06
C LEU C 38 8.75 -6.14 -33.04
N GLU C 39 9.82 -6.80 -33.49
CA GLU C 39 9.68 -7.88 -34.46
C GLU C 39 8.77 -9.03 -34.01
N ILE C 40 8.61 -9.20 -32.70
CA ILE C 40 7.76 -10.26 -32.17
C ILE C 40 6.29 -9.98 -32.45
N LEU C 41 5.97 -8.71 -32.72
CA LEU C 41 4.61 -8.30 -33.01
C LEU C 41 4.32 -8.41 -34.50
N THR C 42 5.37 -8.39 -35.30
CA THR C 42 5.26 -8.50 -36.76
C THR C 42 4.36 -9.67 -37.16
N VAL C 43 3.76 -9.59 -38.34
CA VAL C 43 2.91 -10.66 -38.84
C VAL C 43 3.83 -11.65 -39.57
N GLN C 44 5.00 -11.15 -39.96
CA GLN C 44 6.01 -11.93 -40.63
C GLN C 44 6.57 -12.95 -39.64
N PHE C 45 6.96 -12.45 -38.48
CA PHE C 45 7.51 -13.28 -37.42
C PHE C 45 6.54 -14.37 -36.97
N LYS C 46 5.44 -13.96 -36.34
CA LYS C 46 4.43 -14.90 -35.87
C LYS C 46 4.27 -16.10 -36.81
N LYS C 47 4.16 -15.82 -38.10
CA LYS C 47 4.02 -16.88 -39.10
C LYS C 47 5.40 -17.24 -39.66
N ARG C 48 6.19 -17.95 -38.85
CA ARG C 48 7.53 -18.35 -39.27
C ARG C 48 7.65 -19.87 -39.35
N PRO C 49 8.72 -20.38 -39.98
CA PRO C 49 8.93 -21.82 -40.12
C PRO C 49 8.96 -22.55 -38.77
N ARG C 50 7.84 -23.13 -38.38
CA ARG C 50 7.75 -23.85 -37.10
C ARG C 50 7.77 -25.37 -37.25
N TRP C 51 8.75 -26.03 -36.63
CA TRP C 51 8.85 -27.48 -36.70
C TRP C 51 7.68 -28.14 -36.00
N THR C 52 6.92 -28.94 -36.75
CA THR C 52 5.77 -29.64 -36.21
C THR C 52 6.17 -31.00 -35.63
N PRO C 53 5.28 -31.65 -34.86
CA PRO C 53 5.64 -32.96 -34.29
C PRO C 53 6.03 -33.98 -35.36
N HIS C 54 5.24 -34.05 -36.43
CA HIS C 54 5.54 -34.99 -37.52
C HIS C 54 6.98 -34.79 -37.96
N ASP C 55 7.41 -33.53 -38.01
CA ASP C 55 8.77 -33.22 -38.42
C ASP C 55 9.79 -33.85 -37.48
N TYR C 56 9.46 -33.87 -36.18
CA TYR C 56 10.37 -34.45 -35.21
C TYR C 56 10.35 -35.95 -35.35
N ILE C 57 9.17 -36.50 -35.59
CA ILE C 57 9.03 -37.94 -35.77
C ILE C 57 9.87 -38.32 -36.99
N ASN C 58 9.73 -37.54 -38.05
CA ASN C 58 10.46 -37.79 -39.28
C ASN C 58 11.95 -37.64 -38.97
N MET C 59 12.29 -36.63 -38.19
CA MET C 59 13.68 -36.36 -37.85
C MET C 59 14.33 -37.38 -36.93
N THR C 60 13.57 -37.93 -35.99
CA THR C 60 14.13 -38.89 -35.04
C THR C 60 14.11 -40.34 -35.50
N ARG C 61 13.76 -40.58 -36.74
CA ARG C 61 13.74 -41.96 -37.22
C ARG C 61 15.17 -42.44 -37.44
N ASP C 62 16.11 -41.50 -37.37
CA ASP C 62 17.55 -41.81 -37.52
C ASP C 62 18.34 -41.09 -36.43
N CYS C 63 18.37 -41.69 -35.24
CA CYS C 63 19.06 -41.14 -34.10
C CYS C 63 20.42 -40.51 -34.39
N ALA C 64 21.28 -41.26 -35.07
CA ALA C 64 22.62 -40.76 -35.38
C ALA C 64 22.63 -39.37 -36.01
N SER C 65 21.73 -39.16 -36.98
CA SER C 65 21.66 -37.89 -37.68
C SER C 65 21.11 -36.79 -36.77
N PHE C 66 20.00 -37.09 -36.11
CA PHE C 66 19.35 -36.16 -35.19
C PHE C 66 20.36 -35.68 -34.14
N ILE C 67 20.88 -36.62 -33.36
CA ILE C 67 21.84 -36.31 -32.32
C ILE C 67 23.02 -35.49 -32.82
N ARG C 68 23.30 -35.55 -34.12
CA ARG C 68 24.41 -34.79 -34.66
C ARG C 68 23.92 -33.50 -35.32
N THR C 69 22.66 -33.50 -35.77
CA THR C 69 22.06 -32.34 -36.41
C THR C 69 21.64 -31.29 -35.39
N ARG C 70 20.92 -31.72 -34.36
CA ARG C 70 20.46 -30.82 -33.31
C ARG C 70 21.60 -30.49 -32.34
N LYS C 71 22.76 -31.08 -32.59
CA LYS C 71 23.96 -30.85 -31.78
C LYS C 71 23.88 -31.22 -30.31
N TYR C 72 23.22 -32.32 -29.98
CA TYR C 72 23.15 -32.79 -28.60
C TYR C 72 24.57 -33.17 -28.20
N ILE C 73 24.83 -33.26 -26.90
CA ILE C 73 26.18 -33.64 -26.44
C ILE C 73 26.13 -35.02 -25.77
N VAL C 74 26.78 -35.98 -26.42
CA VAL C 74 26.82 -37.37 -25.95
C VAL C 74 28.06 -37.80 -25.18
N GLU C 75 28.95 -36.87 -24.88
CA GLU C 75 30.15 -37.22 -24.13
C GLU C 75 30.38 -36.27 -22.96
N PRO C 76 30.64 -36.83 -21.76
CA PRO C 76 30.87 -36.01 -20.58
C PRO C 76 31.90 -34.92 -20.88
N LEU C 77 31.68 -33.72 -20.34
CA LEU C 77 32.60 -32.61 -20.60
C LEU C 77 33.73 -32.50 -19.58
N THR C 78 33.56 -33.15 -18.43
CA THR C 78 34.58 -33.15 -17.38
C THR C 78 34.38 -34.38 -16.52
N LYS C 79 35.41 -34.74 -15.76
CA LYS C 79 35.30 -35.88 -14.88
C LYS C 79 34.42 -35.48 -13.70
N GLU C 80 34.56 -34.22 -13.26
CA GLU C 80 33.77 -33.73 -12.13
C GLU C 80 32.30 -34.03 -12.33
N GLU C 81 31.81 -33.69 -13.52
CA GLU C 81 30.41 -33.91 -13.89
C GLU C 81 30.05 -35.40 -13.85
N VAL C 82 30.86 -36.23 -14.51
CA VAL C 82 30.60 -37.66 -14.54
C VAL C 82 30.46 -38.21 -13.12
N GLY C 83 31.30 -37.71 -12.22
CA GLY C 83 31.24 -38.17 -10.85
C GLY C 83 30.00 -37.70 -10.12
N PHE C 84 29.26 -36.77 -10.71
CA PHE C 84 28.07 -36.25 -10.05
C PHE C 84 26.79 -36.35 -10.90
N PRO C 85 26.18 -37.54 -10.95
CA PRO C 85 24.96 -37.81 -11.72
C PRO C 85 23.69 -37.14 -11.18
N ILE C 86 23.02 -36.43 -12.09
CA ILE C 86 21.77 -35.72 -11.78
C ILE C 86 20.60 -36.43 -12.45
N ALA C 87 19.45 -36.46 -11.80
CA ALA C 87 18.28 -37.08 -12.37
C ALA C 87 17.22 -35.99 -12.63
N TYR C 88 16.60 -36.01 -13.80
CA TYR C 88 15.58 -35.03 -14.15
C TYR C 88 14.22 -35.67 -14.39
N SER C 89 13.19 -34.96 -13.96
CA SER C 89 11.81 -35.39 -14.16
C SER C 89 11.14 -34.28 -14.96
N ILE C 90 11.03 -34.44 -16.28
CA ILE C 90 10.42 -33.43 -17.14
C ILE C 90 8.93 -33.71 -17.41
N VAL C 91 8.03 -32.87 -16.88
CA VAL C 91 6.59 -33.02 -17.11
C VAL C 91 6.11 -32.07 -18.23
N VAL C 92 5.63 -32.65 -19.32
CA VAL C 92 5.18 -31.86 -20.47
C VAL C 92 3.85 -32.30 -21.09
N HIS C 93 3.33 -31.50 -22.02
CA HIS C 93 2.08 -31.85 -22.70
C HIS C 93 2.00 -31.33 -24.12
N HIS C 94 2.97 -30.52 -24.53
CA HIS C 94 2.98 -30.01 -25.90
C HIS C 94 4.19 -29.12 -26.19
N LYS C 95 4.24 -28.55 -27.38
CA LYS C 95 5.35 -27.69 -27.79
C LYS C 95 6.62 -28.51 -27.81
N ILE C 96 6.72 -29.38 -28.83
CA ILE C 96 7.84 -30.28 -28.99
C ILE C 96 9.17 -29.60 -29.27
N GLU C 97 9.14 -28.45 -29.95
CA GLU C 97 10.39 -27.77 -30.26
C GLU C 97 10.96 -27.17 -29.00
N MET C 98 10.09 -26.91 -28.03
CA MET C 98 10.52 -26.36 -26.76
C MET C 98 11.13 -27.49 -25.95
N LEU C 99 10.48 -28.65 -26.02
CA LEU C 99 10.97 -29.83 -25.31
C LEU C 99 12.35 -30.24 -25.85
N ASP C 100 12.50 -30.22 -27.17
CA ASP C 100 13.77 -30.57 -27.77
C ASP C 100 14.81 -29.60 -27.24
N ARG C 101 14.53 -28.33 -27.41
CA ARG C 101 15.45 -27.29 -26.98
C ARG C 101 15.82 -27.36 -25.51
N LEU C 102 14.84 -27.62 -24.65
CA LEU C 102 15.10 -27.73 -23.23
C LEU C 102 16.03 -28.91 -22.95
N LEU C 103 15.61 -30.10 -23.38
CA LEU C 103 16.40 -31.32 -23.18
C LEU C 103 17.83 -31.15 -23.65
N ARG C 104 18.03 -30.67 -24.86
CA ARG C 104 19.37 -30.47 -25.38
C ARG C 104 20.23 -29.62 -24.41
N ALA C 105 19.60 -28.61 -23.81
CA ALA C 105 20.28 -27.71 -22.89
C ALA C 105 20.76 -28.37 -21.59
N ILE C 106 20.09 -29.45 -21.17
CA ILE C 106 20.48 -30.12 -19.95
C ILE C 106 21.08 -31.52 -20.16
N TYR C 107 20.95 -32.07 -21.36
CA TYR C 107 21.44 -33.41 -21.63
C TYR C 107 22.95 -33.61 -21.50
N MET C 108 23.29 -34.62 -20.70
CA MET C 108 24.67 -35.04 -20.46
C MET C 108 24.50 -36.55 -20.38
N PRO C 109 25.44 -37.32 -20.94
CA PRO C 109 25.34 -38.78 -20.89
C PRO C 109 25.29 -39.45 -19.51
N GLN C 110 25.91 -38.85 -18.50
CA GLN C 110 25.89 -39.43 -17.15
C GLN C 110 24.59 -39.20 -16.39
N ASN C 111 23.78 -38.26 -16.86
CA ASN C 111 22.52 -37.95 -16.20
C ASN C 111 21.37 -38.91 -16.53
N PHE C 112 20.23 -38.67 -15.92
CA PHE C 112 19.05 -39.50 -16.15
C PHE C 112 17.85 -38.60 -16.33
N TYR C 113 17.12 -38.82 -17.43
CA TYR C 113 15.95 -38.02 -17.79
C TYR C 113 14.68 -38.82 -17.99
N CYS C 114 13.71 -38.60 -17.11
CA CYS C 114 12.43 -39.28 -17.23
C CYS C 114 11.41 -38.28 -17.73
N ILE C 115 10.91 -38.49 -18.93
CA ILE C 115 9.92 -37.56 -19.46
C ILE C 115 8.50 -38.03 -19.22
N HIS C 116 7.70 -37.19 -18.57
CA HIS C 116 6.32 -37.54 -18.30
C HIS C 116 5.39 -36.78 -19.25
N VAL C 117 4.87 -37.49 -20.24
CA VAL C 117 3.98 -36.91 -21.23
C VAL C 117 2.53 -37.05 -20.79
N ASP C 118 1.80 -35.94 -20.76
CA ASP C 118 0.40 -35.97 -20.35
C ASP C 118 -0.45 -36.88 -21.25
N ARG C 119 -1.27 -37.67 -20.61
CA ARG C 119 -2.16 -38.61 -21.27
C ARG C 119 -3.18 -37.90 -22.18
N LYS C 120 -3.23 -36.57 -22.13
CA LYS C 120 -4.16 -35.83 -22.96
C LYS C 120 -3.46 -35.15 -24.12
N ALA C 121 -2.15 -35.32 -24.21
CA ALA C 121 -1.39 -34.71 -25.29
C ALA C 121 -1.78 -35.32 -26.63
N GLU C 122 -1.37 -34.68 -27.72
CA GLU C 122 -1.68 -35.18 -29.06
C GLU C 122 -0.87 -36.45 -29.35
N GLU C 123 -1.47 -37.35 -30.12
CA GLU C 123 -0.84 -38.60 -30.52
C GLU C 123 0.54 -38.36 -31.09
N SER C 124 0.61 -37.44 -32.04
CA SER C 124 1.87 -37.14 -32.68
C SER C 124 2.85 -36.50 -31.71
N PHE C 125 2.35 -35.77 -30.70
CA PHE C 125 3.26 -35.16 -29.75
C PHE C 125 3.96 -36.29 -28.98
N LEU C 126 3.16 -37.17 -28.38
CA LEU C 126 3.67 -38.31 -27.64
C LEU C 126 4.66 -39.09 -28.49
N ALA C 127 4.22 -39.47 -29.69
CA ALA C 127 5.05 -40.21 -30.62
C ALA C 127 6.35 -39.45 -30.87
N ALA C 128 6.27 -38.13 -30.96
CA ALA C 128 7.44 -37.31 -31.20
C ALA C 128 8.36 -37.32 -29.98
N VAL C 129 7.79 -37.50 -28.81
CA VAL C 129 8.61 -37.55 -27.60
C VAL C 129 9.38 -38.88 -27.60
N GLN C 130 8.67 -40.01 -27.67
CA GLN C 130 9.33 -41.30 -27.70
C GLN C 130 10.42 -41.19 -28.73
N GLY C 131 10.10 -40.57 -29.86
CA GLY C 131 11.04 -40.40 -30.93
C GLY C 131 12.38 -39.94 -30.42
N ILE C 132 12.39 -38.80 -29.73
CA ILE C 132 13.62 -38.22 -29.19
C ILE C 132 14.20 -39.00 -28.01
N ALA C 133 13.34 -39.34 -27.06
CA ALA C 133 13.74 -40.07 -25.87
C ALA C 133 14.35 -41.41 -26.24
N SER C 134 13.99 -41.88 -27.42
CA SER C 134 14.43 -43.16 -27.90
C SER C 134 15.79 -43.17 -28.58
N CYS C 135 16.48 -42.03 -28.59
CA CYS C 135 17.80 -41.96 -29.20
C CYS C 135 18.88 -42.01 -28.14
N PHE C 136 18.46 -42.09 -26.88
CA PHE C 136 19.41 -42.10 -25.76
C PHE C 136 18.92 -43.12 -24.73
N ASP C 137 19.85 -43.82 -24.09
CA ASP C 137 19.46 -44.83 -23.10
C ASP C 137 19.11 -44.20 -21.75
N ASN C 138 19.66 -43.02 -21.49
CA ASN C 138 19.40 -42.30 -20.23
C ASN C 138 18.18 -41.40 -20.27
N VAL C 139 17.43 -41.44 -21.37
CA VAL C 139 16.21 -40.66 -21.55
C VAL C 139 15.07 -41.63 -21.86
N PHE C 140 13.98 -41.53 -21.14
CA PHE C 140 12.88 -42.43 -21.37
C PHE C 140 11.53 -41.81 -20.97
N VAL C 141 10.44 -42.52 -21.23
CA VAL C 141 9.10 -42.04 -20.88
C VAL C 141 8.51 -42.80 -19.68
N ALA C 142 8.23 -42.08 -18.60
CA ALA C 142 7.67 -42.69 -17.39
C ALA C 142 6.74 -43.88 -17.67
N SER C 143 6.91 -44.94 -16.88
CA SER C 143 6.14 -46.17 -17.06
C SER C 143 4.66 -45.99 -16.81
N GLN C 144 4.30 -44.92 -16.14
CA GLN C 144 2.90 -44.65 -15.87
C GLN C 144 2.65 -43.20 -16.26
N LEU C 145 1.50 -42.93 -16.86
CA LEU C 145 1.21 -41.56 -17.24
C LEU C 145 -0.12 -41.13 -16.65
N GLU C 146 -0.19 -39.88 -16.22
CA GLU C 146 -1.40 -39.38 -15.63
C GLU C 146 -2.05 -38.36 -16.57
N SER C 147 -3.33 -38.10 -16.32
CA SER C 147 -4.07 -37.11 -17.08
C SER C 147 -4.03 -35.90 -16.14
N VAL C 148 -3.09 -35.00 -16.42
CA VAL C 148 -2.88 -33.80 -15.59
C VAL C 148 -3.92 -32.69 -15.74
N VAL C 149 -4.62 -32.43 -14.65
CA VAL C 149 -5.63 -31.37 -14.56
C VAL C 149 -5.01 -30.28 -13.68
N TYR C 150 -4.92 -29.07 -14.21
CA TYR C 150 -4.35 -27.95 -13.47
C TYR C 150 -4.68 -27.92 -12.00
N ALA C 151 -3.63 -27.85 -11.18
CA ALA C 151 -3.74 -27.78 -9.71
C ALA C 151 -4.22 -29.04 -9.01
N SER C 152 -4.20 -30.18 -9.68
CA SER C 152 -4.69 -31.40 -9.03
C SER C 152 -3.62 -32.37 -8.57
N TRP C 153 -4.01 -33.28 -7.70
CA TRP C 153 -3.10 -34.28 -7.20
C TRP C 153 -2.24 -34.88 -8.32
N THR C 154 -2.87 -35.19 -9.44
CA THR C 154 -2.20 -35.79 -10.60
C THR C 154 -0.90 -35.10 -11.01
N ARG C 155 -0.79 -33.80 -10.80
CA ARG C 155 0.44 -33.08 -11.14
C ARG C 155 1.59 -33.59 -10.26
N VAL C 156 1.23 -33.97 -9.04
CA VAL C 156 2.20 -34.48 -8.10
C VAL C 156 2.53 -35.91 -8.49
N LYS C 157 1.49 -36.70 -8.71
CA LYS C 157 1.71 -38.09 -9.08
C LYS C 157 2.55 -38.18 -10.34
N ALA C 158 2.44 -37.19 -11.22
CA ALA C 158 3.23 -37.20 -12.44
C ALA C 158 4.68 -37.27 -11.98
N ASP C 159 5.02 -36.44 -11.00
CA ASP C 159 6.39 -36.43 -10.51
C ASP C 159 6.70 -37.70 -9.72
N LEU C 160 5.73 -38.23 -8.99
CA LEU C 160 5.96 -39.45 -8.23
C LEU C 160 6.29 -40.59 -9.20
N ASN C 161 5.61 -40.60 -10.37
CA ASN C 161 5.83 -41.60 -11.41
C ASN C 161 7.28 -41.60 -11.87
N CYS C 162 7.85 -40.42 -12.07
CA CYS C 162 9.25 -40.30 -12.49
C CYS C 162 10.25 -40.59 -11.36
N MET C 163 9.84 -40.35 -10.11
CA MET C 163 10.73 -40.62 -9.01
C MET C 163 10.87 -42.13 -8.91
N LYS C 164 9.73 -42.81 -8.91
CA LYS C 164 9.67 -44.26 -8.83
C LYS C 164 10.52 -44.91 -9.92
N ASP C 165 10.46 -44.33 -11.11
CA ASP C 165 11.19 -44.85 -12.24
C ASP C 165 12.67 -44.57 -12.21
N LEU C 166 13.05 -43.39 -11.71
CA LEU C 166 14.46 -43.00 -11.65
C LEU C 166 15.17 -43.59 -10.44
N TYR C 167 14.43 -43.76 -9.36
CA TYR C 167 14.99 -44.29 -8.13
C TYR C 167 15.45 -45.74 -8.26
N ARG C 168 14.55 -46.60 -8.72
CA ARG C 168 14.85 -48.02 -8.88
C ARG C 168 15.70 -48.27 -10.12
N MET C 169 15.75 -47.29 -11.00
CA MET C 169 16.52 -47.41 -12.23
C MET C 169 18.01 -47.42 -11.89
N ASN C 170 18.51 -46.27 -11.47
CA ASN C 170 19.91 -46.15 -11.10
C ASN C 170 20.03 -45.77 -9.63
N ALA C 171 21.17 -46.12 -9.03
CA ALA C 171 21.39 -45.86 -7.61
C ALA C 171 22.51 -44.87 -7.34
N ASN C 172 23.14 -44.36 -8.38
CA ASN C 172 24.23 -43.41 -8.17
C ASN C 172 23.95 -41.94 -8.47
N TRP C 173 22.77 -41.58 -8.97
CA TRP C 173 22.52 -40.16 -9.22
C TRP C 173 22.28 -39.48 -7.87
N LYS C 174 22.88 -38.30 -7.72
CA LYS C 174 22.80 -37.54 -6.48
C LYS C 174 21.47 -36.83 -6.22
N TYR C 175 21.22 -35.77 -6.96
CA TYR C 175 19.97 -35.04 -6.81
C TYR C 175 18.98 -35.30 -7.96
N LEU C 176 17.73 -34.97 -7.68
CA LEU C 176 16.65 -35.06 -8.64
C LEU C 176 16.09 -33.66 -8.80
N ILE C 177 16.19 -33.10 -10.00
CA ILE C 177 15.64 -31.78 -10.28
C ILE C 177 14.42 -32.03 -11.19
N ASN C 178 13.24 -31.58 -10.78
CA ASN C 178 12.06 -31.76 -11.63
C ASN C 178 11.78 -30.47 -12.41
N LEU C 179 11.42 -30.64 -13.68
CA LEU C 179 11.13 -29.51 -14.58
C LEU C 179 9.77 -29.61 -15.26
N CYS C 180 9.52 -28.64 -16.14
CA CYS C 180 8.28 -28.58 -16.91
C CYS C 180 8.64 -28.02 -18.29
N GLY C 181 7.77 -28.22 -19.26
CA GLY C 181 8.03 -27.77 -20.62
C GLY C 181 8.49 -26.35 -20.84
N MET C 182 8.02 -25.42 -20.02
CA MET C 182 8.42 -24.03 -20.18
C MET C 182 9.59 -23.59 -19.28
N ASP C 183 10.20 -24.53 -18.57
CA ASP C 183 11.36 -24.19 -17.75
C ASP C 183 12.54 -24.12 -18.69
N PHE C 184 13.61 -23.47 -18.24
CA PHE C 184 14.84 -23.38 -19.01
C PHE C 184 15.94 -23.05 -18.03
N PRO C 185 17.10 -23.73 -18.17
CA PRO C 185 18.25 -23.53 -17.28
C PRO C 185 18.94 -22.19 -17.45
N ILE C 186 19.52 -21.67 -16.36
CA ILE C 186 20.27 -20.42 -16.42
C ILE C 186 21.72 -20.69 -16.01
N LYS C 187 22.04 -21.96 -15.78
CA LYS C 187 23.38 -22.40 -15.40
C LYS C 187 23.81 -23.58 -16.28
N THR C 188 25.11 -23.80 -16.41
CA THR C 188 25.65 -24.92 -17.18
C THR C 188 25.58 -26.13 -16.25
N ASN C 189 25.73 -27.34 -16.80
CA ASN C 189 25.66 -28.55 -15.99
C ASN C 189 26.75 -28.57 -14.92
N LEU C 190 27.91 -27.99 -15.24
CA LEU C 190 29.02 -27.93 -14.30
C LEU C 190 28.58 -27.06 -13.11
N GLU C 191 28.08 -25.87 -13.42
CA GLU C 191 27.62 -24.96 -12.38
C GLU C 191 26.54 -25.62 -11.51
N ILE C 192 25.59 -26.33 -12.13
CA ILE C 192 24.54 -27.01 -11.38
C ILE C 192 25.17 -28.01 -10.39
N VAL C 193 26.16 -28.76 -10.88
CA VAL C 193 26.84 -29.77 -10.08
C VAL C 193 27.56 -29.12 -8.92
N ARG C 194 28.27 -28.03 -9.18
CA ARG C 194 28.99 -27.35 -8.13
C ARG C 194 28.05 -26.87 -7.02
N LYS C 195 26.96 -26.20 -7.40
CA LYS C 195 26.04 -25.73 -6.40
C LYS C 195 25.41 -26.90 -5.64
N LEU C 196 25.14 -28.00 -6.33
CA LEU C 196 24.54 -29.15 -5.65
C LEU C 196 25.52 -29.71 -4.62
N LYS C 197 26.80 -29.44 -4.82
CA LYS C 197 27.80 -29.90 -3.87
C LYS C 197 27.75 -28.97 -2.66
N CYS C 198 27.74 -27.66 -2.89
CA CYS C 198 27.66 -26.68 -1.81
C CYS C 198 26.46 -27.02 -0.95
N SER C 199 25.46 -27.66 -1.55
CA SER C 199 24.26 -28.04 -0.82
C SER C 199 24.54 -29.21 0.12
N THR C 200 25.77 -29.72 0.04
CA THR C 200 26.26 -30.83 0.85
C THR C 200 25.21 -31.72 1.53
N GLY C 201 24.52 -32.54 0.75
CA GLY C 201 23.54 -33.44 1.30
C GLY C 201 22.19 -32.85 1.67
N GLU C 202 22.09 -31.52 1.65
CA GLU C 202 20.83 -30.85 1.99
C GLU C 202 19.93 -30.76 0.75
N ASN C 203 18.61 -30.76 0.97
CA ASN C 203 17.69 -30.61 -0.15
C ASN C 203 17.54 -29.11 -0.33
N ASN C 204 17.03 -28.66 -1.48
CA ASN C 204 16.87 -27.24 -1.70
C ASN C 204 15.57 -26.85 -2.41
N LEU C 205 14.60 -26.39 -1.64
CA LEU C 205 13.32 -25.98 -2.20
C LEU C 205 12.65 -24.92 -1.33
N GLU C 206 11.81 -24.10 -1.93
CA GLU C 206 11.08 -23.08 -1.21
C GLU C 206 10.28 -23.78 -0.12
N THR C 207 10.22 -23.19 1.07
CA THR C 207 9.48 -23.81 2.17
C THR C 207 9.36 -22.78 3.30
N GLU C 208 8.15 -22.26 3.50
CA GLU C 208 7.89 -21.24 4.50
C GLU C 208 6.63 -21.51 5.29
N LYS C 209 6.38 -20.63 6.27
CA LYS C 209 5.19 -20.76 7.10
C LYS C 209 3.96 -20.68 6.23
N MET C 210 2.98 -21.53 6.53
CA MET C 210 1.77 -21.56 5.74
C MET C 210 1.01 -20.24 5.84
N PRO C 211 0.88 -19.53 4.70
CA PRO C 211 0.17 -18.26 4.67
C PRO C 211 -1.29 -18.56 4.97
N PRO C 212 -1.89 -17.83 5.92
CA PRO C 212 -3.31 -18.09 6.24
C PRO C 212 -4.19 -18.12 4.99
N ASN C 213 -3.91 -17.23 4.04
CA ASN C 213 -4.69 -17.14 2.81
C ASN C 213 -4.59 -18.33 1.86
N LYS C 214 -3.88 -19.38 2.27
CA LYS C 214 -3.72 -20.57 1.44
C LYS C 214 -4.15 -21.83 2.18
N GLU C 215 -4.72 -21.65 3.36
CA GLU C 215 -5.17 -22.79 4.16
C GLU C 215 -6.35 -23.50 3.50
N GLU C 216 -7.20 -22.75 2.80
CA GLU C 216 -8.37 -23.32 2.13
C GLU C 216 -8.01 -24.32 1.06
N ARG C 217 -6.76 -24.26 0.58
CA ARG C 217 -6.31 -25.18 -0.44
C ARG C 217 -6.25 -26.60 0.10
N TRP C 218 -6.28 -26.76 1.42
CA TRP C 218 -6.24 -28.10 2.01
C TRP C 218 -7.25 -28.31 3.13
N LYS C 219 -8.18 -27.37 3.27
CA LYS C 219 -9.22 -27.47 4.30
C LYS C 219 -10.49 -28.10 3.72
N LYS C 220 -10.77 -27.74 2.47
CA LYS C 220 -11.94 -28.28 1.80
C LYS C 220 -11.49 -29.35 0.81
N ARG C 221 -12.37 -30.31 0.53
CA ARG C 221 -12.02 -31.32 -0.45
C ARG C 221 -12.31 -30.67 -1.79
N TYR C 222 -11.62 -31.12 -2.83
CA TYR C 222 -11.83 -30.56 -4.16
C TYR C 222 -12.18 -31.67 -5.13
N ALA C 223 -12.80 -31.31 -6.24
CA ALA C 223 -13.19 -32.30 -7.24
C ALA C 223 -13.14 -31.73 -8.65
N VAL C 224 -12.91 -32.62 -9.62
CA VAL C 224 -12.84 -32.19 -11.01
C VAL C 224 -14.26 -32.13 -11.57
N VAL C 225 -14.77 -30.92 -11.75
CA VAL C 225 -16.11 -30.72 -12.28
C VAL C 225 -16.02 -29.84 -13.51
N ASP C 226 -16.19 -30.45 -14.68
CA ASP C 226 -16.12 -29.74 -15.96
C ASP C 226 -14.68 -29.45 -16.35
N GLY C 227 -13.79 -30.40 -16.06
CA GLY C 227 -12.39 -30.22 -16.41
C GLY C 227 -11.57 -29.30 -15.51
N LYS C 228 -12.22 -28.61 -14.58
CA LYS C 228 -11.48 -27.73 -13.69
C LYS C 228 -11.75 -28.10 -12.22
N LEU C 229 -10.67 -28.25 -11.46
CA LEU C 229 -10.77 -28.61 -10.05
C LEU C 229 -11.61 -27.55 -9.35
N THR C 230 -12.73 -27.97 -8.77
CA THR C 230 -13.60 -27.04 -8.08
C THR C 230 -13.76 -27.41 -6.62
N ASN C 231 -13.83 -26.38 -5.79
CA ASN C 231 -14.01 -26.55 -4.36
C ASN C 231 -15.36 -27.24 -4.16
N THR C 232 -15.48 -28.05 -3.11
CA THR C 232 -16.72 -28.76 -2.89
C THR C 232 -17.39 -28.39 -1.57
N GLY C 233 -16.63 -27.73 -0.70
CA GLY C 233 -17.19 -27.35 0.59
C GLY C 233 -17.00 -28.39 1.67
N ILE C 234 -16.67 -29.62 1.28
CA ILE C 234 -16.46 -30.68 2.25
C ILE C 234 -15.25 -30.33 3.13
N VAL C 235 -15.48 -30.16 4.42
CA VAL C 235 -14.40 -29.86 5.35
C VAL C 235 -13.57 -31.12 5.55
N LYS C 236 -12.29 -31.05 5.22
CA LYS C 236 -11.38 -32.19 5.35
C LYS C 236 -10.85 -32.41 6.76
N ALA C 237 -10.35 -33.61 7.01
CA ALA C 237 -9.78 -33.95 8.31
C ALA C 237 -8.38 -33.35 8.36
N PRO C 238 -7.85 -33.13 9.57
CA PRO C 238 -6.51 -32.56 9.73
C PRO C 238 -5.48 -33.47 9.05
N PRO C 239 -4.35 -32.90 8.61
CA PRO C 239 -3.34 -33.75 7.97
C PRO C 239 -2.74 -34.75 8.97
N PRO C 240 -2.51 -35.99 8.53
CA PRO C 240 -1.92 -37.03 9.39
C PRO C 240 -0.44 -36.69 9.50
N LEU C 241 -0.14 -35.63 10.22
CA LEU C 241 1.24 -35.19 10.35
C LEU C 241 1.45 -34.49 11.69
N LYS C 242 2.55 -34.81 12.36
CA LYS C 242 2.83 -34.21 13.66
C LYS C 242 3.33 -32.78 13.49
N THR C 243 4.14 -32.54 12.47
CA THR C 243 4.65 -31.20 12.24
C THR C 243 3.70 -30.39 11.36
N PRO C 244 3.90 -29.07 11.30
CA PRO C 244 3.05 -28.18 10.51
C PRO C 244 3.19 -28.39 9.00
N LEU C 245 2.22 -27.85 8.26
CA LEU C 245 2.23 -27.89 6.80
C LEU C 245 2.94 -26.63 6.33
N PHE C 246 3.76 -26.75 5.29
CA PHE C 246 4.51 -25.62 4.76
C PHE C 246 4.17 -25.30 3.31
N SER C 247 4.20 -24.01 2.98
CA SER C 247 3.89 -23.55 1.64
C SER C 247 5.16 -23.42 0.81
N GLY C 248 5.08 -23.77 -0.46
CA GLY C 248 6.25 -23.66 -1.30
C GLY C 248 5.97 -23.70 -2.79
N SER C 249 6.96 -24.15 -3.53
CA SER C 249 6.84 -24.25 -4.97
C SER C 249 6.48 -25.67 -5.36
N ALA C 250 6.35 -25.89 -6.65
CA ALA C 250 6.04 -27.21 -7.18
C ALA C 250 7.38 -27.75 -7.65
N TYR C 251 8.36 -26.86 -7.72
CA TYR C 251 9.70 -27.20 -8.16
C TYR C 251 10.63 -27.40 -6.97
N PHE C 252 11.58 -28.30 -7.12
CA PHE C 252 12.54 -28.63 -6.06
C PHE C 252 13.88 -29.16 -6.55
N VAL C 253 14.75 -29.41 -5.58
CA VAL C 253 16.07 -29.97 -5.83
C VAL C 253 16.24 -30.83 -4.58
N VAL C 254 16.05 -32.13 -4.74
CA VAL C 254 16.17 -33.04 -3.61
C VAL C 254 17.22 -34.13 -3.82
N THR C 255 17.64 -34.76 -2.73
CA THR C 255 18.64 -35.83 -2.77
C THR C 255 17.97 -37.15 -3.09
N ARG C 256 18.75 -38.11 -3.59
CA ARG C 256 18.23 -39.41 -3.90
C ARG C 256 17.65 -40.07 -2.65
N GLU C 257 18.17 -39.71 -1.48
CA GLU C 257 17.69 -40.30 -0.24
C GLU C 257 16.31 -39.78 0.11
N TYR C 258 16.07 -38.50 -0.22
CA TYR C 258 14.78 -37.85 0.01
C TYR C 258 13.73 -38.64 -0.75
N VAL C 259 14.02 -38.89 -2.02
CA VAL C 259 13.14 -39.62 -2.93
C VAL C 259 12.81 -41.02 -2.41
N GLY C 260 13.85 -41.79 -2.07
CA GLY C 260 13.63 -43.14 -1.58
C GLY C 260 12.72 -43.08 -0.37
N TYR C 261 12.93 -42.08 0.48
CA TYR C 261 12.14 -41.92 1.67
C TYR C 261 10.66 -41.63 1.38
N VAL C 262 10.41 -40.81 0.36
CA VAL C 262 9.04 -40.45 -0.03
C VAL C 262 8.32 -41.64 -0.69
N LEU C 263 9.07 -42.41 -1.48
CA LEU C 263 8.52 -43.57 -2.15
C LEU C 263 8.23 -44.71 -1.19
N GLU C 264 9.04 -44.83 -0.14
CA GLU C 264 8.90 -45.94 0.79
C GLU C 264 8.40 -45.70 2.21
N ASN C 265 8.45 -44.48 2.72
CA ASN C 265 8.01 -44.25 4.08
C ASN C 265 6.52 -44.42 4.30
N GLU C 266 6.16 -44.94 5.47
CA GLU C 266 4.77 -45.20 5.80
C GLU C 266 3.94 -43.95 6.08
N ASN C 267 4.47 -43.06 6.92
CA ASN C 267 3.74 -41.84 7.27
C ASN C 267 3.56 -40.91 6.08
N ILE C 268 4.58 -40.77 5.25
CA ILE C 268 4.50 -39.88 4.10
C ILE C 268 3.36 -40.31 3.21
N GLN C 269 3.23 -41.63 3.03
CA GLN C 269 2.18 -42.20 2.20
C GLN C 269 0.79 -41.80 2.68
N LYS C 270 0.59 -41.87 3.99
CA LYS C 270 -0.70 -41.50 4.58
C LYS C 270 -0.97 -40.00 4.43
N LEU C 271 0.08 -39.22 4.23
CA LEU C 271 -0.05 -37.78 4.05
C LEU C 271 -0.43 -37.52 2.61
N MET C 272 0.24 -38.21 1.71
CA MET C 272 -0.03 -38.08 0.29
C MET C 272 -1.48 -38.43 0.00
N GLU C 273 -1.95 -39.55 0.55
CA GLU C 273 -3.33 -39.92 0.32
C GLU C 273 -4.23 -38.81 0.83
N TRP C 274 -3.87 -38.23 1.97
CA TRP C 274 -4.65 -37.14 2.53
C TRP C 274 -4.69 -35.91 1.61
N ALA C 275 -3.60 -35.65 0.92
CA ALA C 275 -3.51 -34.50 0.03
C ALA C 275 -4.11 -34.75 -1.36
N GLN C 276 -4.43 -36.01 -1.65
CA GLN C 276 -4.99 -36.40 -2.95
C GLN C 276 -6.12 -35.52 -3.46
N ASP C 277 -6.96 -35.04 -2.55
CA ASP C 277 -8.08 -34.21 -2.97
C ASP C 277 -8.00 -32.75 -2.49
N THR C 278 -6.78 -32.21 -2.42
CA THR C 278 -6.61 -30.82 -1.99
C THR C 278 -6.34 -29.94 -3.21
N TYR C 279 -6.27 -28.63 -3.00
CA TYR C 279 -6.03 -27.73 -4.11
C TYR C 279 -4.55 -27.37 -4.27
N SER C 280 -4.02 -27.67 -5.45
CA SER C 280 -2.63 -27.41 -5.75
C SER C 280 -1.73 -27.98 -4.64
N PRO C 281 -1.86 -29.29 -4.35
CA PRO C 281 -1.06 -29.94 -3.31
C PRO C 281 0.44 -29.91 -3.57
N ASP C 282 0.82 -29.78 -4.83
CA ASP C 282 2.23 -29.74 -5.21
C ASP C 282 2.88 -28.51 -4.61
N GLU C 283 2.08 -27.58 -4.07
CA GLU C 283 2.66 -26.37 -3.50
C GLU C 283 2.71 -26.38 -1.99
N PHE C 284 2.48 -27.54 -1.39
CA PHE C 284 2.57 -27.65 0.06
C PHE C 284 3.10 -29.02 0.48
N LEU C 285 3.02 -29.99 -0.41
CA LEU C 285 3.45 -31.36 -0.12
C LEU C 285 4.96 -31.52 0.04
N TRP C 286 5.71 -31.05 -0.95
CA TRP C 286 7.16 -31.13 -0.92
C TRP C 286 7.72 -30.31 0.24
N ALA C 287 7.38 -29.03 0.26
CA ALA C 287 7.83 -28.11 1.29
C ALA C 287 7.54 -28.60 2.71
N THR C 288 6.53 -29.45 2.86
CA THR C 288 6.19 -29.96 4.17
C THR C 288 7.06 -31.18 4.51
N ILE C 289 7.45 -31.92 3.48
CA ILE C 289 8.27 -33.10 3.67
C ILE C 289 9.66 -32.66 4.10
N GLN C 290 10.13 -31.59 3.47
CA GLN C 290 11.43 -31.01 3.74
C GLN C 290 11.58 -30.55 5.19
N ARG C 291 10.48 -30.57 5.96
CA ARG C 291 10.53 -30.13 7.35
C ARG C 291 10.13 -31.24 8.30
N ILE C 292 10.02 -32.45 7.77
CA ILE C 292 9.67 -33.61 8.58
C ILE C 292 10.97 -34.07 9.22
N PRO C 293 10.95 -34.28 10.55
CA PRO C 293 12.14 -34.71 11.28
C PRO C 293 13.00 -35.82 10.67
N GLU C 294 12.39 -36.96 10.38
CA GLU C 294 13.14 -38.09 9.82
C GLU C 294 13.63 -37.98 8.38
N VAL C 295 13.01 -37.11 7.59
CA VAL C 295 13.38 -37.00 6.19
C VAL C 295 14.80 -36.55 5.90
N PRO C 296 15.53 -37.31 5.07
CA PRO C 296 16.92 -37.03 4.68
C PRO C 296 17.05 -35.69 3.97
N GLY C 297 18.01 -34.88 4.42
CA GLY C 297 18.25 -33.60 3.79
C GLY C 297 17.25 -32.54 4.20
N SER C 298 16.43 -32.85 5.20
CA SER C 298 15.42 -31.93 5.68
C SER C 298 15.97 -30.81 6.56
N PHE C 299 15.05 -29.96 7.00
CA PHE C 299 15.32 -28.81 7.86
C PHE C 299 14.45 -28.93 9.11
N PRO C 300 14.90 -28.35 10.23
CA PRO C 300 14.05 -28.44 11.43
C PRO C 300 12.78 -27.62 11.13
N SER C 301 11.65 -27.96 11.74
CA SER C 301 10.44 -27.21 11.44
C SER C 301 10.46 -25.77 11.95
N SER C 302 11.49 -25.42 12.71
CA SER C 302 11.61 -24.05 13.21
C SER C 302 11.68 -23.09 12.02
N ASN C 303 10.87 -22.04 12.05
CA ASN C 303 10.84 -21.10 10.95
C ASN C 303 12.13 -20.36 10.70
N LYS C 304 13.12 -20.61 11.54
CA LYS C 304 14.42 -19.98 11.33
C LYS C 304 15.01 -20.60 10.08
N TYR C 305 14.53 -21.79 9.74
CA TYR C 305 15.01 -22.50 8.57
C TYR C 305 14.20 -22.31 7.30
N ASP C 306 13.17 -21.47 7.37
CA ASP C 306 12.31 -21.19 6.23
C ASP C 306 13.07 -20.68 5.02
N LEU C 307 12.67 -21.11 3.83
CA LEU C 307 13.33 -20.66 2.60
C LEU C 307 12.28 -20.06 1.68
N SER C 308 12.52 -18.86 1.19
CA SER C 308 11.61 -18.19 0.27
C SER C 308 12.04 -18.60 -1.13
N ASP C 309 11.18 -18.33 -2.11
CA ASP C 309 11.51 -18.68 -3.49
C ASP C 309 12.78 -18.01 -3.99
N MET C 310 13.25 -16.98 -3.30
CA MET C 310 14.47 -16.29 -3.72
C MET C 310 15.68 -16.82 -3.00
N ASN C 311 15.51 -17.28 -1.76
CA ASN C 311 16.62 -17.81 -1.01
C ASN C 311 16.96 -19.18 -1.61
N ALA C 312 15.92 -19.95 -1.91
CA ALA C 312 16.12 -21.27 -2.49
C ALA C 312 16.75 -21.12 -3.87
N ILE C 313 17.24 -22.21 -4.43
CA ILE C 313 17.86 -22.12 -5.75
C ILE C 313 17.06 -22.84 -6.84
N ALA C 314 15.95 -23.47 -6.46
CA ALA C 314 15.12 -24.24 -7.41
C ALA C 314 14.73 -23.53 -8.69
N ARG C 315 13.84 -22.55 -8.58
CA ARG C 315 13.39 -21.83 -9.78
C ARG C 315 13.19 -20.33 -9.61
N PHE C 316 13.74 -19.56 -10.53
CA PHE C 316 13.58 -18.12 -10.50
C PHE C 316 12.28 -17.76 -11.23
N VAL C 317 11.34 -17.18 -10.50
CA VAL C 317 10.05 -16.81 -11.06
C VAL C 317 9.60 -15.43 -10.62
N LYS C 318 9.26 -14.57 -11.58
CA LYS C 318 8.79 -13.21 -11.30
C LYS C 318 7.26 -13.17 -11.18
N TRP C 319 6.74 -12.72 -10.05
CA TRP C 319 5.30 -12.58 -9.91
C TRP C 319 4.92 -11.11 -10.16
N GLN C 320 3.84 -10.92 -10.91
CA GLN C 320 3.36 -9.58 -11.26
C GLN C 320 3.23 -8.61 -10.10
N TYR C 321 2.64 -9.06 -9.01
CA TYR C 321 2.44 -8.22 -7.86
C TYR C 321 3.64 -7.99 -6.93
N PHE C 322 4.87 -8.28 -7.38
CA PHE C 322 6.07 -8.06 -6.56
C PHE C 322 7.09 -7.29 -7.36
N GLU C 323 7.00 -7.37 -8.68
CA GLU C 323 7.94 -6.67 -9.54
C GLU C 323 7.78 -5.18 -9.31
N GLY C 324 8.83 -4.43 -9.60
CA GLY C 324 8.79 -3.01 -9.39
C GLY C 324 10.22 -2.53 -9.31
N ASP C 325 10.49 -1.60 -8.41
CA ASP C 325 11.85 -1.07 -8.29
C ASP C 325 12.74 -1.84 -7.30
N VAL C 326 13.79 -2.44 -7.85
CA VAL C 326 14.75 -3.21 -7.06
C VAL C 326 15.44 -2.29 -6.07
N SER C 327 15.64 -1.03 -6.48
CA SER C 327 16.29 -0.06 -5.61
C SER C 327 15.25 0.58 -4.69
N ASN C 328 14.29 -0.21 -4.22
CA ASN C 328 13.28 0.32 -3.35
C ASN C 328 12.34 -0.72 -2.76
N GLY C 329 12.85 -1.92 -2.49
CA GLY C 329 12.01 -2.93 -1.88
C GLY C 329 11.37 -3.96 -2.78
N ALA C 330 11.62 -3.88 -4.08
CA ALA C 330 11.06 -4.85 -5.01
C ALA C 330 12.10 -5.96 -5.23
N PRO C 331 11.68 -7.23 -5.10
CA PRO C 331 12.55 -8.40 -5.27
C PRO C 331 13.23 -8.54 -6.64
N TYR C 332 12.57 -8.04 -7.68
CA TYR C 332 13.10 -8.11 -9.05
C TYR C 332 12.40 -7.06 -9.90
N PRO C 333 13.04 -6.63 -11.00
CA PRO C 333 12.50 -5.62 -11.92
C PRO C 333 11.18 -6.05 -12.55
N PRO C 334 10.54 -5.15 -13.30
CA PRO C 334 9.27 -5.57 -13.92
C PRO C 334 9.52 -6.49 -15.11
N CYS C 335 8.52 -7.27 -15.46
CA CYS C 335 8.61 -8.22 -16.56
C CYS C 335 8.70 -7.56 -17.95
N SER C 336 9.63 -8.04 -18.77
CA SER C 336 9.78 -7.50 -20.12
C SER C 336 8.85 -8.23 -21.10
N GLY C 337 8.39 -9.41 -20.72
CA GLY C 337 7.50 -10.19 -21.57
C GLY C 337 6.05 -9.95 -21.17
N VAL C 338 5.30 -11.02 -21.01
CA VAL C 338 3.89 -10.91 -20.64
C VAL C 338 3.60 -11.74 -19.39
N HIS C 339 2.41 -11.58 -18.82
CA HIS C 339 2.02 -12.32 -17.63
C HIS C 339 0.87 -13.26 -17.95
N VAL C 340 0.89 -14.42 -17.34
CA VAL C 340 -0.17 -15.40 -17.54
C VAL C 340 -0.40 -15.90 -16.13
N ARG C 341 -1.61 -15.70 -15.62
CA ARG C 341 -1.93 -16.11 -14.25
C ARG C 341 -0.99 -15.40 -13.25
N SER C 342 -0.66 -14.14 -13.55
CA SER C 342 0.20 -13.32 -12.72
C SER C 342 1.66 -13.69 -12.81
N VAL C 343 1.98 -14.75 -13.54
CA VAL C 343 3.38 -15.17 -13.69
C VAL C 343 4.05 -14.58 -14.93
N CYS C 344 5.25 -14.05 -14.74
CA CYS C 344 6.00 -13.46 -15.82
C CYS C 344 6.51 -14.50 -16.81
N VAL C 345 6.47 -14.15 -18.09
CA VAL C 345 6.94 -15.03 -19.15
C VAL C 345 8.00 -14.18 -19.83
N PHE C 346 9.22 -14.31 -19.32
CA PHE C 346 10.38 -13.57 -19.78
C PHE C 346 10.45 -13.13 -21.22
N GLY C 347 11.30 -12.13 -21.44
CA GLY C 347 11.53 -11.58 -22.75
C GLY C 347 13.02 -11.29 -22.76
N ALA C 348 13.55 -10.79 -23.87
CA ALA C 348 14.97 -10.49 -23.92
C ALA C 348 15.35 -9.48 -22.86
N GLY C 349 14.41 -8.60 -22.50
CA GLY C 349 14.68 -7.59 -21.49
C GLY C 349 14.81 -8.12 -20.08
N ASP C 350 14.55 -9.41 -19.91
CA ASP C 350 14.63 -10.04 -18.60
C ASP C 350 15.90 -10.86 -18.39
N LEU C 351 16.66 -11.09 -19.46
CA LEU C 351 17.87 -11.92 -19.37
C LEU C 351 19.01 -11.41 -18.50
N SER C 352 19.50 -10.22 -18.80
CA SER C 352 20.61 -9.60 -18.08
C SER C 352 20.55 -9.78 -16.55
N TRP C 353 19.45 -9.37 -15.95
CA TRP C 353 19.27 -9.46 -14.49
C TRP C 353 19.18 -10.91 -14.03
N MET C 354 18.33 -11.66 -14.72
CA MET C 354 18.10 -13.07 -14.43
C MET C 354 19.40 -13.86 -14.30
N LEU C 355 20.32 -13.65 -15.24
CA LEU C 355 21.58 -14.38 -15.20
C LEU C 355 22.40 -14.16 -13.95
N ARG C 356 22.11 -13.08 -13.21
CA ARG C 356 22.87 -12.81 -11.99
C ARG C 356 22.28 -13.47 -10.76
N GLN C 357 21.09 -14.06 -10.90
CA GLN C 357 20.46 -14.72 -9.77
C GLN C 357 21.14 -16.06 -9.56
N HIS C 358 20.91 -16.68 -8.41
CA HIS C 358 21.56 -17.94 -8.10
C HIS C 358 20.76 -19.20 -8.40
N HIS C 359 19.60 -19.04 -9.02
CA HIS C 359 18.77 -20.20 -9.30
C HIS C 359 19.32 -21.10 -10.41
N LEU C 360 18.93 -22.36 -10.38
CA LEU C 360 19.39 -23.32 -11.38
C LEU C 360 18.59 -23.17 -12.67
N PHE C 361 17.30 -22.89 -12.52
CA PHE C 361 16.42 -22.72 -13.67
C PHE C 361 15.46 -21.55 -13.44
N ALA C 362 15.03 -20.93 -14.53
CA ALA C 362 14.08 -19.82 -14.48
C ALA C 362 12.78 -20.30 -15.13
N ASN C 363 11.67 -19.65 -14.78
CA ASN C 363 10.37 -20.03 -15.29
C ASN C 363 9.49 -18.78 -15.33
N LYS C 364 8.68 -18.58 -16.38
CA LYS C 364 8.59 -19.51 -17.50
C LYS C 364 8.92 -18.80 -18.83
N PHE C 365 9.10 -19.59 -19.89
CA PHE C 365 9.43 -19.06 -21.21
C PHE C 365 8.43 -19.58 -22.22
N ASP C 366 8.40 -18.95 -23.40
CA ASP C 366 7.49 -19.37 -24.45
C ASP C 366 8.03 -18.88 -25.80
N MET C 367 8.02 -19.76 -26.80
CA MET C 367 8.51 -19.36 -28.13
C MET C 367 7.45 -18.54 -28.84
N ASP C 368 6.21 -18.68 -28.39
CA ASP C 368 5.12 -17.92 -28.98
C ASP C 368 5.09 -16.51 -28.41
N VAL C 369 5.80 -16.30 -27.31
CA VAL C 369 5.86 -14.99 -26.66
C VAL C 369 7.21 -14.29 -26.88
N ASP C 370 8.30 -15.06 -26.85
CA ASP C 370 9.62 -14.50 -27.12
C ASP C 370 10.66 -15.58 -27.30
N PRO C 371 10.93 -15.95 -28.56
CA PRO C 371 11.90 -16.98 -28.94
C PRO C 371 13.33 -16.48 -28.84
N PHE C 372 13.50 -15.30 -28.27
CA PHE C 372 14.84 -14.72 -28.13
C PHE C 372 15.36 -14.87 -26.72
N ALA C 373 14.46 -14.79 -25.75
CA ALA C 373 14.86 -14.96 -24.36
C ALA C 373 15.51 -16.33 -24.32
N ILE C 374 14.85 -17.30 -24.95
CA ILE C 374 15.33 -18.66 -25.01
C ILE C 374 16.55 -18.74 -25.94
N GLN C 375 16.45 -18.04 -27.05
CA GLN C 375 17.51 -18.00 -28.06
C GLN C 375 18.88 -17.70 -27.46
N CYS C 376 19.02 -16.51 -26.89
CA CYS C 376 20.27 -16.05 -26.30
C CYS C 376 20.71 -16.90 -25.13
N LEU C 377 19.79 -17.14 -24.20
CA LEU C 377 20.10 -17.95 -23.05
C LEU C 377 20.66 -19.30 -23.48
N ASP C 378 20.00 -19.92 -24.45
CA ASP C 378 20.40 -21.22 -24.96
C ASP C 378 21.82 -21.22 -25.51
N GLU C 379 22.12 -20.33 -26.43
CA GLU C 379 23.46 -20.32 -27.00
C GLU C 379 24.51 -19.76 -26.05
N HIS C 380 24.06 -19.05 -25.02
CA HIS C 380 25.00 -18.51 -24.05
C HIS C 380 25.50 -19.63 -23.15
N LEU C 381 24.58 -20.48 -22.67
CA LEU C 381 24.99 -21.57 -21.80
C LEU C 381 25.87 -22.57 -22.56
N ARG C 382 25.58 -22.75 -23.84
CA ARG C 382 26.37 -23.68 -24.65
C ARG C 382 27.80 -23.16 -24.79
N ARG C 383 27.93 -21.94 -25.28
CA ARG C 383 29.24 -21.33 -25.46
C ARG C 383 30.02 -21.33 -24.16
N LYS C 384 29.34 -21.00 -23.06
CA LYS C 384 29.97 -20.96 -21.76
C LYS C 384 30.56 -22.32 -21.37
N ALA C 385 29.70 -23.34 -21.30
CA ALA C 385 30.14 -24.68 -20.92
C ALA C 385 31.32 -25.17 -21.75
N LEU C 386 31.36 -24.77 -23.02
CA LEU C 386 32.45 -25.18 -23.91
C LEU C 386 33.65 -24.27 -23.73
N GLU C 387 34.51 -24.63 -22.78
CA GLU C 387 35.71 -23.86 -22.49
C GLU C 387 36.72 -24.70 -21.68
N HIS D 8 52.05 -35.83 10.08
CA HIS D 8 52.84 -35.66 11.34
C HIS D 8 52.48 -34.37 12.07
N LEU D 9 51.45 -33.67 11.58
CA LEU D 9 51.00 -32.42 12.18
C LEU D 9 49.72 -32.65 12.98
N GLU D 10 49.62 -33.80 13.63
CA GLU D 10 48.44 -34.14 14.41
C GLU D 10 48.36 -33.33 15.68
N LEU D 11 47.31 -33.59 16.46
CA LEU D 11 47.09 -32.88 17.72
C LEU D 11 46.55 -33.84 18.78
N ASN D 19 41.73 -38.34 28.63
CA ASN D 19 41.69 -39.76 28.32
C ASN D 19 40.33 -40.16 27.74
N VAL D 20 39.58 -39.17 27.27
CA VAL D 20 38.27 -39.43 26.69
C VAL D 20 38.44 -39.69 25.19
N ASN D 21 37.57 -40.53 24.63
CA ASN D 21 37.63 -40.89 23.22
C ASN D 21 36.98 -39.81 22.34
N CYS D 22 37.79 -39.05 21.63
CA CYS D 22 37.29 -37.98 20.76
C CYS D 22 36.26 -38.49 19.76
N THR D 23 36.69 -39.39 18.89
CA THR D 23 35.79 -39.94 17.87
C THR D 23 34.41 -40.30 18.39
N LYS D 24 34.34 -40.90 19.57
CA LYS D 24 33.05 -41.28 20.15
C LYS D 24 32.25 -40.04 20.52
N ILE D 25 32.92 -39.05 21.09
CA ILE D 25 32.27 -37.81 21.51
C ILE D 25 31.58 -37.13 20.32
N LEU D 26 32.21 -37.23 19.15
CA LEU D 26 31.68 -36.62 17.95
C LEU D 26 30.54 -37.44 17.34
N GLN D 27 30.06 -38.43 18.09
CA GLN D 27 28.97 -39.26 17.62
C GLN D 27 27.82 -39.20 18.61
N GLY D 28 28.03 -38.43 19.68
CA GLY D 28 26.98 -38.29 20.68
C GLY D 28 26.88 -39.50 21.60
N ASP D 29 27.93 -40.31 21.64
CA ASP D 29 27.93 -41.49 22.51
C ASP D 29 27.60 -41.04 23.92
N PRO D 30 26.42 -41.41 24.43
CA PRO D 30 25.97 -41.04 25.78
C PRO D 30 26.99 -41.31 26.87
N GLU D 31 27.89 -42.26 26.62
CA GLU D 31 28.92 -42.62 27.59
C GLU D 31 30.08 -41.64 27.60
N GLU D 32 30.84 -41.60 26.51
CA GLU D 32 31.97 -40.69 26.42
C GLU D 32 31.53 -39.30 26.86
N ILE D 33 30.33 -38.93 26.47
CA ILE D 33 29.77 -37.62 26.81
C ILE D 33 29.74 -37.40 28.32
N GLN D 34 29.12 -38.34 29.03
CA GLN D 34 29.03 -38.23 30.47
C GLN D 34 30.39 -38.39 31.12
N LYS D 35 31.24 -39.23 30.53
CA LYS D 35 32.57 -39.44 31.05
C LYS D 35 33.30 -38.10 31.10
N VAL D 36 33.29 -37.41 29.98
CA VAL D 36 33.91 -36.10 29.85
C VAL D 36 33.67 -35.24 31.09
N LYS D 37 32.41 -35.17 31.52
CA LYS D 37 32.06 -34.38 32.69
C LYS D 37 32.66 -34.96 33.96
N LEU D 38 32.65 -36.29 34.07
CA LEU D 38 33.24 -36.93 35.24
C LEU D 38 34.74 -36.66 35.22
N GLU D 39 35.29 -36.56 34.01
CA GLU D 39 36.71 -36.28 33.82
C GLU D 39 37.01 -34.86 34.24
N ILE D 40 36.03 -33.99 34.02
CA ILE D 40 36.16 -32.58 34.36
C ILE D 40 36.50 -32.39 35.84
N LEU D 41 35.83 -33.15 36.70
CA LEU D 41 36.07 -33.08 38.13
C LEU D 41 37.27 -33.92 38.57
N THR D 42 38.46 -33.34 38.45
CA THR D 42 39.70 -34.02 38.83
C THR D 42 40.78 -33.02 39.26
N ARG D 48 47.76 -31.15 37.32
CA ARG D 48 46.95 -30.50 36.27
C ARG D 48 47.54 -29.13 35.90
N PRO D 49 48.44 -29.10 34.91
CA PRO D 49 49.11 -27.89 34.41
C PRO D 49 48.16 -26.75 33.99
N ARG D 50 48.71 -25.80 33.24
CA ARG D 50 48.00 -24.64 32.71
C ARG D 50 49.02 -23.55 32.39
N TRP D 51 48.96 -23.01 31.17
CA TRP D 51 49.89 -21.98 30.74
C TRP D 51 49.56 -20.62 31.33
N THR D 52 50.49 -19.68 31.17
CA THR D 52 50.31 -18.32 31.70
C THR D 52 50.51 -17.27 30.61
N PRO D 53 50.07 -16.03 30.88
CA PRO D 53 50.22 -14.96 29.90
C PRO D 53 51.68 -14.63 29.59
N HIS D 54 52.59 -15.05 30.47
CA HIS D 54 54.01 -14.78 30.29
C HIS D 54 54.77 -15.88 29.54
N ASP D 55 54.23 -17.09 29.55
CA ASP D 55 54.89 -18.20 28.84
C ASP D 55 55.01 -17.82 27.38
N TYR D 56 53.92 -17.30 26.83
CA TYR D 56 53.88 -16.88 25.43
C TYR D 56 54.91 -15.81 25.14
N ILE D 57 55.09 -14.90 26.10
CA ILE D 57 56.07 -13.83 25.94
C ILE D 57 57.44 -14.46 25.71
N ASN D 58 57.74 -15.49 26.52
CA ASN D 58 59.00 -16.21 26.40
C ASN D 58 58.97 -16.97 25.08
N MET D 59 58.16 -18.02 25.04
CA MET D 59 58.01 -18.88 23.86
C MET D 59 58.13 -18.14 22.52
N THR D 60 57.47 -17.00 22.40
CA THR D 60 57.48 -16.23 21.16
C THR D 60 58.86 -15.73 20.76
N ARG D 61 59.74 -15.48 21.73
CA ARG D 61 61.09 -15.01 21.42
C ARG D 61 61.73 -15.97 20.43
N ASP D 62 61.31 -17.24 20.53
CA ASP D 62 61.79 -18.30 19.66
C ASP D 62 60.74 -18.59 18.59
N CYS D 63 60.83 -17.93 17.45
CA CYS D 63 59.86 -18.13 16.37
C CYS D 63 59.80 -19.61 15.99
N ALA D 64 60.85 -20.08 15.31
CA ALA D 64 60.95 -21.48 14.86
C ALA D 64 60.43 -22.49 15.90
N SER D 65 60.98 -22.43 17.10
CA SER D 65 60.57 -23.34 18.16
C SER D 65 59.05 -23.27 18.32
N PHE D 66 58.54 -22.09 18.67
CA PHE D 66 57.11 -21.88 18.87
C PHE D 66 56.28 -22.52 17.77
N ILE D 67 56.50 -22.08 16.53
CA ILE D 67 55.76 -22.60 15.39
C ILE D 67 55.71 -24.13 15.43
N ARG D 68 56.88 -24.77 15.39
CA ARG D 68 56.94 -26.22 15.40
C ARG D 68 56.32 -26.82 16.67
N THR D 69 56.45 -26.13 17.80
CA THR D 69 55.92 -26.61 19.07
C THR D 69 54.39 -26.66 19.04
N ARG D 70 53.79 -25.49 18.83
CA ARG D 70 52.34 -25.35 18.78
C ARG D 70 51.78 -26.03 17.53
N LYS D 71 52.64 -26.21 16.54
CA LYS D 71 52.28 -26.87 15.29
C LYS D 71 51.42 -26.05 14.34
N TYR D 72 51.97 -24.91 13.92
CA TYR D 72 51.27 -24.02 12.98
C TYR D 72 51.61 -24.41 11.54
N ILE D 73 50.60 -24.81 10.79
CA ILE D 73 50.80 -25.18 9.40
C ILE D 73 51.32 -23.99 8.61
N VAL D 74 52.63 -23.86 8.50
CA VAL D 74 53.19 -22.73 7.78
C VAL D 74 53.35 -22.99 6.28
N GLU D 75 52.77 -24.09 5.82
CA GLU D 75 52.83 -24.45 4.40
C GLU D 75 51.39 -24.58 3.90
N PRO D 76 51.05 -23.91 2.79
CA PRO D 76 49.68 -23.99 2.27
C PRO D 76 49.33 -25.43 1.93
N LEU D 77 48.28 -25.97 2.55
CA LEU D 77 47.88 -27.34 2.30
C LEU D 77 47.62 -27.61 0.81
N THR D 78 46.39 -27.44 0.37
CA THR D 78 46.09 -27.67 -1.04
C THR D 78 46.52 -26.42 -1.78
N LYS D 79 46.29 -26.39 -3.09
CA LYS D 79 46.64 -25.23 -3.88
C LYS D 79 45.41 -24.41 -4.21
N GLU D 80 44.24 -24.99 -3.94
CA GLU D 80 42.96 -24.34 -4.19
C GLU D 80 42.79 -23.26 -3.12
N GLU D 81 43.36 -23.53 -1.95
CA GLU D 81 43.29 -22.62 -0.82
C GLU D 81 44.29 -21.48 -0.99
N VAL D 82 45.38 -21.74 -1.69
CA VAL D 82 46.39 -20.72 -1.92
C VAL D 82 45.88 -19.65 -2.88
N GLY D 83 44.85 -20.00 -3.66
CA GLY D 83 44.29 -19.05 -4.60
C GLY D 83 43.10 -18.31 -4.03
N PHE D 84 42.73 -18.69 -2.81
CA PHE D 84 41.60 -18.04 -2.15
C PHE D 84 42.01 -17.51 -0.76
N PRO D 85 42.48 -16.25 -0.73
CA PRO D 85 42.90 -15.64 0.54
C PRO D 85 41.73 -15.16 1.40
N ILE D 86 41.66 -15.66 2.64
CA ILE D 86 40.60 -15.26 3.58
C ILE D 86 41.24 -14.32 4.60
N ALA D 87 40.58 -13.19 4.87
CA ALA D 87 41.09 -12.24 5.85
C ALA D 87 40.29 -12.39 7.14
N TYR D 88 40.94 -12.15 8.27
CA TYR D 88 40.27 -12.25 9.56
C TYR D 88 40.47 -11.01 10.43
N SER D 89 39.48 -10.78 11.28
CA SER D 89 39.46 -9.66 12.21
C SER D 89 39.07 -10.30 13.53
N ILE D 90 40.03 -10.38 14.44
CA ILE D 90 39.78 -11.00 15.75
C ILE D 90 39.78 -10.00 16.92
N VAL D 91 38.68 -9.95 17.64
CA VAL D 91 38.56 -9.06 18.77
C VAL D 91 38.72 -9.90 20.02
N VAL D 92 39.73 -9.56 20.81
CA VAL D 92 40.04 -10.27 22.04
C VAL D 92 40.41 -9.26 23.12
N HIS D 93 40.44 -9.73 24.36
CA HIS D 93 40.81 -8.85 25.46
C HIS D 93 41.54 -9.61 26.56
N HIS D 94 41.29 -10.91 26.65
CA HIS D 94 41.98 -11.73 27.65
C HIS D 94 42.14 -13.18 27.19
N LYS D 95 42.63 -14.03 28.10
CA LYS D 95 42.85 -15.45 27.82
C LYS D 95 43.69 -15.71 26.57
N ILE D 96 45.00 -15.51 26.70
CA ILE D 96 45.95 -15.71 25.61
C ILE D 96 46.02 -17.16 25.13
N GLU D 97 45.63 -18.10 25.98
CA GLU D 97 45.65 -19.51 25.64
C GLU D 97 44.67 -19.78 24.51
N MET D 98 43.48 -19.22 24.62
CA MET D 98 42.44 -19.40 23.60
C MET D 98 42.81 -18.72 22.30
N LEU D 99 43.36 -17.51 22.39
CA LEU D 99 43.76 -16.79 21.19
C LEU D 99 44.70 -17.64 20.34
N ASP D 100 45.74 -18.16 20.96
CA ASP D 100 46.72 -19.00 20.26
C ASP D 100 46.05 -20.23 19.67
N ARG D 101 45.26 -20.92 20.48
CA ARG D 101 44.59 -22.12 20.02
C ARG D 101 43.68 -21.79 18.83
N LEU D 102 42.92 -20.70 18.95
CA LEU D 102 42.02 -20.29 17.88
C LEU D 102 42.81 -19.87 16.66
N LEU D 103 43.85 -19.06 16.86
CA LEU D 103 44.65 -18.60 15.74
C LEU D 103 45.33 -19.75 15.02
N ARG D 104 45.64 -20.82 15.77
CA ARG D 104 46.30 -21.97 15.17
C ARG D 104 45.32 -22.73 14.29
N ALA D 105 44.12 -22.94 14.82
CA ALA D 105 43.04 -23.65 14.14
C ALA D 105 42.60 -23.00 12.83
N ILE D 106 42.89 -21.70 12.67
CA ILE D 106 42.51 -20.99 11.46
C ILE D 106 43.71 -20.40 10.72
N TYR D 107 44.89 -20.57 11.28
CA TYR D 107 46.08 -20.02 10.64
C TYR D 107 46.42 -20.72 9.33
N MET D 108 46.82 -19.93 8.34
CA MET D 108 47.18 -20.44 7.03
C MET D 108 47.98 -19.34 6.34
N PRO D 109 49.24 -19.62 6.00
CA PRO D 109 50.19 -18.73 5.35
C PRO D 109 49.63 -17.68 4.39
N GLN D 110 48.79 -18.10 3.46
CA GLN D 110 48.23 -17.18 2.46
C GLN D 110 47.18 -16.22 3.01
N ASN D 111 46.70 -16.45 4.22
CA ASN D 111 45.67 -15.59 4.82
C ASN D 111 46.23 -14.31 5.47
N PHE D 112 45.36 -13.57 6.14
CA PHE D 112 45.74 -12.33 6.81
C PHE D 112 44.96 -12.22 8.09
N TYR D 113 45.66 -11.94 9.19
CA TYR D 113 45.01 -11.86 10.48
C TYR D 113 45.29 -10.53 11.17
N CYS D 114 44.22 -9.88 11.61
CA CYS D 114 44.34 -8.63 12.33
C CYS D 114 43.77 -8.86 13.71
N ILE D 115 44.61 -8.72 14.72
CA ILE D 115 44.18 -8.93 16.11
C ILE D 115 43.93 -7.60 16.78
N HIS D 116 42.76 -7.45 17.36
CA HIS D 116 42.45 -6.22 18.05
C HIS D 116 42.40 -6.51 19.54
N VAL D 117 43.41 -6.02 20.26
CA VAL D 117 43.45 -6.22 21.70
C VAL D 117 42.83 -4.99 22.36
N ASP D 118 41.90 -5.22 23.27
CA ASP D 118 41.26 -4.12 23.95
C ASP D 118 42.29 -3.27 24.70
N ARG D 119 42.09 -1.95 24.69
CA ARG D 119 43.02 -1.06 25.37
C ARG D 119 43.06 -1.38 26.85
N LYS D 120 41.90 -1.69 27.42
CA LYS D 120 41.84 -2.01 28.83
C LYS D 120 42.46 -3.37 29.12
N ALA D 121 43.10 -3.95 28.12
CA ALA D 121 43.74 -5.25 28.29
C ALA D 121 45.06 -5.11 29.04
N GLU D 122 45.42 -6.14 29.79
CA GLU D 122 46.65 -6.14 30.56
C GLU D 122 47.86 -5.87 29.67
N GLU D 123 48.83 -5.13 30.21
CA GLU D 123 50.04 -4.82 29.47
C GLU D 123 50.69 -6.19 29.24
N SER D 124 50.38 -7.11 30.14
CA SER D 124 50.89 -8.48 30.11
C SER D 124 50.30 -9.19 28.90
N PHE D 125 48.98 -9.14 28.79
CA PHE D 125 48.26 -9.77 27.68
C PHE D 125 48.67 -9.18 26.33
N LEU D 126 48.56 -7.85 26.18
CA LEU D 126 48.90 -7.19 24.94
C LEU D 126 50.31 -7.54 24.47
N ALA D 127 51.19 -7.85 25.42
CA ALA D 127 52.56 -8.19 25.09
C ALA D 127 52.59 -9.61 24.52
N ALA D 128 51.85 -10.50 25.14
CA ALA D 128 51.78 -11.88 24.68
C ALA D 128 51.25 -11.90 23.24
N VAL D 129 50.10 -11.27 23.02
CA VAL D 129 49.52 -11.19 21.69
C VAL D 129 50.63 -10.72 20.78
N GLN D 130 51.23 -9.59 21.15
CA GLN D 130 52.32 -8.99 20.40
C GLN D 130 53.41 -9.99 20.03
N GLY D 131 53.81 -10.81 21.00
CA GLY D 131 54.84 -11.80 20.76
C GLY D 131 54.42 -12.75 19.67
N ILE D 132 53.27 -13.40 19.88
CA ILE D 132 52.73 -14.35 18.92
C ILE D 132 52.62 -13.68 17.56
N ALA D 133 51.91 -12.56 17.50
CA ALA D 133 51.74 -11.84 16.26
C ALA D 133 53.09 -11.65 15.56
N SER D 134 54.13 -11.51 16.37
CA SER D 134 55.48 -11.28 15.86
C SER D 134 56.15 -12.46 15.17
N CYS D 135 55.67 -13.66 15.45
CA CYS D 135 56.24 -14.86 14.82
C CYS D 135 55.56 -15.20 13.51
N PHE D 136 54.80 -14.25 12.96
CA PHE D 136 54.08 -14.44 11.68
C PHE D 136 54.00 -13.13 10.90
N ASP D 137 54.41 -13.19 9.64
CA ASP D 137 54.37 -12.00 8.79
C ASP D 137 52.95 -11.66 8.34
N ASN D 138 52.01 -12.55 8.60
CA ASN D 138 50.62 -12.33 8.20
C ASN D 138 49.70 -12.19 9.41
N VAL D 139 50.31 -11.87 10.56
CA VAL D 139 49.58 -11.68 11.79
C VAL D 139 50.08 -10.42 12.50
N PHE D 140 49.24 -9.40 12.55
CA PHE D 140 49.57 -8.12 13.16
C PHE D 140 48.45 -7.65 14.08
N VAL D 141 48.77 -6.72 14.98
CA VAL D 141 47.76 -6.16 15.88
C VAL D 141 47.19 -4.93 15.19
N ALA D 142 45.90 -4.68 15.38
CA ALA D 142 45.24 -3.52 14.76
C ALA D 142 45.91 -2.19 15.09
N SER D 143 46.17 -1.38 14.06
CA SER D 143 46.83 -0.09 14.24
C SER D 143 46.21 0.84 15.29
N GLN D 144 44.90 0.72 15.50
CA GLN D 144 44.21 1.55 16.48
C GLN D 144 43.48 0.65 17.45
N LEU D 145 43.77 0.78 18.73
CA LEU D 145 43.09 -0.04 19.71
C LEU D 145 42.05 0.75 20.47
N GLU D 146 40.81 0.27 20.42
CA GLU D 146 39.69 0.92 21.07
C GLU D 146 39.46 0.32 22.44
N SER D 147 38.84 1.09 23.31
CA SER D 147 38.50 0.60 24.63
C SER D 147 37.04 0.19 24.46
N VAL D 148 36.84 -1.08 24.09
CA VAL D 148 35.50 -1.58 23.85
C VAL D 148 34.62 -1.62 25.09
N VAL D 149 33.37 -1.20 24.92
CA VAL D 149 32.38 -1.23 25.99
C VAL D 149 31.24 -2.06 25.41
N TYR D 150 30.68 -2.95 26.23
CA TYR D 150 29.61 -3.83 25.80
C TYR D 150 28.41 -3.15 25.14
N ALA D 151 27.97 -3.72 24.01
CA ALA D 151 26.83 -3.23 23.25
C ALA D 151 27.03 -1.83 22.73
N SER D 152 28.26 -1.36 22.77
CA SER D 152 28.60 -0.02 22.33
C SER D 152 29.26 0.11 20.96
N TRP D 153 29.17 1.30 20.40
CA TRP D 153 29.74 1.61 19.11
C TRP D 153 31.23 1.23 18.96
N THR D 154 31.97 1.25 20.08
CA THR D 154 33.40 0.93 20.02
C THR D 154 33.65 -0.48 19.49
N ARG D 155 32.80 -1.42 19.87
CA ARG D 155 32.91 -2.80 19.43
C ARG D 155 32.89 -2.89 17.89
N VAL D 156 32.13 -2.00 17.24
CA VAL D 156 32.05 -1.95 15.79
C VAL D 156 33.32 -1.30 15.27
N LYS D 157 33.82 -0.32 15.99
CA LYS D 157 35.03 0.39 15.61
C LYS D 157 36.21 -0.58 15.61
N ALA D 158 36.25 -1.46 16.60
CA ALA D 158 37.31 -2.45 16.71
C ALA D 158 37.42 -3.19 15.38
N ASP D 159 36.28 -3.66 14.86
CA ASP D 159 36.29 -4.36 13.58
C ASP D 159 36.57 -3.42 12.40
N LEU D 160 36.13 -2.17 12.49
CA LEU D 160 36.40 -1.23 11.40
C LEU D 160 37.90 -0.96 11.35
N ASN D 161 38.55 -1.02 12.51
CA ASN D 161 39.97 -0.79 12.59
C ASN D 161 40.72 -1.88 11.86
N CYS D 162 40.32 -3.13 12.09
CA CYS D 162 40.96 -4.24 11.40
C CYS D 162 40.67 -4.07 9.91
N MET D 163 39.44 -3.73 9.57
CA MET D 163 39.09 -3.53 8.17
C MET D 163 40.03 -2.57 7.48
N LYS D 164 40.22 -1.38 8.05
CA LYS D 164 41.12 -0.40 7.45
C LYS D 164 42.50 -0.99 7.20
N ASP D 165 43.10 -1.54 8.24
CA ASP D 165 44.42 -2.14 8.16
C ASP D 165 44.50 -3.24 7.10
N LEU D 166 43.70 -4.30 7.28
CA LEU D 166 43.67 -5.42 6.35
C LEU D 166 43.42 -5.03 4.90
N TYR D 167 42.50 -4.09 4.70
CA TYR D 167 42.17 -3.65 3.36
C TYR D 167 43.36 -3.07 2.62
N ARG D 168 43.96 -2.05 3.21
CA ARG D 168 45.10 -1.38 2.57
C ARG D 168 46.43 -2.12 2.62
N MET D 169 46.50 -3.21 3.37
CA MET D 169 47.74 -3.95 3.45
C MET D 169 47.86 -5.04 2.38
N ASN D 170 46.74 -5.38 1.75
CA ASN D 170 46.72 -6.40 0.70
C ASN D 170 45.41 -6.31 -0.05
N ALA D 171 45.49 -6.37 -1.37
CA ALA D 171 44.31 -6.28 -2.22
C ALA D 171 43.94 -7.63 -2.84
N ASN D 172 44.49 -8.70 -2.29
CA ASN D 172 44.23 -10.02 -2.83
C ASN D 172 43.28 -10.94 -2.07
N TRP D 173 42.95 -10.64 -0.82
CA TRP D 173 42.03 -11.51 -0.09
C TRP D 173 40.60 -11.38 -0.63
N LYS D 174 39.84 -12.47 -0.53
CA LYS D 174 38.48 -12.51 -1.07
C LYS D 174 37.37 -12.03 -0.12
N TYR D 175 37.30 -12.66 1.04
CA TYR D 175 36.30 -12.34 2.05
C TYR D 175 36.97 -12.06 3.41
N LEU D 176 36.26 -11.28 4.23
CA LEU D 176 36.73 -10.95 5.57
C LEU D 176 35.75 -11.64 6.51
N ILE D 177 36.26 -12.27 7.55
CA ILE D 177 35.43 -12.94 8.54
C ILE D 177 35.88 -12.36 9.88
N ASN D 178 34.96 -11.80 10.66
CA ASN D 178 35.33 -11.24 11.94
C ASN D 178 35.04 -12.26 13.04
N LEU D 179 35.93 -12.33 14.02
CA LEU D 179 35.78 -13.29 15.10
C LEU D 179 36.03 -12.67 16.48
N CYS D 180 35.60 -13.38 17.51
CA CYS D 180 35.81 -12.97 18.89
C CYS D 180 36.58 -14.10 19.61
N GLY D 181 37.13 -13.80 20.78
CA GLY D 181 37.91 -14.78 21.51
C GLY D 181 37.28 -16.14 21.73
N MET D 182 35.97 -16.18 22.00
CA MET D 182 35.30 -17.45 22.25
C MET D 182 34.71 -18.15 21.02
N ASP D 183 35.15 -17.79 19.82
CA ASP D 183 34.67 -18.44 18.60
C ASP D 183 35.62 -19.57 18.21
N PHE D 184 35.07 -20.65 17.68
CA PHE D 184 35.89 -21.75 17.23
C PHE D 184 35.32 -22.25 15.91
N PRO D 185 36.17 -22.46 14.90
CA PRO D 185 35.68 -22.94 13.60
C PRO D 185 35.07 -24.33 13.70
N ILE D 186 34.26 -24.68 12.71
CA ILE D 186 33.67 -26.01 12.66
C ILE D 186 33.74 -26.47 11.21
N LYS D 187 34.65 -25.85 10.47
CA LYS D 187 34.88 -26.17 9.06
C LYS D 187 36.38 -25.95 8.88
N THR D 188 37.02 -26.74 8.02
CA THR D 188 38.46 -26.57 7.82
C THR D 188 38.64 -25.39 6.87
N ASN D 189 39.85 -24.91 6.70
CA ASN D 189 40.07 -23.79 5.81
C ASN D 189 39.53 -24.13 4.42
N LEU D 190 39.73 -25.37 3.99
CA LEU D 190 39.27 -25.77 2.67
C LEU D 190 37.75 -25.70 2.59
N GLU D 191 37.08 -26.24 3.59
CA GLU D 191 35.61 -26.20 3.61
C GLU D 191 35.14 -24.76 3.56
N ILE D 192 35.72 -23.92 4.41
CA ILE D 192 35.36 -22.52 4.48
C ILE D 192 35.55 -21.88 3.11
N VAL D 193 36.73 -22.08 2.54
CA VAL D 193 37.06 -21.53 1.23
C VAL D 193 36.07 -21.98 0.18
N ARG D 194 35.61 -23.22 0.30
CA ARG D 194 34.66 -23.75 -0.66
C ARG D 194 33.32 -23.05 -0.59
N LYS D 195 32.77 -22.96 0.62
CA LYS D 195 31.48 -22.31 0.82
C LYS D 195 31.51 -20.84 0.38
N LEU D 196 32.69 -20.22 0.51
CA LEU D 196 32.85 -18.81 0.11
C LEU D 196 32.76 -18.72 -1.40
N LYS D 197 33.42 -19.67 -2.08
CA LYS D 197 33.39 -19.71 -3.53
C LYS D 197 31.94 -19.92 -3.93
N CYS D 198 31.23 -20.71 -3.15
CA CYS D 198 29.84 -21.00 -3.41
C CYS D 198 28.98 -19.75 -3.26
N SER D 199 29.39 -18.83 -2.38
CA SER D 199 28.67 -17.59 -2.14
C SER D 199 28.80 -16.66 -3.34
N THR D 200 29.66 -17.05 -4.26
CA THR D 200 29.89 -16.31 -5.50
C THR D 200 29.83 -14.79 -5.40
N GLY D 201 30.78 -14.19 -4.69
CA GLY D 201 30.84 -12.75 -4.57
C GLY D 201 29.74 -12.07 -3.77
N GLU D 202 28.85 -12.84 -3.18
CA GLU D 202 27.77 -12.26 -2.38
C GLU D 202 28.17 -12.35 -0.92
N ASN D 203 27.78 -11.36 -0.13
CA ASN D 203 28.11 -11.39 1.29
C ASN D 203 27.14 -12.38 1.94
N ASN D 204 27.44 -12.81 3.17
CA ASN D 204 26.59 -13.74 3.92
C ASN D 204 26.61 -13.32 5.38
N LEU D 205 25.45 -12.93 5.92
CA LEU D 205 25.34 -12.51 7.31
C LEU D 205 23.87 -12.39 7.65
N GLU D 206 23.55 -12.53 8.94
CA GLU D 206 22.16 -12.42 9.38
C GLU D 206 21.62 -11.07 8.96
N THR D 207 20.37 -11.03 8.48
CA THR D 207 19.75 -9.76 8.07
C THR D 207 18.26 -9.89 7.77
N GLU D 208 17.43 -9.58 8.76
CA GLU D 208 16.00 -9.66 8.56
C GLU D 208 15.20 -8.46 9.08
N LYS D 209 13.90 -8.48 8.81
CA LYS D 209 13.01 -7.41 9.22
C LYS D 209 13.26 -7.01 10.68
N MET D 210 13.34 -5.70 10.93
CA MET D 210 13.59 -5.17 12.26
C MET D 210 12.47 -5.49 13.21
N PRO D 211 12.73 -6.30 14.25
CA PRO D 211 11.69 -6.66 15.22
C PRO D 211 11.26 -5.42 16.01
N PRO D 212 9.99 -5.35 16.41
CA PRO D 212 9.50 -4.19 17.17
C PRO D 212 10.22 -3.93 18.50
N ASN D 213 10.45 -4.99 19.28
CA ASN D 213 11.09 -4.89 20.59
C ASN D 213 12.58 -4.57 20.51
N LYS D 214 13.10 -4.38 19.31
CA LYS D 214 14.51 -4.10 19.17
C LYS D 214 14.72 -2.71 18.56
N GLU D 215 13.65 -1.93 18.51
CA GLU D 215 13.73 -0.58 17.95
C GLU D 215 14.21 0.48 18.93
N GLU D 216 13.97 0.28 20.22
CA GLU D 216 14.41 1.27 21.18
C GLU D 216 15.93 1.41 21.16
N ARG D 217 16.59 0.48 20.48
CA ARG D 217 18.04 0.52 20.40
C ARG D 217 18.55 1.65 19.54
N TRP D 218 17.74 2.10 18.58
CA TRP D 218 18.16 3.18 17.70
C TRP D 218 17.22 4.38 17.69
N LYS D 219 16.13 4.27 18.44
CA LYS D 219 15.16 5.35 18.52
C LYS D 219 15.62 6.34 19.60
N LYS D 220 16.21 5.80 20.66
CA LYS D 220 16.71 6.61 21.77
C LYS D 220 18.21 6.78 21.66
N ARG D 221 18.71 7.88 22.21
CA ARG D 221 20.14 8.16 22.21
C ARG D 221 20.69 7.39 23.43
N TYR D 222 21.90 6.85 23.32
CA TYR D 222 22.49 6.08 24.42
C TYR D 222 23.85 6.62 24.76
N ALA D 223 24.21 6.58 26.04
CA ALA D 223 25.49 7.09 26.50
C ALA D 223 26.17 6.16 27.49
N VAL D 224 27.49 6.16 27.46
CA VAL D 224 28.24 5.31 28.37
C VAL D 224 28.44 6.00 29.73
N VAL D 225 27.88 5.39 30.77
CA VAL D 225 28.01 5.91 32.14
C VAL D 225 28.63 4.84 33.04
N ASP D 226 29.75 5.18 33.67
CA ASP D 226 30.46 4.27 34.56
C ASP D 226 30.73 2.94 33.89
N GLY D 227 31.13 2.99 32.64
CA GLY D 227 31.43 1.76 31.92
C GLY D 227 30.24 1.04 31.31
N LYS D 228 29.01 1.41 31.68
CA LYS D 228 27.85 0.76 31.11
C LYS D 228 27.03 1.65 30.16
N LEU D 229 26.65 1.10 29.01
CA LEU D 229 25.86 1.84 28.02
C LEU D 229 24.42 1.96 28.50
N THR D 230 23.98 3.19 28.74
CA THR D 230 22.63 3.42 29.23
C THR D 230 21.85 4.36 28.33
N ASN D 231 20.53 4.16 28.39
CA ASN D 231 19.57 4.92 27.62
C ASN D 231 19.39 6.33 28.20
N THR D 232 19.75 7.35 27.42
CA THR D 232 19.63 8.74 27.88
C THR D 232 18.21 9.29 27.94
N GLY D 233 17.28 8.63 27.27
CA GLY D 233 15.91 9.12 27.23
C GLY D 233 15.67 10.01 26.02
N ILE D 234 16.75 10.58 25.49
CA ILE D 234 16.67 11.45 24.33
C ILE D 234 16.22 10.67 23.09
N VAL D 235 15.40 11.30 22.26
CA VAL D 235 14.89 10.68 21.05
C VAL D 235 15.80 11.06 19.88
N LYS D 236 16.17 10.09 19.05
CA LYS D 236 17.05 10.33 17.91
C LYS D 236 16.29 10.66 16.65
N ALA D 237 16.99 11.23 15.68
CA ALA D 237 16.41 11.57 14.40
C ALA D 237 16.30 10.28 13.60
N PRO D 238 15.49 10.27 12.53
CA PRO D 238 15.38 9.05 11.73
C PRO D 238 16.74 8.76 11.12
N PRO D 239 16.97 7.51 10.68
CA PRO D 239 18.26 7.19 10.07
C PRO D 239 18.41 7.88 8.72
N PRO D 240 19.64 8.25 8.34
CA PRO D 240 19.84 8.91 7.05
C PRO D 240 19.92 7.81 5.99
N LEU D 241 18.81 7.09 5.84
CA LEU D 241 18.73 5.95 4.94
C LEU D 241 17.40 5.84 4.19
N LYS D 242 17.47 5.58 2.89
CA LYS D 242 16.28 5.41 2.06
C LYS D 242 15.78 4.02 2.41
N THR D 243 16.75 3.11 2.53
CA THR D 243 16.49 1.72 2.87
C THR D 243 16.16 1.59 4.35
N PRO D 244 15.29 0.62 4.68
CA PRO D 244 14.89 0.36 6.07
C PRO D 244 16.08 -0.11 6.90
N LEU D 245 15.86 -0.27 8.21
CA LEU D 245 16.90 -0.74 9.10
C LEU D 245 16.67 -2.22 9.29
N PHE D 246 17.74 -2.99 9.16
CA PHE D 246 17.65 -4.44 9.31
C PHE D 246 18.32 -4.95 10.56
N SER D 247 17.78 -6.04 11.08
CA SER D 247 18.28 -6.69 12.28
C SER D 247 19.22 -7.87 11.94
N GLY D 248 20.28 -8.04 12.73
CA GLY D 248 21.22 -9.12 12.48
C GLY D 248 22.13 -9.43 13.66
N SER D 249 23.43 -9.55 13.42
CA SER D 249 24.35 -9.83 14.53
C SER D 249 25.71 -9.23 14.25
N ALA D 250 26.58 -9.30 15.25
CA ALA D 250 27.93 -8.77 15.10
C ALA D 250 28.76 -9.50 14.06
N TYR D 251 28.56 -10.81 13.95
CA TYR D 251 29.36 -11.61 13.02
C TYR D 251 28.89 -11.62 11.58
N PHE D 252 29.86 -11.69 10.67
CA PHE D 252 29.53 -11.66 9.26
C PHE D 252 30.65 -12.19 8.37
N VAL D 253 30.30 -12.42 7.11
CA VAL D 253 31.25 -12.90 6.13
C VAL D 253 31.00 -11.95 4.97
N VAL D 254 31.94 -11.03 4.77
CA VAL D 254 31.78 -10.06 3.72
C VAL D 254 32.98 -10.03 2.78
N THR D 255 32.74 -9.58 1.55
CA THR D 255 33.80 -9.54 0.58
C THR D 255 34.70 -8.34 0.78
N ARG D 256 35.85 -8.36 0.13
CA ARG D 256 36.78 -7.27 0.23
C ARG D 256 36.20 -6.05 -0.49
N GLU D 257 35.25 -6.25 -1.40
CA GLU D 257 34.67 -5.10 -2.10
C GLU D 257 33.67 -4.40 -1.19
N TYR D 258 33.07 -5.18 -0.27
CA TYR D 258 32.10 -4.65 0.70
C TYR D 258 32.90 -3.73 1.61
N VAL D 259 33.93 -4.33 2.21
CA VAL D 259 34.83 -3.62 3.12
C VAL D 259 35.31 -2.32 2.49
N GLY D 260 35.75 -2.40 1.25
CA GLY D 260 36.23 -1.21 0.59
C GLY D 260 35.17 -0.15 0.49
N TYR D 261 33.99 -0.55 0.02
CA TYR D 261 32.90 0.37 -0.14
C TYR D 261 32.56 1.05 1.19
N VAL D 262 32.26 0.23 2.19
CA VAL D 262 31.91 0.73 3.51
C VAL D 262 32.98 1.64 4.12
N LEU D 263 34.24 1.44 3.75
CA LEU D 263 35.30 2.29 4.29
C LEU D 263 35.34 3.62 3.54
N GLU D 264 34.70 3.67 2.39
CA GLU D 264 34.72 4.88 1.54
C GLU D 264 33.41 5.64 1.34
N ASN D 265 32.38 4.94 0.89
CA ASN D 265 31.09 5.57 0.61
C ASN D 265 30.65 6.64 1.63
N GLU D 266 30.30 7.80 1.10
CA GLU D 266 29.86 8.95 1.90
C GLU D 266 28.60 8.63 2.69
N ASN D 267 27.59 8.09 2.02
CA ASN D 267 26.34 7.73 2.67
C ASN D 267 26.53 6.77 3.84
N ILE D 268 27.42 5.79 3.66
CA ILE D 268 27.67 4.81 4.71
C ILE D 268 28.19 5.51 5.98
N GLN D 269 29.06 6.51 5.81
CA GLN D 269 29.62 7.24 6.95
C GLN D 269 28.52 7.91 7.77
N LYS D 270 27.61 8.60 7.10
CA LYS D 270 26.50 9.26 7.75
C LYS D 270 25.73 8.25 8.58
N LEU D 271 25.44 7.11 7.96
CA LEU D 271 24.73 6.04 8.67
C LEU D 271 25.53 5.63 9.89
N MET D 272 26.85 5.56 9.72
CA MET D 272 27.77 5.18 10.79
C MET D 272 27.75 6.14 11.98
N GLU D 273 28.08 7.40 11.75
CA GLU D 273 28.07 8.38 12.84
C GLU D 273 26.71 8.46 13.52
N TRP D 274 25.64 8.40 12.73
CA TRP D 274 24.28 8.43 13.28
C TRP D 274 24.08 7.29 14.28
N ALA D 275 24.74 6.16 14.03
CA ALA D 275 24.61 4.98 14.89
C ALA D 275 25.50 4.99 16.12
N GLN D 276 26.53 5.81 16.10
CA GLN D 276 27.45 5.91 17.23
C GLN D 276 26.80 6.00 18.60
N ASP D 277 25.58 6.51 18.69
CA ASP D 277 24.92 6.66 19.98
C ASP D 277 23.74 5.70 20.16
N THR D 278 23.80 4.57 19.48
CA THR D 278 22.75 3.58 19.60
C THR D 278 23.25 2.40 20.44
N TYR D 279 22.32 1.52 20.80
CA TYR D 279 22.66 0.34 21.58
C TYR D 279 22.83 -0.87 20.67
N SER D 280 24.03 -1.44 20.64
CA SER D 280 24.30 -2.60 19.81
C SER D 280 24.21 -2.30 18.31
N PRO D 281 24.88 -1.22 17.87
CA PRO D 281 24.85 -0.86 16.44
C PRO D 281 25.38 -2.01 15.61
N ASP D 282 26.26 -2.80 16.21
CA ASP D 282 26.84 -3.94 15.54
C ASP D 282 25.77 -4.95 15.14
N GLU D 283 24.61 -4.89 15.80
CA GLU D 283 23.53 -5.83 15.49
C GLU D 283 22.45 -5.31 14.54
N PHE D 284 22.72 -4.21 13.84
CA PHE D 284 21.79 -3.71 12.84
C PHE D 284 22.59 -3.03 11.73
N LEU D 285 23.76 -2.54 12.07
CA LEU D 285 24.58 -1.83 11.11
C LEU D 285 24.96 -2.66 9.89
N TRP D 286 25.57 -3.82 10.12
CA TRP D 286 25.97 -4.66 9.01
C TRP D 286 24.74 -5.21 8.27
N ALA D 287 23.75 -5.70 9.01
CA ALA D 287 22.54 -6.23 8.38
C ALA D 287 21.84 -5.17 7.54
N THR D 288 22.01 -3.90 7.90
CA THR D 288 21.35 -2.83 7.16
C THR D 288 22.13 -2.43 5.92
N ILE D 289 23.45 -2.43 6.02
CA ILE D 289 24.29 -2.07 4.88
C ILE D 289 24.22 -3.17 3.82
N GLN D 290 23.93 -4.39 4.26
CA GLN D 290 23.83 -5.55 3.37
C GLN D 290 22.58 -5.46 2.51
N ARG D 291 21.78 -4.43 2.74
CA ARG D 291 20.56 -4.24 1.98
C ARG D 291 20.49 -2.87 1.27
N ILE D 292 21.60 -2.15 1.27
CA ILE D 292 21.65 -0.85 0.63
C ILE D 292 22.05 -1.07 -0.83
N PRO D 293 21.15 -0.74 -1.76
CA PRO D 293 21.49 -0.93 -3.17
C PRO D 293 22.87 -0.34 -3.47
N GLU D 294 23.51 -0.89 -4.49
CA GLU D 294 24.84 -0.43 -4.91
C GLU D 294 25.96 -0.75 -3.92
N VAL D 295 25.69 -1.62 -2.97
CA VAL D 295 26.69 -2.03 -2.00
C VAL D 295 27.20 -3.37 -2.51
N PRO D 296 28.50 -3.46 -2.80
CA PRO D 296 29.09 -4.70 -3.29
C PRO D 296 28.59 -5.96 -2.59
N GLY D 297 27.86 -6.80 -3.31
CA GLY D 297 27.39 -8.05 -2.74
C GLY D 297 26.19 -8.03 -1.81
N SER D 298 25.39 -6.98 -1.89
CA SER D 298 24.20 -6.85 -1.07
C SER D 298 23.01 -7.63 -1.67
N PHE D 299 21.90 -7.67 -0.95
CA PHE D 299 20.68 -8.34 -1.40
C PHE D 299 19.63 -7.25 -1.50
N PRO D 300 18.61 -7.45 -2.34
CA PRO D 300 17.57 -6.44 -2.45
C PRO D 300 16.86 -6.26 -1.09
N SER D 301 16.27 -5.09 -0.89
CA SER D 301 15.58 -4.75 0.33
C SER D 301 14.35 -5.63 0.61
N SER D 302 13.88 -6.36 -0.41
CA SER D 302 12.72 -7.22 -0.22
C SER D 302 12.99 -8.28 0.86
N ASN D 303 11.99 -8.53 1.69
CA ASN D 303 12.14 -9.52 2.76
C ASN D 303 12.28 -10.96 2.23
N LYS D 304 12.11 -11.12 0.92
CA LYS D 304 12.24 -12.44 0.30
C LYS D 304 13.71 -12.87 0.38
N TYR D 305 14.60 -11.90 0.61
CA TYR D 305 16.02 -12.16 0.72
C TYR D 305 16.53 -12.13 2.16
N ASP D 306 15.60 -12.09 3.11
CA ASP D 306 16.00 -12.09 4.50
C ASP D 306 16.75 -13.37 4.87
N LEU D 307 17.72 -13.25 5.76
CA LEU D 307 18.49 -14.38 6.26
C LEU D 307 18.44 -14.39 7.79
N SER D 308 18.01 -15.52 8.33
CA SER D 308 17.93 -15.70 9.77
C SER D 308 19.35 -16.06 10.21
N ASP D 309 19.54 -16.30 11.50
CA ASP D 309 20.87 -16.68 11.94
C ASP D 309 21.22 -18.10 11.43
N MET D 310 20.22 -18.99 11.35
CA MET D 310 20.43 -20.36 10.86
C MET D 310 20.59 -20.44 9.34
N ASN D 311 20.01 -19.48 8.61
CA ASN D 311 20.13 -19.47 7.15
C ASN D 311 21.49 -18.94 6.70
N ALA D 312 22.07 -18.01 7.45
CA ALA D 312 23.37 -17.49 7.06
C ALA D 312 24.42 -18.52 7.49
N ILE D 313 25.62 -18.41 6.96
CA ILE D 313 26.68 -19.36 7.28
C ILE D 313 27.68 -18.72 8.22
N ALA D 314 27.34 -17.55 8.73
CA ALA D 314 28.26 -16.82 9.59
C ALA D 314 28.59 -17.47 10.92
N ARG D 315 27.59 -17.60 11.79
CA ARG D 315 27.87 -18.16 13.08
C ARG D 315 26.72 -18.97 13.63
N PHE D 316 27.01 -20.17 14.11
CA PHE D 316 25.97 -21.00 14.71
C PHE D 316 25.98 -20.65 16.21
N VAL D 317 24.80 -20.38 16.76
CA VAL D 317 24.69 -19.99 18.16
C VAL D 317 23.35 -20.45 18.69
N LYS D 318 23.34 -21.04 19.88
CA LYS D 318 22.08 -21.48 20.45
C LYS D 318 21.65 -20.50 21.52
N TRP D 319 20.40 -20.04 21.43
CA TRP D 319 19.85 -19.12 22.41
C TRP D 319 18.96 -19.96 23.29
N GLN D 320 19.11 -19.79 24.58
CA GLN D 320 18.36 -20.54 25.56
C GLN D 320 16.86 -20.62 25.30
N TYR D 321 16.21 -19.49 25.05
CA TYR D 321 14.76 -19.49 24.82
C TYR D 321 14.29 -20.17 23.54
N PHE D 322 15.21 -20.53 22.64
CA PHE D 322 14.84 -21.24 21.41
C PHE D 322 15.12 -22.73 21.54
N GLU D 323 16.05 -23.08 22.43
CA GLU D 323 16.44 -24.47 22.68
C GLU D 323 15.27 -25.36 23.08
N GLY D 324 15.28 -26.59 22.58
CA GLY D 324 14.21 -27.51 22.91
C GLY D 324 14.23 -28.76 22.06
N ASP D 325 13.05 -29.36 21.88
CA ASP D 325 12.93 -30.58 21.09
C ASP D 325 12.88 -30.25 19.59
N VAL D 326 13.98 -30.48 18.90
CA VAL D 326 14.05 -30.22 17.45
C VAL D 326 12.93 -30.86 16.66
N SER D 327 12.55 -32.07 17.04
CA SER D 327 11.48 -32.76 16.35
C SER D 327 10.14 -32.25 16.84
N ASN D 328 10.02 -30.94 16.98
CA ASN D 328 8.79 -30.35 17.44
C ASN D 328 8.80 -28.83 17.41
N GLY D 329 9.69 -28.24 16.61
CA GLY D 329 9.70 -26.79 16.51
C GLY D 329 10.99 -26.06 16.83
N ALA D 330 11.76 -26.55 17.80
CA ALA D 330 13.01 -25.88 18.16
C ALA D 330 14.03 -25.94 17.01
N PRO D 331 14.81 -24.87 16.81
CA PRO D 331 15.80 -24.91 15.72
C PRO D 331 17.03 -25.73 16.10
N TYR D 332 17.15 -26.05 17.39
CA TYR D 332 18.28 -26.83 17.88
C TYR D 332 18.04 -27.49 19.23
N PRO D 333 18.87 -28.50 19.56
CA PRO D 333 18.84 -29.28 20.81
C PRO D 333 19.31 -28.48 22.01
N PRO D 334 18.84 -28.85 23.21
CA PRO D 334 19.23 -28.16 24.45
C PRO D 334 20.75 -28.07 24.60
N CYS D 335 21.20 -27.03 25.28
CA CYS D 335 22.63 -26.81 25.49
C CYS D 335 23.25 -27.89 26.40
N SER D 336 24.47 -28.30 26.06
CA SER D 336 25.19 -29.31 26.85
C SER D 336 26.09 -28.59 27.85
N GLY D 337 26.78 -27.54 27.37
CA GLY D 337 27.66 -26.78 28.24
C GLY D 337 26.86 -25.93 29.22
N VAL D 338 27.10 -24.62 29.24
CA VAL D 338 26.36 -23.74 30.15
C VAL D 338 25.82 -22.52 29.42
N HIS D 339 24.99 -21.73 30.11
CA HIS D 339 24.42 -20.51 29.51
C HIS D 339 24.96 -19.20 30.11
N VAL D 340 25.17 -18.22 29.25
CA VAL D 340 25.69 -16.92 29.66
C VAL D 340 24.99 -15.83 28.85
N ARG D 341 24.02 -15.19 29.49
CA ARG D 341 23.22 -14.16 28.84
C ARG D 341 22.43 -14.83 27.73
N SER D 342 21.90 -16.01 28.05
CA SER D 342 21.09 -16.78 27.14
C SER D 342 21.87 -17.47 26.01
N VAL D 343 23.15 -17.13 25.86
CA VAL D 343 23.97 -17.77 24.84
C VAL D 343 24.61 -19.05 25.38
N CYS D 344 24.52 -20.11 24.60
CA CYS D 344 25.06 -21.40 24.98
C CYS D 344 26.58 -21.53 24.86
N VAL D 345 27.21 -21.90 25.98
CA VAL D 345 28.66 -22.13 26.01
C VAL D 345 28.75 -23.63 25.82
N PHE D 346 29.00 -24.02 24.58
CA PHE D 346 29.06 -25.41 24.17
C PHE D 346 29.75 -26.37 25.12
N GLY D 347 29.07 -27.49 25.36
CA GLY D 347 29.60 -28.51 26.25
C GLY D 347 30.01 -29.78 25.55
N ALA D 348 29.48 -30.89 26.05
CA ALA D 348 29.78 -32.23 25.53
C ALA D 348 29.17 -32.60 24.18
N GLY D 349 27.98 -33.19 24.23
CA GLY D 349 27.29 -33.63 23.02
C GLY D 349 27.00 -32.56 21.99
N ASP D 350 26.73 -31.34 22.46
CA ASP D 350 26.45 -30.21 21.60
C ASP D 350 27.23 -30.30 20.29
N LEU D 351 28.46 -30.76 20.41
CA LEU D 351 29.40 -30.88 19.31
C LEU D 351 28.94 -31.77 18.15
N SER D 352 28.25 -32.87 18.45
CA SER D 352 27.81 -33.79 17.41
C SER D 352 26.84 -33.14 16.41
N TRP D 353 25.76 -32.58 16.95
CA TRP D 353 24.71 -31.92 16.18
C TRP D 353 25.29 -30.72 15.43
N MET D 354 26.00 -29.89 16.18
CA MET D 354 26.62 -28.69 15.64
C MET D 354 27.46 -28.93 14.40
N LEU D 355 28.18 -30.04 14.36
CA LEU D 355 29.04 -30.34 13.22
C LEU D 355 28.28 -30.57 11.93
N ARG D 356 27.00 -30.89 12.05
CA ARG D 356 26.17 -31.11 10.87
C ARG D 356 25.63 -29.80 10.29
N GLN D 357 25.62 -28.75 11.11
CA GLN D 357 25.12 -27.45 10.65
C GLN D 357 26.04 -26.93 9.57
N HIS D 358 25.54 -26.02 8.74
CA HIS D 358 26.33 -25.51 7.63
C HIS D 358 27.22 -24.32 7.94
N HIS D 359 27.25 -23.92 9.21
CA HIS D 359 28.03 -22.76 9.64
C HIS D 359 29.57 -22.86 9.59
N LEU D 360 30.21 -21.70 9.46
CA LEU D 360 31.67 -21.66 9.42
C LEU D 360 32.23 -21.78 10.84
N PHE D 361 31.74 -20.93 11.75
CA PHE D 361 32.20 -20.97 13.12
C PHE D 361 31.02 -21.04 14.06
N ALA D 362 31.28 -21.36 15.31
CA ALA D 362 30.23 -21.43 16.31
C ALA D 362 30.66 -20.59 17.51
N ASN D 363 29.69 -20.22 18.34
CA ASN D 363 29.94 -19.40 19.50
C ASN D 363 28.91 -19.79 20.56
N LYS D 364 29.37 -20.00 21.79
CA LYS D 364 30.79 -19.88 22.13
C LYS D 364 31.40 -21.02 22.96
N PHE D 365 32.72 -21.09 22.91
CA PHE D 365 33.46 -22.12 23.63
C PHE D 365 34.29 -21.47 24.74
N ASP D 366 34.44 -22.20 25.83
CA ASP D 366 35.23 -21.73 26.96
C ASP D 366 35.87 -22.93 27.65
N MET D 367 37.20 -22.98 27.62
CA MET D 367 37.93 -24.08 28.23
C MET D 367 37.64 -24.20 29.72
N ASP D 368 37.20 -23.11 30.33
CA ASP D 368 36.89 -23.11 31.75
C ASP D 368 35.54 -23.75 32.03
N VAL D 369 34.86 -24.20 30.99
CA VAL D 369 33.55 -24.83 31.16
C VAL D 369 33.59 -26.27 30.69
N ASP D 370 34.14 -26.47 29.50
CA ASP D 370 34.28 -27.79 28.92
C ASP D 370 35.38 -27.67 27.88
N PRO D 371 36.63 -27.93 28.29
CA PRO D 371 37.79 -27.85 27.41
C PRO D 371 37.89 -28.94 26.33
N PHE D 372 37.19 -30.05 26.53
CA PHE D 372 37.21 -31.13 25.54
C PHE D 372 36.56 -30.66 24.25
N ALA D 373 35.40 -30.02 24.41
CA ALA D 373 34.63 -29.49 23.28
C ALA D 373 35.51 -28.74 22.30
N ILE D 374 36.61 -28.18 22.79
CA ILE D 374 37.51 -27.43 21.94
C ILE D 374 38.56 -28.35 21.33
N GLN D 375 39.14 -29.19 22.16
CA GLN D 375 40.17 -30.12 21.70
C GLN D 375 39.67 -31.12 20.68
N CYS D 376 38.56 -31.81 21.00
CA CYS D 376 38.00 -32.79 20.08
C CYS D 376 37.73 -32.13 18.75
N LEU D 377 37.09 -30.96 18.82
CA LEU D 377 36.76 -30.19 17.63
C LEU D 377 38.05 -29.79 16.93
N ASP D 378 39.01 -29.32 17.72
CA ASP D 378 40.30 -28.90 17.21
C ASP D 378 41.02 -30.04 16.49
N GLU D 379 40.91 -31.25 17.04
CA GLU D 379 41.56 -32.41 16.43
C GLU D 379 40.87 -32.91 15.17
N HIS D 380 39.54 -32.98 15.21
CA HIS D 380 38.78 -33.41 14.04
C HIS D 380 39.11 -32.46 12.90
N LEU D 381 38.98 -31.16 13.14
CA LEU D 381 39.29 -30.18 12.12
C LEU D 381 40.73 -30.33 11.65
N ARG D 382 41.56 -30.90 12.51
CA ARG D 382 42.96 -31.10 12.17
C ARG D 382 43.13 -32.29 11.23
N ARG D 383 42.68 -33.46 11.66
CA ARG D 383 42.77 -34.66 10.84
C ARG D 383 42.10 -34.46 9.49
N LYS D 384 40.80 -34.15 9.54
CA LYS D 384 40.01 -33.92 8.32
C LYS D 384 40.72 -32.99 7.36
N ALA D 385 41.54 -32.11 7.89
CA ALA D 385 42.28 -31.17 7.07
C ALA D 385 43.49 -31.84 6.44
N LEU D 386 44.20 -32.64 7.23
CA LEU D 386 45.40 -33.34 6.77
C LEU D 386 45.19 -34.22 5.54
N GLU D 387 44.12 -35.01 5.54
CA GLU D 387 43.84 -35.89 4.41
C GLU D 387 43.56 -35.09 3.14
#